data_2RS6
#
_entry.id   2RS6
#
_entity_poly.entity_id   1
_entity_poly.type   'polypeptide(L)'
_entity_poly.pdbx_seq_one_letter_code
;GSSGSSGIKNFLYAWCGKRKMTPAYEIRAVGNKNRQKFMCEVRVEGFNYAGMGNSTNKKDAQSNAARDFVNYLVRINEVK
SEEVPAVGIVPPPSGPSSG
;
_entity_poly.pdbx_strand_id   A
#
# COMPACT_ATOMS: atom_id res chain seq x y z
N GLY A 1 2.28 19.46 2.85
CA GLY A 1 1.22 20.04 3.70
C GLY A 1 0.93 19.16 4.92
N SER A 2 0.26 19.72 5.93
CA SER A 2 0.03 19.06 7.24
C SER A 2 -0.91 17.84 7.18
N SER A 3 -1.64 17.63 6.09
CA SER A 3 -2.49 16.46 5.82
C SER A 3 -1.71 15.25 5.25
N GLY A 4 -0.40 15.40 4.96
CA GLY A 4 0.44 14.35 4.39
C GLY A 4 0.23 14.19 2.89
N SER A 5 0.05 12.95 2.43
CA SER A 5 -0.15 12.59 1.01
C SER A 5 -0.89 11.25 0.87
N SER A 6 -1.43 10.97 -0.32
CA SER A 6 -2.34 9.83 -0.57
C SER A 6 -2.12 9.18 -1.95
N GLY A 7 -0.96 9.39 -2.58
CA GLY A 7 -0.71 9.07 -3.99
C GLY A 7 -0.80 7.59 -4.33
N ILE A 8 -0.30 6.71 -3.46
CA ILE A 8 -0.35 5.25 -3.69
C ILE A 8 -1.72 4.65 -3.39
N LYS A 9 -2.43 5.17 -2.39
CA LYS A 9 -3.82 4.84 -2.07
C LYS A 9 -4.74 5.21 -3.25
N ASN A 10 -4.57 6.44 -3.78
CA ASN A 10 -5.25 6.92 -4.96
C ASN A 10 -4.87 6.14 -6.24
N PHE A 11 -3.61 5.67 -6.36
CA PHE A 11 -3.16 4.92 -7.53
C PHE A 11 -3.82 3.54 -7.61
N LEU A 12 -3.90 2.81 -6.49
CA LEU A 12 -4.63 1.53 -6.44
C LEU A 12 -6.13 1.74 -6.71
N TYR A 13 -6.74 2.77 -6.12
CA TYR A 13 -8.15 3.08 -6.32
C TYR A 13 -8.48 3.47 -7.77
N ALA A 14 -7.62 4.28 -8.42
CA ALA A 14 -7.76 4.66 -9.82
C ALA A 14 -7.52 3.49 -10.78
N TRP A 15 -6.54 2.61 -10.48
CA TRP A 15 -6.28 1.39 -11.25
C TRP A 15 -7.50 0.46 -11.22
N CYS A 16 -8.08 0.25 -10.04
CA CYS A 16 -9.34 -0.49 -9.87
C CYS A 16 -10.49 0.16 -10.68
N GLY A 17 -10.64 1.48 -10.59
CA GLY A 17 -11.72 2.23 -11.26
C GLY A 17 -11.64 2.23 -12.78
N LYS A 18 -10.43 2.10 -13.35
CA LYS A 18 -10.20 1.95 -14.80
C LYS A 18 -10.51 0.52 -15.31
N ARG A 19 -10.77 -0.42 -14.38
CA ARG A 19 -11.06 -1.83 -14.60
C ARG A 19 -12.45 -2.24 -14.06
N LYS A 20 -13.28 -1.27 -13.65
CA LYS A 20 -14.64 -1.45 -13.09
C LYS A 20 -14.66 -2.19 -11.72
N MET A 21 -13.60 -2.03 -10.92
CA MET A 21 -13.39 -2.62 -9.58
C MET A 21 -13.26 -1.53 -8.50
N THR A 22 -13.21 -1.97 -7.24
CA THR A 22 -12.98 -1.14 -6.03
C THR A 22 -12.10 -1.94 -5.04
N PRO A 23 -11.03 -1.36 -4.47
CA PRO A 23 -10.19 -2.04 -3.49
C PRO A 23 -10.87 -2.08 -2.12
N ALA A 24 -10.60 -3.13 -1.35
CA ALA A 24 -11.15 -3.36 -0.02
C ALA A 24 -10.03 -3.48 1.02
N TYR A 25 -9.99 -2.52 1.96
CA TYR A 25 -8.99 -2.43 3.03
C TYR A 25 -9.51 -3.03 4.35
N GLU A 26 -8.59 -3.49 5.21
CA GLU A 26 -8.87 -4.18 6.47
C GLU A 26 -7.77 -3.83 7.49
N ILE A 27 -8.13 -3.40 8.70
CA ILE A 27 -7.20 -2.78 9.68
C ILE A 27 -7.32 -3.43 11.07
N ARG A 28 -6.18 -3.48 11.78
CA ARG A 28 -6.03 -3.96 13.17
C ARG A 28 -5.18 -2.99 14.00
N ALA A 29 -5.56 -2.75 15.25
CA ALA A 29 -4.77 -1.97 16.22
C ALA A 29 -3.87 -2.90 17.06
N VAL A 30 -2.63 -2.49 17.31
CA VAL A 30 -1.57 -3.28 17.98
C VAL A 30 -0.66 -2.38 18.83
N GLY A 31 0.13 -2.98 19.73
CA GLY A 31 1.13 -2.29 20.56
C GLY A 31 0.55 -1.64 21.82
N ASN A 32 1.36 -0.75 22.42
CA ASN A 32 1.08 -0.09 23.70
C ASN A 32 -0.15 0.86 23.62
N LYS A 33 -0.95 0.91 24.70
CA LYS A 33 -2.20 1.70 24.77
C LYS A 33 -2.00 3.21 24.58
N ASN A 34 -0.95 3.78 25.18
CA ASN A 34 -0.60 5.21 25.06
C ASN A 34 0.17 5.52 23.76
N ARG A 35 0.99 4.57 23.27
CA ARG A 35 1.81 4.67 22.06
C ARG A 35 1.36 3.60 21.04
N GLN A 36 0.15 3.80 20.51
CA GLN A 36 -0.56 2.81 19.69
C GLN A 36 0.03 2.72 18.27
N LYS A 37 -0.12 1.54 17.66
CA LYS A 37 0.29 1.23 16.29
C LYS A 37 -0.84 0.49 15.54
N PHE A 38 -0.77 0.47 14.21
CA PHE A 38 -1.81 -0.09 13.34
C PHE A 38 -1.19 -0.93 12.22
N MET A 39 -1.86 -2.03 11.89
CA MET A 39 -1.58 -2.91 10.75
C MET A 39 -2.74 -2.85 9.76
N CYS A 40 -2.44 -3.01 8.47
CA CYS A 40 -3.39 -2.92 7.38
C CYS A 40 -3.15 -4.01 6.33
N GLU A 41 -4.23 -4.50 5.76
CA GLU A 41 -4.27 -5.41 4.63
C GLU A 41 -5.19 -4.81 3.54
N VAL A 42 -4.91 -5.08 2.27
CA VAL A 42 -5.76 -4.66 1.14
C VAL A 42 -5.88 -5.74 0.07
N ARG A 43 -7.10 -5.89 -0.45
CA ARG A 43 -7.53 -6.94 -1.39
C ARG A 43 -8.38 -6.35 -2.51
N VAL A 44 -8.50 -7.07 -3.63
CA VAL A 44 -9.30 -6.70 -4.81
C VAL A 44 -9.98 -7.96 -5.35
N GLU A 45 -11.26 -7.86 -5.71
CA GLU A 45 -12.07 -8.98 -6.21
C GLU A 45 -11.47 -9.60 -7.49
N GLY A 46 -11.30 -10.93 -7.48
CA GLY A 46 -10.68 -11.69 -8.58
C GLY A 46 -9.17 -11.93 -8.42
N PHE A 47 -8.57 -11.46 -7.32
CA PHE A 47 -7.15 -11.65 -6.99
C PHE A 47 -7.00 -12.29 -5.61
N ASN A 48 -6.22 -13.38 -5.52
CA ASN A 48 -6.09 -14.20 -4.30
C ASN A 48 -5.08 -13.63 -3.28
N TYR A 49 -4.24 -12.67 -3.67
CA TYR A 49 -3.25 -12.02 -2.80
C TYR A 49 -3.85 -10.91 -1.92
N ALA A 50 -3.17 -10.60 -0.81
CA ALA A 50 -3.45 -9.45 0.05
C ALA A 50 -2.14 -8.70 0.34
N GLY A 51 -2.08 -7.41 -0.04
CA GLY A 51 -0.95 -6.53 0.26
C GLY A 51 -1.01 -6.08 1.71
N MET A 52 0.15 -6.02 2.38
CA MET A 52 0.26 -5.83 3.83
C MET A 52 1.14 -4.61 4.19
N GLY A 53 0.74 -3.88 5.24
CA GLY A 53 1.45 -2.72 5.77
C GLY A 53 1.22 -2.50 7.26
N ASN A 54 2.04 -1.63 7.87
CA ASN A 54 1.90 -1.19 9.26
C ASN A 54 2.60 0.15 9.51
N SER A 55 2.21 0.86 10.59
CA SER A 55 2.82 2.12 11.07
C SER A 55 2.25 2.53 12.44
N THR A 56 2.57 3.75 12.92
CA THR A 56 1.99 4.41 14.10
C THR A 56 0.56 4.91 13.88
N ASN A 57 0.08 4.86 12.64
CA ASN A 57 -1.18 5.46 12.19
C ASN A 57 -1.78 4.70 11.00
N LYS A 58 -3.11 4.74 10.87
CA LYS A 58 -3.86 4.00 9.84
C LYS A 58 -3.54 4.43 8.39
N LYS A 59 -3.21 5.71 8.19
CA LYS A 59 -2.94 6.27 6.85
C LYS A 59 -1.63 5.74 6.23
N ASP A 60 -0.55 5.73 7.01
CA ASP A 60 0.73 5.15 6.61
C ASP A 60 0.66 3.62 6.52
N ALA A 61 -0.18 2.99 7.34
CA ALA A 61 -0.41 1.54 7.28
C ALA A 61 -1.14 1.15 5.97
N GLN A 62 -2.18 1.89 5.59
CA GLN A 62 -2.86 1.75 4.31
C GLN A 62 -1.93 2.03 3.12
N SER A 63 -1.07 3.05 3.20
CA SER A 63 -0.13 3.37 2.12
C SER A 63 0.89 2.26 1.88
N ASN A 64 1.38 1.63 2.96
CA ASN A 64 2.26 0.46 2.86
C ASN A 64 1.50 -0.78 2.31
N ALA A 65 0.26 -1.02 2.74
CA ALA A 65 -0.57 -2.11 2.23
C ALA A 65 -0.89 -1.95 0.74
N ALA A 66 -1.26 -0.74 0.31
CA ALA A 66 -1.49 -0.38 -1.08
C ALA A 66 -0.23 -0.60 -1.93
N ARG A 67 0.93 -0.08 -1.48
CA ARG A 67 2.19 -0.28 -2.18
C ARG A 67 2.52 -1.76 -2.36
N ASP A 68 2.27 -2.61 -1.36
CA ASP A 68 2.56 -4.04 -1.44
C ASP A 68 1.57 -4.81 -2.34
N PHE A 69 0.30 -4.37 -2.45
CA PHE A 69 -0.64 -4.94 -3.43
C PHE A 69 -0.34 -4.44 -4.86
N VAL A 70 0.03 -3.17 -5.03
CA VAL A 70 0.46 -2.65 -6.34
C VAL A 70 1.76 -3.33 -6.79
N ASN A 71 2.68 -3.57 -5.84
CA ASN A 71 3.86 -4.40 -6.09
C ASN A 71 3.46 -5.80 -6.57
N TYR A 72 2.51 -6.48 -5.92
CA TYR A 72 1.93 -7.74 -6.43
C TYR A 72 1.38 -7.64 -7.87
N LEU A 73 0.72 -6.54 -8.23
CA LEU A 73 0.28 -6.29 -9.62
C LEU A 73 1.45 -6.15 -10.61
N VAL A 74 2.66 -5.81 -10.16
CA VAL A 74 3.90 -5.88 -10.96
C VAL A 74 4.47 -7.32 -10.98
N ARG A 75 4.38 -8.05 -9.85
CA ARG A 75 4.79 -9.48 -9.76
C ARG A 75 3.99 -10.38 -10.71
N ILE A 76 2.73 -10.03 -11.01
CA ILE A 76 1.86 -10.73 -12.00
C ILE A 76 1.75 -9.99 -13.35
N ASN A 77 2.47 -8.88 -13.53
CA ASN A 77 2.61 -8.12 -14.78
C ASN A 77 1.30 -7.42 -15.26
N GLU A 78 0.36 -7.17 -14.36
CA GLU A 78 -0.86 -6.39 -14.60
C GLU A 78 -0.65 -4.87 -14.45
N VAL A 79 0.48 -4.43 -13.88
CA VAL A 79 0.93 -3.03 -13.76
C VAL A 79 2.43 -2.96 -14.03
N LYS A 80 2.90 -1.89 -14.70
CA LYS A 80 4.33 -1.58 -14.82
C LYS A 80 4.82 -0.75 -13.63
N SER A 81 5.95 -1.13 -13.03
CA SER A 81 6.56 -0.38 -11.91
C SER A 81 6.85 1.09 -12.24
N GLU A 82 7.17 1.41 -13.50
CA GLU A 82 7.42 2.77 -14.00
C GLU A 82 6.25 3.75 -13.76
N GLU A 83 5.02 3.24 -13.59
CA GLU A 83 3.81 4.04 -13.32
C GLU A 83 3.53 4.24 -11.81
N VAL A 84 4.16 3.45 -10.94
CA VAL A 84 3.81 3.35 -9.51
C VAL A 84 4.49 4.48 -8.70
N PRO A 85 3.74 5.26 -7.90
CA PRO A 85 4.29 6.35 -7.09
C PRO A 85 5.03 5.84 -5.84
N ALA A 86 5.90 6.68 -5.29
CA ALA A 86 6.62 6.42 -4.05
C ALA A 86 5.68 6.45 -2.81
N VAL A 87 5.87 5.52 -1.89
CA VAL A 87 5.03 5.31 -0.70
C VAL A 87 5.07 6.46 0.33
N GLY A 88 6.12 7.30 0.30
CA GLY A 88 6.27 8.48 1.17
C GLY A 88 6.76 8.20 2.59
N ILE A 89 7.20 6.96 2.86
CA ILE A 89 7.59 6.43 4.18
C ILE A 89 9.02 5.86 4.10
N VAL A 90 9.84 6.07 5.13
CA VAL A 90 11.23 5.59 5.25
C VAL A 90 11.49 5.03 6.66
N PRO A 91 12.34 3.99 6.80
CA PRO A 91 12.63 3.35 8.09
C PRO A 91 13.57 4.21 8.95
N PRO A 92 13.57 4.02 10.29
CA PRO A 92 14.52 4.67 11.20
C PRO A 92 15.94 4.08 11.05
N PRO A 93 16.99 4.82 11.46
CA PRO A 93 18.37 4.35 11.41
C PRO A 93 18.64 3.23 12.42
N SER A 94 19.54 2.32 12.08
CA SER A 94 19.85 1.11 12.87
C SER A 94 20.70 1.37 14.14
N GLY A 95 21.18 2.60 14.33
CA GLY A 95 22.00 3.01 15.48
C GLY A 95 21.18 3.41 16.73
N PRO A 96 21.86 3.75 17.85
CA PRO A 96 21.22 4.22 19.08
C PRO A 96 20.37 5.48 18.87
N SER A 97 19.32 5.62 19.68
CA SER A 97 18.35 6.74 19.59
C SER A 97 17.84 7.21 20.97
N SER A 98 18.54 6.83 22.05
CA SER A 98 18.13 7.08 23.45
C SER A 98 18.51 8.48 23.99
N GLY A 99 19.27 9.27 23.21
CA GLY A 99 19.73 10.63 23.57
C GLY A 99 20.63 11.24 22.49
N GLY A 1 -8.55 18.57 10.00
CA GLY A 1 -9.27 18.16 8.78
C GLY A 1 -10.19 16.99 9.05
N SER A 2 -11.34 16.92 8.36
CA SER A 2 -12.40 15.92 8.59
C SER A 2 -12.17 14.57 7.89
N SER A 3 -11.15 14.46 7.03
CA SER A 3 -10.80 13.26 6.26
C SER A 3 -9.34 13.35 5.74
N GLY A 4 -8.81 12.24 5.18
CA GLY A 4 -7.45 12.15 4.63
C GLY A 4 -7.27 11.00 3.64
N SER A 5 -6.11 10.97 2.99
CA SER A 5 -5.73 9.99 1.96
C SER A 5 -4.21 9.98 1.73
N SER A 6 -3.73 9.34 0.66
CA SER A 6 -2.30 9.15 0.34
C SER A 6 -2.13 8.78 -1.14
N GLY A 7 -0.98 9.10 -1.74
CA GLY A 7 -0.75 8.99 -3.18
C GLY A 7 -0.72 7.56 -3.69
N ILE A 8 -0.15 6.61 -2.94
CA ILE A 8 -0.13 5.18 -3.31
C ILE A 8 -1.48 4.49 -3.04
N LYS A 9 -2.19 4.92 -2.00
CA LYS A 9 -3.55 4.47 -1.68
C LYS A 9 -4.54 4.92 -2.78
N ASN A 10 -4.43 6.18 -3.21
CA ASN A 10 -5.17 6.73 -4.35
C ASN A 10 -4.75 6.09 -5.69
N PHE A 11 -3.49 5.67 -5.85
CA PHE A 11 -3.03 4.99 -7.06
C PHE A 11 -3.67 3.60 -7.21
N LEU A 12 -3.75 2.81 -6.12
CA LEU A 12 -4.50 1.55 -6.13
C LEU A 12 -5.98 1.78 -6.40
N TYR A 13 -6.59 2.78 -5.75
CA TYR A 13 -8.01 3.12 -5.95
C TYR A 13 -8.33 3.53 -7.40
N ALA A 14 -7.46 4.33 -8.04
CA ALA A 14 -7.56 4.75 -9.44
C ALA A 14 -7.32 3.59 -10.42
N TRP A 15 -6.36 2.70 -10.11
CA TRP A 15 -6.10 1.50 -10.89
C TRP A 15 -7.29 0.53 -10.88
N CYS A 16 -7.92 0.36 -9.72
CA CYS A 16 -9.18 -0.36 -9.59
C CYS A 16 -10.30 0.32 -10.37
N GLY A 17 -10.45 1.64 -10.24
CA GLY A 17 -11.59 2.40 -10.78
C GLY A 17 -11.61 2.49 -12.30
N LYS A 18 -10.44 2.43 -12.95
CA LYS A 18 -10.34 2.42 -14.42
C LYS A 18 -10.63 1.03 -15.03
N ARG A 19 -10.56 0.00 -14.18
CA ARG A 19 -10.95 -1.39 -14.42
C ARG A 19 -12.35 -1.74 -13.87
N LYS A 20 -13.12 -0.74 -13.40
CA LYS A 20 -14.49 -0.86 -12.86
C LYS A 20 -14.57 -1.67 -11.53
N MET A 21 -13.49 -1.66 -10.74
CA MET A 21 -13.33 -2.31 -9.43
C MET A 21 -13.17 -1.29 -8.30
N THR A 22 -13.17 -1.77 -7.05
CA THR A 22 -12.92 -0.99 -5.81
C THR A 22 -12.07 -1.84 -4.85
N PRO A 23 -10.98 -1.31 -4.27
CA PRO A 23 -10.16 -2.04 -3.29
C PRO A 23 -10.86 -2.06 -1.93
N ALA A 24 -10.72 -3.18 -1.20
CA ALA A 24 -11.32 -3.41 0.11
C ALA A 24 -10.24 -3.59 1.18
N TYR A 25 -10.22 -2.67 2.16
CA TYR A 25 -9.23 -2.62 3.24
C TYR A 25 -9.75 -3.22 4.56
N GLU A 26 -8.84 -3.62 5.44
CA GLU A 26 -9.11 -4.08 6.82
C GLU A 26 -7.93 -3.67 7.72
N ILE A 27 -8.20 -3.32 8.99
CA ILE A 27 -7.24 -2.70 9.92
C ILE A 27 -7.31 -3.37 11.31
N ARG A 28 -6.16 -3.43 12.00
CA ARG A 28 -5.99 -3.93 13.37
C ARG A 28 -5.03 -3.00 14.15
N ALA A 29 -5.33 -2.73 15.42
CA ALA A 29 -4.44 -2.00 16.33
C ALA A 29 -3.54 -2.96 17.14
N VAL A 30 -2.28 -2.59 17.34
CA VAL A 30 -1.22 -3.39 17.99
C VAL A 30 -0.25 -2.50 18.78
N GLY A 31 0.51 -3.08 19.71
CA GLY A 31 1.54 -2.38 20.49
C GLY A 31 1.01 -1.58 21.68
N ASN A 32 1.83 -0.63 22.15
CA ASN A 32 1.57 0.20 23.33
C ASN A 32 0.29 1.05 23.22
N LYS A 33 -0.49 1.15 24.31
CA LYS A 33 -1.79 1.85 24.33
C LYS A 33 -1.69 3.36 24.05
N ASN A 34 -0.69 4.04 24.62
CA ASN A 34 -0.47 5.49 24.46
C ASN A 34 0.21 5.85 23.12
N ARG A 35 1.09 4.99 22.62
CA ARG A 35 1.76 5.09 21.31
C ARG A 35 1.36 3.88 20.44
N GLN A 36 0.12 3.92 19.93
CA GLN A 36 -0.52 2.79 19.25
C GLN A 36 0.00 2.63 17.81
N LYS A 37 0.27 1.41 17.40
CA LYS A 37 0.56 1.06 16.00
C LYS A 37 -0.65 0.36 15.35
N PHE A 38 -0.70 0.40 14.02
CA PHE A 38 -1.79 -0.12 13.22
C PHE A 38 -1.24 -0.97 12.08
N MET A 39 -1.81 -2.15 11.90
CA MET A 39 -1.60 -3.07 10.77
C MET A 39 -2.79 -2.96 9.81
N CYS A 40 -2.56 -3.22 8.53
CA CYS A 40 -3.57 -3.14 7.49
C CYS A 40 -3.38 -4.21 6.42
N GLU A 41 -4.50 -4.68 5.86
CA GLU A 41 -4.60 -5.63 4.76
C GLU A 41 -5.48 -5.01 3.67
N VAL A 42 -5.20 -5.29 2.40
CA VAL A 42 -6.02 -4.86 1.26
C VAL A 42 -6.15 -5.96 0.19
N ARG A 43 -7.35 -6.09 -0.36
CA ARG A 43 -7.76 -7.10 -1.35
C ARG A 43 -8.61 -6.46 -2.47
N VAL A 44 -8.70 -7.14 -3.61
CA VAL A 44 -9.45 -6.73 -4.82
C VAL A 44 -10.13 -7.97 -5.41
N GLU A 45 -11.41 -7.85 -5.77
CA GLU A 45 -12.22 -8.95 -6.31
C GLU A 45 -11.62 -9.52 -7.60
N GLY A 46 -11.47 -10.84 -7.66
CA GLY A 46 -10.89 -11.57 -8.81
C GLY A 46 -9.37 -11.83 -8.68
N PHE A 47 -8.74 -11.44 -7.58
CA PHE A 47 -7.31 -11.66 -7.29
C PHE A 47 -7.15 -12.44 -5.98
N ASN A 48 -6.28 -13.46 -6.00
CA ASN A 48 -6.07 -14.40 -4.88
C ASN A 48 -5.15 -13.86 -3.76
N TYR A 49 -4.44 -12.75 -4.02
CA TYR A 49 -3.47 -12.15 -3.10
C TYR A 49 -4.10 -11.09 -2.17
N ALA A 50 -3.42 -10.80 -1.05
CA ALA A 50 -3.71 -9.70 -0.15
C ALA A 50 -2.42 -8.94 0.20
N GLY A 51 -2.38 -7.64 -0.11
CA GLY A 51 -1.27 -6.76 0.24
C GLY A 51 -1.38 -6.33 1.69
N MET A 52 -0.24 -6.25 2.40
CA MET A 52 -0.20 -6.05 3.85
C MET A 52 0.89 -5.06 4.28
N GLY A 53 0.59 -4.24 5.29
CA GLY A 53 1.50 -3.22 5.84
C GLY A 53 1.19 -2.86 7.29
N ASN A 54 2.04 -2.02 7.88
CA ASN A 54 1.83 -1.45 9.22
C ASN A 54 2.51 -0.08 9.38
N SER A 55 2.11 0.71 10.38
CA SER A 55 2.70 2.01 10.74
C SER A 55 2.22 2.50 12.12
N THR A 56 2.53 3.75 12.48
CA THR A 56 2.12 4.46 13.71
C THR A 56 0.71 5.05 13.62
N ASN A 57 0.08 5.00 12.44
CA ASN A 57 -1.24 5.53 12.15
C ASN A 57 -1.93 4.76 11.01
N LYS A 58 -3.26 4.85 10.93
CA LYS A 58 -4.08 4.08 9.99
C LYS A 58 -3.87 4.46 8.50
N LYS A 59 -3.51 5.71 8.20
CA LYS A 59 -3.31 6.17 6.81
C LYS A 59 -2.00 5.63 6.20
N ASP A 60 -0.89 5.69 6.94
CA ASP A 60 0.39 5.10 6.51
C ASP A 60 0.35 3.56 6.51
N ALA A 61 -0.45 2.94 7.38
CA ALA A 61 -0.67 1.49 7.36
C ALA A 61 -1.43 1.04 6.09
N GLN A 62 -2.51 1.76 5.72
CA GLN A 62 -3.21 1.55 4.45
C GLN A 62 -2.31 1.84 3.24
N SER A 63 -1.45 2.85 3.32
CA SER A 63 -0.49 3.16 2.25
C SER A 63 0.52 2.02 2.03
N ASN A 64 0.97 1.38 3.11
CA ASN A 64 1.91 0.26 3.06
C ASN A 64 1.22 -1.03 2.59
N ALA A 65 -0.05 -1.26 2.98
CA ALA A 65 -0.88 -2.35 2.44
C ALA A 65 -1.14 -2.18 0.94
N ALA A 66 -1.51 -0.96 0.51
CA ALA A 66 -1.70 -0.60 -0.90
C ALA A 66 -0.42 -0.80 -1.70
N ARG A 67 0.72 -0.30 -1.21
CA ARG A 67 2.02 -0.48 -1.86
C ARG A 67 2.37 -1.95 -2.08
N ASP A 68 2.04 -2.84 -1.14
CA ASP A 68 2.31 -4.27 -1.27
C ASP A 68 1.35 -5.01 -2.22
N PHE A 69 0.11 -4.52 -2.38
CA PHE A 69 -0.79 -5.03 -3.43
C PHE A 69 -0.43 -4.48 -4.81
N VAL A 70 -0.02 -3.20 -4.90
CA VAL A 70 0.54 -2.62 -6.14
C VAL A 70 1.82 -3.34 -6.55
N ASN A 71 2.68 -3.67 -5.59
CA ASN A 71 3.83 -4.54 -5.81
C ASN A 71 3.38 -5.90 -6.39
N TYR A 72 2.39 -6.58 -5.80
CA TYR A 72 1.80 -7.80 -6.39
C TYR A 72 1.33 -7.62 -7.84
N LEU A 73 0.69 -6.49 -8.19
CA LEU A 73 0.31 -6.18 -9.56
C LEU A 73 1.52 -5.99 -10.51
N VAL A 74 2.72 -5.68 -10.00
CA VAL A 74 3.98 -5.73 -10.76
C VAL A 74 4.56 -7.16 -10.80
N ARG A 75 4.43 -7.94 -9.72
CA ARG A 75 4.82 -9.36 -9.65
C ARG A 75 4.05 -10.22 -10.67
N ILE A 76 2.81 -9.84 -11.01
CA ILE A 76 1.98 -10.47 -12.06
C ILE A 76 1.90 -9.67 -13.37
N ASN A 77 2.63 -8.54 -13.46
CA ASN A 77 2.82 -7.72 -14.68
C ASN A 77 1.53 -6.99 -15.16
N GLU A 78 0.53 -6.84 -14.30
CA GLU A 78 -0.68 -6.04 -14.54
C GLU A 78 -0.46 -4.52 -14.28
N VAL A 79 0.65 -4.15 -13.65
CA VAL A 79 1.14 -2.76 -13.50
C VAL A 79 2.63 -2.72 -13.82
N LYS A 80 3.08 -1.63 -14.46
CA LYS A 80 4.50 -1.34 -14.70
C LYS A 80 5.04 -0.43 -13.58
N SER A 81 6.16 -0.79 -12.95
CA SER A 81 6.67 -0.07 -11.76
C SER A 81 6.97 1.42 -12.00
N GLU A 82 7.30 1.80 -13.24
CA GLU A 82 7.57 3.20 -13.62
C GLU A 82 6.34 4.13 -13.42
N GLU A 83 5.13 3.57 -13.32
CA GLU A 83 3.90 4.32 -13.06
C GLU A 83 3.63 4.54 -11.56
N VAL A 84 4.28 3.76 -10.68
CA VAL A 84 3.96 3.68 -9.25
C VAL A 84 4.58 4.89 -8.50
N PRO A 85 3.79 5.65 -7.71
CA PRO A 85 4.27 6.82 -6.99
C PRO A 85 5.19 6.42 -5.83
N ALA A 86 6.32 7.13 -5.72
CA ALA A 86 7.37 6.92 -4.71
C ALA A 86 8.28 8.17 -4.60
N VAL A 87 9.12 8.23 -3.56
CA VAL A 87 10.10 9.31 -3.35
C VAL A 87 11.19 9.38 -4.45
N GLY A 88 11.39 8.27 -5.18
CA GLY A 88 12.23 8.18 -6.38
C GLY A 88 11.78 7.03 -7.29
N ILE A 89 11.99 7.18 -8.60
CA ILE A 89 11.60 6.20 -9.64
C ILE A 89 12.84 5.83 -10.47
N VAL A 90 13.00 4.54 -10.79
CA VAL A 90 14.20 3.93 -11.41
C VAL A 90 13.73 2.91 -12.47
N PRO A 91 14.41 2.77 -13.63
CA PRO A 91 14.07 1.79 -14.68
C PRO A 91 13.91 0.35 -14.14
N PRO A 92 13.01 -0.45 -14.74
CA PRO A 92 12.61 -1.75 -14.21
C PRO A 92 13.69 -2.84 -14.39
N PRO A 93 13.70 -3.88 -13.54
CA PRO A 93 14.58 -5.04 -13.67
C PRO A 93 14.10 -5.99 -14.78
N SER A 94 14.93 -6.98 -15.13
CA SER A 94 14.59 -8.03 -16.11
C SER A 94 13.54 -9.04 -15.61
N GLY A 95 13.22 -9.03 -14.31
CA GLY A 95 12.14 -9.78 -13.68
C GLY A 95 11.77 -9.21 -12.30
N PRO A 96 10.48 -9.18 -11.91
CA PRO A 96 10.03 -8.57 -10.66
C PRO A 96 10.38 -9.45 -9.45
N SER A 97 10.87 -8.83 -8.38
CA SER A 97 11.35 -9.53 -7.17
C SER A 97 11.23 -8.68 -5.87
N SER A 98 10.45 -7.59 -5.91
CA SER A 98 10.14 -6.66 -4.79
C SER A 98 11.32 -5.82 -4.26
N GLY A 99 12.55 -6.08 -4.72
CA GLY A 99 13.78 -5.36 -4.35
C GLY A 99 15.04 -5.99 -4.92
N GLY A 1 -8.45 18.67 11.65
CA GLY A 1 -8.08 17.74 10.58
C GLY A 1 -6.68 18.01 10.03
N SER A 2 -6.38 17.48 8.84
CA SER A 2 -5.06 17.60 8.19
C SER A 2 -5.15 17.30 6.69
N SER A 3 -5.22 16.01 6.32
CA SER A 3 -5.34 15.50 4.94
C SER A 3 -5.71 14.01 4.95
N GLY A 4 -6.50 13.56 3.96
CA GLY A 4 -6.82 12.15 3.70
C GLY A 4 -6.04 11.56 2.52
N SER A 5 -5.14 12.32 1.89
CA SER A 5 -4.50 11.96 0.62
C SER A 5 -3.18 11.17 0.80
N SER A 6 -2.91 10.24 -0.12
CA SER A 6 -1.67 9.48 -0.23
C SER A 6 -1.54 8.92 -1.66
N GLY A 7 -0.37 9.09 -2.30
CA GLY A 7 -0.20 8.82 -3.73
C GLY A 7 -0.30 7.36 -4.10
N ILE A 8 0.25 6.45 -3.30
CA ILE A 8 0.19 4.99 -3.56
C ILE A 8 -1.17 4.38 -3.22
N LYS A 9 -1.83 4.90 -2.18
CA LYS A 9 -3.19 4.51 -1.79
C LYS A 9 -4.22 4.95 -2.86
N ASN A 10 -4.04 6.17 -3.39
CA ASN A 10 -4.80 6.68 -4.53
C ASN A 10 -4.47 5.94 -5.84
N PHE A 11 -3.23 5.48 -6.04
CA PHE A 11 -2.81 4.79 -7.25
C PHE A 11 -3.48 3.42 -7.39
N LEU A 12 -3.59 2.65 -6.30
CA LEU A 12 -4.34 1.38 -6.30
C LEU A 12 -5.83 1.62 -6.62
N TYR A 13 -6.43 2.63 -6.01
CA TYR A 13 -7.83 3.00 -6.25
C TYR A 13 -8.10 3.45 -7.69
N ALA A 14 -7.20 4.26 -8.27
CA ALA A 14 -7.27 4.73 -9.65
C ALA A 14 -7.03 3.60 -10.66
N TRP A 15 -6.08 2.70 -10.40
CA TRP A 15 -5.82 1.51 -11.22
C TRP A 15 -7.06 0.60 -11.28
N CYS A 16 -7.69 0.36 -10.12
CA CYS A 16 -8.97 -0.36 -10.03
C CYS A 16 -10.07 0.34 -10.86
N GLY A 17 -10.19 1.66 -10.74
CA GLY A 17 -11.21 2.47 -11.44
C GLY A 17 -11.05 2.52 -12.95
N LYS A 18 -9.82 2.35 -13.47
CA LYS A 18 -9.55 2.22 -14.91
C LYS A 18 -9.86 0.82 -15.47
N ARG A 19 -10.18 -0.13 -14.57
CA ARG A 19 -10.48 -1.54 -14.85
C ARG A 19 -11.91 -1.94 -14.38
N LYS A 20 -12.74 -0.98 -13.98
CA LYS A 20 -14.13 -1.16 -13.49
C LYS A 20 -14.20 -1.96 -12.15
N MET A 21 -13.17 -1.85 -11.32
CA MET A 21 -13.04 -2.50 -9.99
C MET A 21 -12.94 -1.46 -8.86
N THR A 22 -12.95 -1.94 -7.61
CA THR A 22 -12.74 -1.13 -6.38
C THR A 22 -11.94 -1.98 -5.38
N PRO A 23 -10.88 -1.44 -4.74
CA PRO A 23 -10.11 -2.16 -3.73
C PRO A 23 -10.87 -2.22 -2.39
N ALA A 24 -10.59 -3.25 -1.60
CA ALA A 24 -11.21 -3.49 -0.29
C ALA A 24 -10.14 -3.65 0.81
N TYR A 25 -10.13 -2.72 1.76
CA TYR A 25 -9.17 -2.65 2.88
C TYR A 25 -9.76 -3.21 4.20
N GLU A 26 -8.89 -3.62 5.11
CA GLU A 26 -9.23 -4.06 6.48
C GLU A 26 -8.11 -3.62 7.44
N ILE A 27 -8.43 -3.33 8.70
CA ILE A 27 -7.53 -2.67 9.68
C ILE A 27 -7.62 -3.34 11.07
N ARG A 28 -6.49 -3.36 11.79
CA ARG A 28 -6.35 -3.84 13.18
C ARG A 28 -5.51 -2.84 13.99
N ALA A 29 -5.88 -2.61 15.26
CA ALA A 29 -5.10 -1.82 16.22
C ALA A 29 -4.18 -2.72 17.07
N VAL A 30 -2.95 -2.28 17.31
CA VAL A 30 -1.87 -3.04 17.99
C VAL A 30 -0.95 -2.09 18.80
N GLY A 31 0.02 -2.64 19.53
CA GLY A 31 1.04 -1.88 20.25
C GLY A 31 0.63 -1.49 21.67
N ASN A 32 1.28 -0.45 22.20
CA ASN A 32 1.13 0.01 23.58
C ASN A 32 -0.08 0.96 23.77
N LYS A 33 -0.69 0.97 24.97
CA LYS A 33 -1.85 1.82 25.28
C LYS A 33 -1.58 3.34 25.19
N ASN A 34 -0.36 3.77 25.55
CA ASN A 34 0.09 5.16 25.47
C ASN A 34 0.73 5.53 24.10
N ARG A 35 1.23 4.52 23.35
CA ARG A 35 1.80 4.66 22.01
C ARG A 35 1.24 3.57 21.08
N GLN A 36 0.06 3.83 20.53
CA GLN A 36 -0.72 2.87 19.73
C GLN A 36 -0.23 2.85 18.26
N LYS A 37 -0.42 1.71 17.61
CA LYS A 37 -0.06 1.42 16.22
C LYS A 37 -1.19 0.67 15.49
N PHE A 38 -1.14 0.62 14.16
CA PHE A 38 -2.16 0.04 13.30
C PHE A 38 -1.53 -0.84 12.21
N MET A 39 -2.19 -1.95 11.92
CA MET A 39 -1.91 -2.86 10.80
C MET A 39 -3.06 -2.81 9.80
N CYS A 40 -2.79 -3.10 8.54
CA CYS A 40 -3.76 -3.04 7.45
C CYS A 40 -3.49 -4.11 6.39
N GLU A 41 -4.56 -4.62 5.80
CA GLU A 41 -4.56 -5.55 4.68
C GLU A 41 -5.46 -5.01 3.55
N VAL A 42 -5.15 -5.31 2.29
CA VAL A 42 -5.94 -4.92 1.11
C VAL A 42 -6.02 -6.03 0.07
N ARG A 43 -7.18 -6.13 -0.58
CA ARG A 43 -7.51 -7.10 -1.64
C ARG A 43 -8.28 -6.41 -2.77
N VAL A 44 -8.39 -7.08 -3.92
CA VAL A 44 -9.19 -6.66 -5.10
C VAL A 44 -9.89 -7.91 -5.66
N GLU A 45 -11.16 -7.76 -6.05
CA GLU A 45 -11.99 -8.86 -6.58
C GLU A 45 -11.36 -9.50 -7.83
N GLY A 46 -11.21 -10.83 -7.82
CA GLY A 46 -10.59 -11.62 -8.89
C GLY A 46 -9.09 -11.91 -8.68
N PHE A 47 -8.50 -11.46 -7.56
CA PHE A 47 -7.10 -11.70 -7.19
C PHE A 47 -7.03 -12.39 -5.82
N ASN A 48 -6.26 -13.48 -5.74
CA ASN A 48 -6.15 -14.33 -4.52
C ASN A 48 -5.19 -13.75 -3.46
N TYR A 49 -4.28 -12.85 -3.84
CA TYR A 49 -3.31 -12.21 -2.95
C TYR A 49 -3.94 -11.19 -1.99
N ALA A 50 -3.25 -10.92 -0.88
CA ALA A 50 -3.57 -9.83 0.04
C ALA A 50 -2.29 -9.07 0.41
N GLY A 51 -2.23 -7.78 0.04
CA GLY A 51 -1.11 -6.88 0.37
C GLY A 51 -1.29 -6.34 1.78
N MET A 52 -0.20 -6.16 2.52
CA MET A 52 -0.23 -5.86 3.96
C MET A 52 0.79 -4.79 4.37
N GLY A 53 0.40 -3.96 5.33
CA GLY A 53 1.19 -2.84 5.88
C GLY A 53 0.94 -2.60 7.36
N ASN A 54 1.78 -1.76 7.97
CA ASN A 54 1.62 -1.31 9.36
C ASN A 54 2.37 0.02 9.63
N SER A 55 1.88 0.80 10.60
CA SER A 55 2.42 2.13 10.95
C SER A 55 1.83 2.66 12.27
N THR A 56 2.17 3.91 12.64
CA THR A 56 1.60 4.64 13.79
C THR A 56 0.22 5.23 13.51
N ASN A 57 -0.24 5.20 12.25
CA ASN A 57 -1.51 5.77 11.79
C ASN A 57 -2.17 4.89 10.72
N LYS A 58 -3.51 4.84 10.73
CA LYS A 58 -4.34 4.03 9.81
C LYS A 58 -4.15 4.42 8.32
N LYS A 59 -3.85 5.69 8.04
CA LYS A 59 -3.63 6.22 6.68
C LYS A 59 -2.33 5.67 6.06
N ASP A 60 -1.24 5.68 6.83
CA ASP A 60 0.06 5.18 6.39
C ASP A 60 0.12 3.64 6.42
N ALA A 61 -0.65 3.00 7.29
CA ALA A 61 -0.83 1.54 7.28
C ALA A 61 -1.54 1.07 5.99
N GLN A 62 -2.62 1.75 5.57
CA GLN A 62 -3.28 1.53 4.28
C GLN A 62 -2.35 1.81 3.10
N SER A 63 -1.52 2.86 3.19
CA SER A 63 -0.55 3.18 2.12
C SER A 63 0.51 2.10 1.95
N ASN A 64 0.96 1.47 3.04
CA ASN A 64 1.88 0.33 2.99
C ASN A 64 1.19 -0.95 2.48
N ALA A 65 -0.09 -1.18 2.84
CA ALA A 65 -0.89 -2.28 2.28
C ALA A 65 -1.10 -2.13 0.77
N ALA A 66 -1.41 -0.92 0.31
CA ALA A 66 -1.54 -0.58 -1.11
C ALA A 66 -0.22 -0.78 -1.86
N ARG A 67 0.89 -0.25 -1.34
CA ARG A 67 2.24 -0.45 -1.87
C ARG A 67 2.56 -1.94 -2.07
N ASP A 68 2.23 -2.78 -1.11
CA ASP A 68 2.50 -4.23 -1.15
C ASP A 68 1.61 -4.98 -2.16
N PHE A 69 0.34 -4.57 -2.32
CA PHE A 69 -0.56 -5.12 -3.33
C PHE A 69 -0.23 -4.63 -4.75
N VAL A 70 0.16 -3.37 -4.91
CA VAL A 70 0.67 -2.84 -6.19
C VAL A 70 1.95 -3.57 -6.60
N ASN A 71 2.84 -3.83 -5.66
CA ASN A 71 4.01 -4.68 -5.89
C ASN A 71 3.64 -6.12 -6.28
N TYR A 72 2.52 -6.69 -5.81
CA TYR A 72 1.99 -7.95 -6.34
C TYR A 72 1.49 -7.81 -7.79
N LEU A 73 0.75 -6.74 -8.11
CA LEU A 73 0.30 -6.45 -9.48
C LEU A 73 1.46 -6.25 -10.46
N VAL A 74 2.59 -5.69 -10.01
CA VAL A 74 3.85 -5.62 -10.79
C VAL A 74 4.46 -7.02 -10.96
N ARG A 75 4.50 -7.82 -9.89
CA ARG A 75 5.02 -9.21 -9.92
C ARG A 75 4.22 -10.16 -10.83
N ILE A 76 2.95 -9.84 -11.13
CA ILE A 76 2.12 -10.55 -12.12
C ILE A 76 1.93 -9.80 -13.46
N ASN A 77 2.63 -8.66 -13.64
CA ASN A 77 2.67 -7.85 -14.87
C ASN A 77 1.33 -7.15 -15.23
N GLU A 78 0.44 -6.97 -14.25
CA GLU A 78 -0.82 -6.22 -14.39
C GLU A 78 -0.68 -4.72 -14.05
N VAL A 79 0.50 -4.29 -13.58
CA VAL A 79 0.93 -2.90 -13.41
C VAL A 79 2.37 -2.79 -13.93
N LYS A 80 2.70 -1.73 -14.68
CA LYS A 80 4.08 -1.40 -15.04
C LYS A 80 4.74 -0.61 -13.90
N SER A 81 5.89 -1.05 -13.42
CA SER A 81 6.60 -0.41 -12.29
C SER A 81 6.89 1.08 -12.52
N GLU A 82 7.13 1.49 -13.78
CA GLU A 82 7.40 2.87 -14.18
C GLU A 82 6.25 3.84 -13.86
N GLU A 83 5.04 3.34 -13.64
CA GLU A 83 3.85 4.14 -13.27
C GLU A 83 3.67 4.28 -11.75
N VAL A 84 4.34 3.45 -10.95
CA VAL A 84 4.09 3.31 -9.50
C VAL A 84 4.73 4.47 -8.71
N PRO A 85 3.97 5.24 -7.90
CA PRO A 85 4.50 6.35 -7.11
C PRO A 85 5.15 5.85 -5.81
N ALA A 86 6.11 6.64 -5.30
CA ALA A 86 6.82 6.43 -4.04
C ALA A 86 6.65 7.62 -3.07
N VAL A 87 7.04 7.44 -1.81
CA VAL A 87 6.91 8.43 -0.71
C VAL A 87 7.73 9.72 -0.90
N GLY A 88 8.68 9.74 -1.84
CA GLY A 88 9.50 10.88 -2.22
C GLY A 88 10.14 10.71 -3.60
N ILE A 89 10.85 11.74 -4.06
CA ILE A 89 11.60 11.78 -5.30
C ILE A 89 13.01 11.17 -5.16
N VAL A 90 13.59 10.74 -6.28
CA VAL A 90 14.96 10.20 -6.40
C VAL A 90 15.11 8.85 -5.66
N PRO A 91 14.69 7.72 -6.27
CA PRO A 91 14.81 6.38 -5.68
C PRO A 91 16.28 5.98 -5.41
N PRO A 92 16.55 5.13 -4.40
CA PRO A 92 17.88 4.61 -4.11
C PRO A 92 18.34 3.66 -5.22
N PRO A 93 19.60 3.75 -5.71
CA PRO A 93 20.07 3.03 -6.89
C PRO A 93 20.29 1.52 -6.67
N SER A 94 20.31 1.06 -5.41
CA SER A 94 20.41 -0.38 -5.05
C SER A 94 19.15 -0.91 -4.33
N GLY A 95 18.10 -0.08 -4.19
CA GLY A 95 16.88 -0.38 -3.43
C GLY A 95 17.07 -0.27 -1.90
N PRO A 96 16.00 -0.50 -1.11
CA PRO A 96 16.05 -0.57 0.34
C PRO A 96 16.64 -1.91 0.82
N SER A 97 17.13 -1.94 2.06
CA SER A 97 17.74 -3.14 2.68
C SER A 97 17.77 -3.05 4.22
N SER A 98 17.89 -4.20 4.90
CA SER A 98 17.81 -4.30 6.38
C SER A 98 19.16 -4.10 7.10
N GLY A 99 20.27 -3.94 6.36
CA GLY A 99 21.63 -3.79 6.89
C GLY A 99 22.70 -3.70 5.79
N GLY A 1 -8.51 21.45 12.53
CA GLY A 1 -8.07 20.04 12.32
C GLY A 1 -7.44 19.85 10.95
N SER A 2 -6.55 18.85 10.83
CA SER A 2 -5.78 18.55 9.61
C SER A 2 -5.13 17.15 9.68
N SER A 3 -4.66 16.63 8.55
CA SER A 3 -4.09 15.27 8.42
C SER A 3 -3.25 15.10 7.14
N GLY A 4 -2.32 14.14 7.15
CA GLY A 4 -1.49 13.77 5.99
C GLY A 4 -2.15 12.74 5.07
N SER A 5 -1.41 12.29 4.06
CA SER A 5 -1.83 11.27 3.07
C SER A 5 -0.61 10.79 2.23
N SER A 6 -0.85 9.93 1.25
CA SER A 6 0.16 9.43 0.30
C SER A 6 -0.48 8.98 -1.03
N GLY A 7 0.23 9.19 -2.15
CA GLY A 7 -0.29 8.96 -3.51
C GLY A 7 -0.45 7.49 -3.88
N ILE A 8 0.21 6.56 -3.17
CA ILE A 8 0.12 5.11 -3.46
C ILE A 8 -1.24 4.50 -3.11
N LYS A 9 -1.89 5.01 -2.05
CA LYS A 9 -3.24 4.57 -1.65
C LYS A 9 -4.29 5.00 -2.69
N ASN A 10 -4.11 6.20 -3.25
CA ASN A 10 -4.91 6.71 -4.38
C ASN A 10 -4.56 6.01 -5.70
N PHE A 11 -3.31 5.57 -5.90
CA PHE A 11 -2.86 4.88 -7.11
C PHE A 11 -3.53 3.51 -7.27
N LEU A 12 -3.62 2.72 -6.20
CA LEU A 12 -4.35 1.45 -6.23
C LEU A 12 -5.85 1.67 -6.52
N TYR A 13 -6.46 2.69 -5.89
CA TYR A 13 -7.86 3.04 -6.11
C TYR A 13 -8.14 3.50 -7.55
N ALA A 14 -7.26 4.32 -8.13
CA ALA A 14 -7.34 4.79 -9.52
C ALA A 14 -7.11 3.67 -10.53
N TRP A 15 -6.15 2.77 -10.26
CA TRP A 15 -5.91 1.57 -11.08
C TRP A 15 -7.13 0.65 -11.10
N CYS A 16 -7.74 0.41 -9.94
CA CYS A 16 -9.01 -0.32 -9.82
C CYS A 16 -10.13 0.36 -10.63
N GLY A 17 -10.27 1.69 -10.52
CA GLY A 17 -11.31 2.48 -11.19
C GLY A 17 -11.17 2.53 -12.72
N LYS A 18 -9.95 2.38 -13.25
CA LYS A 18 -9.68 2.26 -14.69
C LYS A 18 -10.00 0.86 -15.25
N ARG A 19 -10.30 -0.10 -14.35
CA ARG A 19 -10.60 -1.50 -14.62
C ARG A 19 -12.02 -1.91 -14.14
N LYS A 20 -12.84 -0.94 -13.71
CA LYS A 20 -14.21 -1.12 -13.20
C LYS A 20 -14.27 -1.93 -11.86
N MET A 21 -13.23 -1.82 -11.04
CA MET A 21 -13.07 -2.47 -9.73
C MET A 21 -12.96 -1.44 -8.60
N THR A 22 -12.94 -1.92 -7.34
CA THR A 22 -12.76 -1.12 -6.11
C THR A 22 -11.92 -1.95 -5.11
N PRO A 23 -10.88 -1.37 -4.47
CA PRO A 23 -10.10 -2.07 -3.46
C PRO A 23 -10.84 -2.10 -2.11
N ALA A 24 -10.56 -3.11 -1.29
CA ALA A 24 -11.19 -3.34 0.01
C ALA A 24 -10.12 -3.52 1.10
N TYR A 25 -10.11 -2.61 2.08
CA TYR A 25 -9.13 -2.55 3.18
C TYR A 25 -9.71 -3.08 4.50
N GLU A 26 -8.83 -3.53 5.41
CA GLU A 26 -9.13 -3.94 6.79
C GLU A 26 -7.98 -3.51 7.71
N ILE A 27 -8.27 -3.15 8.96
CA ILE A 27 -7.34 -2.51 9.91
C ILE A 27 -7.40 -3.18 11.29
N ARG A 28 -6.26 -3.21 12.00
CA ARG A 28 -6.09 -3.82 13.32
C ARG A 28 -5.14 -2.97 14.18
N ALA A 29 -5.50 -2.73 15.44
CA ALA A 29 -4.70 -1.97 16.40
C ALA A 29 -3.72 -2.89 17.16
N VAL A 30 -2.49 -2.43 17.36
CA VAL A 30 -1.37 -3.19 17.97
C VAL A 30 -0.44 -2.27 18.78
N GLY A 31 0.47 -2.86 19.57
CA GLY A 31 1.48 -2.15 20.36
C GLY A 31 0.97 -1.65 21.72
N ASN A 32 1.72 -0.72 22.31
CA ASN A 32 1.45 -0.12 23.61
C ASN A 32 0.15 0.74 23.61
N LYS A 33 -0.57 0.77 24.73
CA LYS A 33 -1.86 1.49 24.87
C LYS A 33 -1.77 3.00 24.56
N ASN A 34 -0.71 3.66 25.02
CA ASN A 34 -0.44 5.08 24.74
C ASN A 34 0.30 5.28 23.41
N ARG A 35 1.40 4.55 23.20
CA ARG A 35 2.22 4.56 21.97
C ARG A 35 1.70 3.51 20.98
N GLN A 36 0.46 3.71 20.53
CA GLN A 36 -0.32 2.76 19.74
C GLN A 36 0.08 2.78 18.26
N LYS A 37 -0.09 1.64 17.59
CA LYS A 37 0.22 1.39 16.18
C LYS A 37 -0.93 0.64 15.49
N PHE A 38 -0.96 0.67 14.16
CA PHE A 38 -2.04 0.12 13.34
C PHE A 38 -1.46 -0.67 12.15
N MET A 39 -1.92 -1.92 12.03
CA MET A 39 -1.71 -2.78 10.87
C MET A 39 -2.87 -2.60 9.88
N CYS A 40 -2.62 -2.87 8.60
CA CYS A 40 -3.63 -2.84 7.55
C CYS A 40 -3.39 -3.94 6.51
N GLU A 41 -4.47 -4.45 5.96
CA GLU A 41 -4.52 -5.50 4.94
C GLU A 41 -5.46 -5.04 3.82
N VAL A 42 -5.13 -5.33 2.56
CA VAL A 42 -5.93 -4.91 1.38
C VAL A 42 -6.02 -6.01 0.33
N ARG A 43 -7.19 -6.09 -0.33
CA ARG A 43 -7.49 -7.01 -1.43
C ARG A 43 -8.30 -6.29 -2.54
N VAL A 44 -8.39 -6.92 -3.70
CA VAL A 44 -9.19 -6.49 -4.87
C VAL A 44 -9.93 -7.72 -5.40
N GLU A 45 -11.20 -7.57 -5.79
CA GLU A 45 -12.06 -8.66 -6.27
C GLU A 45 -11.45 -9.37 -7.49
N GLY A 46 -11.34 -10.70 -7.41
CA GLY A 46 -10.77 -11.56 -8.47
C GLY A 46 -9.29 -11.89 -8.30
N PHE A 47 -8.63 -11.40 -7.23
CA PHE A 47 -7.22 -11.67 -6.91
C PHE A 47 -7.09 -12.39 -5.56
N ASN A 48 -6.39 -13.52 -5.54
CA ASN A 48 -6.22 -14.37 -4.36
C ASN A 48 -5.26 -13.76 -3.30
N TYR A 49 -4.36 -12.87 -3.72
CA TYR A 49 -3.37 -12.21 -2.86
C TYR A 49 -4.00 -11.20 -1.87
N ALA A 50 -3.27 -10.90 -0.79
CA ALA A 50 -3.56 -9.83 0.16
C ALA A 50 -2.27 -9.06 0.50
N GLY A 51 -2.26 -7.75 0.20
CA GLY A 51 -1.16 -6.83 0.52
C GLY A 51 -1.30 -6.31 1.94
N MET A 52 -0.17 -6.10 2.63
CA MET A 52 -0.14 -5.82 4.07
C MET A 52 0.86 -4.71 4.44
N GLY A 53 0.47 -3.87 5.40
CA GLY A 53 1.26 -2.74 5.92
C GLY A 53 1.06 -2.50 7.41
N ASN A 54 1.88 -1.63 7.99
CA ASN A 54 1.79 -1.20 9.39
C ASN A 54 2.49 0.15 9.60
N SER A 55 1.99 0.93 10.57
CA SER A 55 2.49 2.27 10.92
C SER A 55 1.94 2.76 12.26
N THR A 56 2.26 4.00 12.65
CA THR A 56 1.73 4.70 13.84
C THR A 56 0.30 5.19 13.66
N ASN A 57 -0.23 5.13 12.44
CA ASN A 57 -1.50 5.73 12.04
C ASN A 57 -2.16 4.96 10.88
N LYS A 58 -3.49 4.98 10.82
CA LYS A 58 -4.29 4.21 9.86
C LYS A 58 -4.06 4.62 8.39
N LYS A 59 -3.80 5.91 8.13
CA LYS A 59 -3.60 6.47 6.79
C LYS A 59 -2.34 5.90 6.11
N ASP A 60 -1.22 5.90 6.83
CA ASP A 60 0.06 5.37 6.35
C ASP A 60 0.09 3.83 6.40
N ALA A 61 -0.68 3.21 7.30
CA ALA A 61 -0.86 1.75 7.29
C ALA A 61 -1.58 1.27 6.03
N GLN A 62 -2.67 1.93 5.61
CA GLN A 62 -3.33 1.68 4.32
C GLN A 62 -2.38 1.93 3.15
N SER A 63 -1.56 2.99 3.21
CA SER A 63 -0.61 3.32 2.14
C SER A 63 0.47 2.23 1.97
N ASN A 64 0.93 1.63 3.07
CA ASN A 64 1.87 0.50 3.03
C ASN A 64 1.18 -0.79 2.53
N ALA A 65 -0.08 -1.04 2.92
CA ALA A 65 -0.86 -2.18 2.42
C ALA A 65 -1.09 -2.07 0.90
N ALA A 66 -1.42 -0.87 0.42
CA ALA A 66 -1.56 -0.57 -1.00
C ALA A 66 -0.23 -0.77 -1.76
N ARG A 67 0.87 -0.23 -1.23
CA ARG A 67 2.22 -0.41 -1.83
C ARG A 67 2.59 -1.89 -1.99
N ASP A 68 2.23 -2.73 -1.03
CA ASP A 68 2.50 -4.17 -1.03
C ASP A 68 1.55 -4.97 -1.96
N PHE A 69 0.32 -4.50 -2.18
CA PHE A 69 -0.58 -5.07 -3.20
C PHE A 69 -0.18 -4.62 -4.62
N VAL A 70 0.25 -3.37 -4.79
CA VAL A 70 0.82 -2.87 -6.06
C VAL A 70 2.08 -3.65 -6.43
N ASN A 71 2.93 -3.96 -5.45
CA ASN A 71 4.07 -4.88 -5.64
C ASN A 71 3.62 -6.23 -6.24
N TYR A 72 2.58 -6.88 -5.70
CA TYR A 72 2.00 -8.10 -6.30
C TYR A 72 1.49 -7.87 -7.73
N LEU A 73 0.77 -6.77 -8.00
CA LEU A 73 0.28 -6.42 -9.34
C LEU A 73 1.41 -6.18 -10.36
N VAL A 74 2.57 -5.67 -9.95
CA VAL A 74 3.78 -5.57 -10.78
C VAL A 74 4.41 -6.94 -11.02
N ARG A 75 4.45 -7.79 -9.98
CA ARG A 75 5.00 -9.16 -10.05
C ARG A 75 4.18 -10.09 -10.96
N ILE A 76 2.88 -9.82 -11.15
CA ILE A 76 2.02 -10.50 -12.14
C ILE A 76 1.82 -9.70 -13.45
N ASN A 77 2.49 -8.55 -13.60
CA ASN A 77 2.55 -7.71 -14.80
C ASN A 77 1.22 -6.99 -15.14
N GLU A 78 0.29 -6.89 -14.17
CA GLU A 78 -0.98 -6.15 -14.28
C GLU A 78 -0.84 -4.65 -13.94
N VAL A 79 0.33 -4.23 -13.44
CA VAL A 79 0.78 -2.83 -13.28
C VAL A 79 2.21 -2.74 -13.83
N LYS A 80 2.51 -1.66 -14.58
CA LYS A 80 3.88 -1.34 -14.98
C LYS A 80 4.59 -0.55 -13.86
N SER A 81 5.77 -0.98 -13.45
CA SER A 81 6.54 -0.33 -12.36
C SER A 81 6.78 1.16 -12.60
N GLU A 82 6.95 1.57 -13.86
CA GLU A 82 7.20 2.96 -14.28
C GLU A 82 6.04 3.92 -13.91
N GLU A 83 4.84 3.40 -13.65
CA GLU A 83 3.67 4.17 -13.23
C GLU A 83 3.55 4.34 -11.71
N VAL A 84 4.26 3.51 -10.92
CA VAL A 84 4.09 3.41 -9.46
C VAL A 84 4.74 4.61 -8.75
N PRO A 85 4.00 5.36 -7.89
CA PRO A 85 4.53 6.50 -7.15
C PRO A 85 5.47 6.04 -6.02
N ALA A 86 6.51 6.83 -5.78
CA ALA A 86 7.55 6.55 -4.77
C ALA A 86 8.10 7.84 -4.11
N VAL A 87 8.75 7.71 -2.96
CA VAL A 87 9.21 8.80 -2.10
C VAL A 87 10.33 9.70 -2.69
N GLY A 88 10.97 9.26 -3.79
CA GLY A 88 12.05 9.99 -4.46
C GLY A 88 12.27 9.55 -5.92
N ILE A 89 12.98 10.41 -6.67
CA ILE A 89 13.36 10.23 -8.09
C ILE A 89 14.88 10.42 -8.22
N VAL A 90 15.54 9.66 -9.09
CA VAL A 90 17.01 9.65 -9.29
C VAL A 90 17.38 9.88 -10.77
N PRO A 91 18.61 10.38 -11.07
CA PRO A 91 19.10 10.59 -12.43
C PRO A 91 19.15 9.31 -13.29
N PRO A 92 19.26 9.43 -14.62
CA PRO A 92 19.48 8.30 -15.54
C PRO A 92 20.72 7.47 -15.18
N PRO A 93 20.75 6.16 -15.52
CA PRO A 93 21.84 5.25 -15.17
C PRO A 93 23.17 5.56 -15.89
N SER A 94 23.13 6.36 -16.97
CA SER A 94 24.34 6.89 -17.64
C SER A 94 25.08 7.98 -16.83
N GLY A 95 24.43 8.52 -15.79
CA GLY A 95 24.97 9.58 -14.91
C GLY A 95 24.96 10.99 -15.56
N PRO A 96 25.51 12.00 -14.84
CA PRO A 96 25.67 13.37 -15.34
C PRO A 96 26.59 13.44 -16.57
N SER A 97 26.40 14.48 -17.38
CA SER A 97 27.18 14.74 -18.61
C SER A 97 27.05 16.20 -19.09
N SER A 98 28.00 16.66 -19.92
CA SER A 98 28.07 18.03 -20.49
C SER A 98 29.08 18.07 -21.66
N GLY A 99 28.91 19.04 -22.56
CA GLY A 99 29.78 19.26 -23.73
C GLY A 99 29.33 20.41 -24.62
N GLY A 1 -11.63 15.08 1.60
CA GLY A 1 -10.59 14.29 2.29
C GLY A 1 -9.42 15.16 2.72
N SER A 2 -8.85 14.91 3.91
CA SER A 2 -7.78 15.73 4.49
C SER A 2 -6.41 15.45 3.84
N SER A 3 -5.79 16.49 3.26
CA SER A 3 -4.40 16.55 2.75
C SER A 3 -4.11 15.76 1.46
N GLY A 4 -4.64 14.53 1.33
CA GLY A 4 -4.52 13.69 0.13
C GLY A 4 -3.14 13.06 -0.09
N SER A 5 -2.28 13.04 0.93
CA SER A 5 -0.85 12.67 0.83
C SER A 5 -0.59 11.16 0.61
N SER A 6 -1.62 10.32 0.72
CA SER A 6 -1.59 8.86 0.51
C SER A 6 -1.64 8.49 -0.99
N GLY A 7 -0.64 8.96 -1.76
CA GLY A 7 -0.64 8.92 -3.23
C GLY A 7 -0.54 7.51 -3.82
N ILE A 8 0.10 6.57 -3.10
CA ILE A 8 0.15 5.14 -3.49
C ILE A 8 -1.17 4.41 -3.19
N LYS A 9 -1.86 4.81 -2.13
CA LYS A 9 -3.22 4.34 -1.78
C LYS A 9 -4.23 4.82 -2.83
N ASN A 10 -4.13 6.08 -3.24
CA ASN A 10 -4.89 6.66 -4.34
C ASN A 10 -4.54 6.04 -5.71
N PHE A 11 -3.28 5.62 -5.93
CA PHE A 11 -2.86 4.97 -7.17
C PHE A 11 -3.49 3.57 -7.33
N LEU A 12 -3.56 2.78 -6.25
CA LEU A 12 -4.28 1.50 -6.29
C LEU A 12 -5.78 1.71 -6.56
N TYR A 13 -6.38 2.72 -5.92
CA TYR A 13 -7.78 3.08 -6.13
C TYR A 13 -8.05 3.53 -7.59
N ALA A 14 -7.15 4.32 -8.17
CA ALA A 14 -7.21 4.77 -9.57
C ALA A 14 -7.00 3.62 -10.57
N TRP A 15 -6.09 2.68 -10.28
CA TRP A 15 -5.87 1.48 -11.09
C TRP A 15 -7.11 0.57 -11.10
N CYS A 16 -7.72 0.37 -9.93
CA CYS A 16 -9.01 -0.32 -9.81
C CYS A 16 -10.09 0.39 -10.65
N GLY A 17 -10.16 1.72 -10.60
CA GLY A 17 -11.10 2.54 -11.37
C GLY A 17 -10.88 2.48 -12.89
N LYS A 18 -9.65 2.25 -13.34
CA LYS A 18 -9.32 1.99 -14.77
C LYS A 18 -9.83 0.62 -15.25
N ARG A 19 -10.24 -0.25 -14.33
CA ARG A 19 -10.76 -1.61 -14.55
C ARG A 19 -12.20 -1.79 -14.03
N LYS A 20 -12.88 -0.72 -13.61
CA LYS A 20 -14.25 -0.70 -13.04
C LYS A 20 -14.38 -1.47 -11.69
N MET A 21 -13.27 -1.61 -10.96
CA MET A 21 -13.16 -2.23 -9.63
C MET A 21 -13.03 -1.18 -8.52
N THR A 22 -13.04 -1.65 -7.26
CA THR A 22 -12.79 -0.86 -6.04
C THR A 22 -11.97 -1.73 -5.07
N PRO A 23 -10.86 -1.23 -4.49
CA PRO A 23 -10.05 -1.99 -3.54
C PRO A 23 -10.73 -2.03 -2.16
N ALA A 24 -10.53 -3.13 -1.43
CA ALA A 24 -11.07 -3.34 -0.10
C ALA A 24 -9.95 -3.44 0.94
N TYR A 25 -9.90 -2.47 1.85
CA TYR A 25 -8.92 -2.38 2.93
C TYR A 25 -9.48 -2.96 4.25
N GLU A 26 -8.58 -3.43 5.12
CA GLU A 26 -8.86 -4.10 6.39
C GLU A 26 -7.78 -3.71 7.41
N ILE A 27 -8.14 -3.44 8.66
CA ILE A 27 -7.25 -2.83 9.68
C ILE A 27 -7.37 -3.54 11.04
N ARG A 28 -6.26 -3.58 11.79
CA ARG A 28 -6.16 -4.07 13.17
C ARG A 28 -5.33 -3.11 14.02
N ALA A 29 -5.81 -2.80 15.23
CA ALA A 29 -5.11 -1.96 16.21
C ALA A 29 -4.14 -2.80 17.06
N VAL A 30 -2.93 -2.26 17.32
CA VAL A 30 -1.82 -2.92 18.03
C VAL A 30 -1.01 -1.89 18.83
N GLY A 31 0.00 -2.35 19.59
CA GLY A 31 0.92 -1.50 20.35
C GLY A 31 0.61 -1.45 21.86
N ASN A 32 0.97 -0.33 22.49
CA ASN A 32 0.92 -0.10 23.94
C ASN A 32 -0.07 1.04 24.29
N LYS A 33 -0.56 1.09 25.54
CA LYS A 33 -1.45 2.15 26.03
C LYS A 33 -0.86 3.59 25.95
N ASN A 34 0.47 3.72 25.89
CA ASN A 34 1.20 5.00 25.73
C ASN A 34 1.63 5.28 24.27
N ARG A 35 1.49 4.30 23.36
CA ARG A 35 1.79 4.40 21.92
C ARG A 35 1.01 3.34 21.13
N GLN A 36 -0.13 3.74 20.56
CA GLN A 36 -0.95 2.91 19.69
C GLN A 36 -0.48 2.97 18.23
N LYS A 37 -0.73 1.88 17.52
CA LYS A 37 -0.26 1.59 16.15
C LYS A 37 -1.33 0.77 15.39
N PHE A 38 -1.26 0.76 14.06
CA PHE A 38 -2.24 0.11 13.19
C PHE A 38 -1.57 -0.72 12.09
N MET A 39 -2.00 -1.98 11.98
CA MET A 39 -1.68 -2.90 10.88
C MET A 39 -2.81 -2.83 9.85
N CYS A 40 -2.50 -3.09 8.58
CA CYS A 40 -3.45 -3.01 7.47
C CYS A 40 -3.18 -4.08 6.41
N GLU A 41 -4.25 -4.51 5.74
CA GLU A 41 -4.26 -5.42 4.60
C GLU A 41 -5.17 -4.85 3.51
N VAL A 42 -4.87 -5.12 2.24
CA VAL A 42 -5.71 -4.73 1.09
C VAL A 42 -5.87 -5.87 0.09
N ARG A 43 -7.08 -5.99 -0.46
CA ARG A 43 -7.53 -7.05 -1.37
C ARG A 43 -8.36 -6.44 -2.52
N VAL A 44 -8.46 -7.15 -3.64
CA VAL A 44 -9.22 -6.76 -4.85
C VAL A 44 -9.89 -8.02 -5.42
N GLU A 45 -11.16 -7.91 -5.81
CA GLU A 45 -11.96 -9.03 -6.32
C GLU A 45 -11.34 -9.63 -7.60
N GLY A 46 -11.15 -10.96 -7.61
CA GLY A 46 -10.51 -11.71 -8.71
C GLY A 46 -9.00 -11.93 -8.55
N PHE A 47 -8.41 -11.49 -7.43
CA PHE A 47 -6.99 -11.64 -7.11
C PHE A 47 -6.81 -12.35 -5.76
N ASN A 48 -5.98 -13.40 -5.73
CA ASN A 48 -5.82 -14.28 -4.56
C ASN A 48 -4.86 -13.74 -3.48
N TYR A 49 -4.10 -12.68 -3.79
CA TYR A 49 -3.14 -12.06 -2.87
C TYR A 49 -3.76 -11.01 -1.95
N ALA A 50 -3.07 -10.69 -0.84
CA ALA A 50 -3.38 -9.58 0.05
C ALA A 50 -2.09 -8.82 0.39
N GLY A 51 -2.02 -7.55 0.01
CA GLY A 51 -0.88 -6.67 0.32
C GLY A 51 -0.98 -6.16 1.76
N MET A 52 0.14 -6.07 2.46
CA MET A 52 0.21 -5.83 3.91
C MET A 52 1.05 -4.59 4.27
N GLY A 53 0.62 -3.85 5.30
CA GLY A 53 1.27 -2.65 5.81
C GLY A 53 1.08 -2.46 7.32
N ASN A 54 1.85 -1.53 7.89
CA ASN A 54 1.76 -1.12 9.30
C ASN A 54 2.37 0.27 9.52
N SER A 55 1.84 1.00 10.49
CA SER A 55 2.28 2.36 10.86
C SER A 55 1.70 2.84 12.20
N THR A 56 1.97 4.09 12.58
CA THR A 56 1.37 4.78 13.75
C THR A 56 -0.06 5.22 13.48
N ASN A 57 -0.47 5.32 12.20
CA ASN A 57 -1.80 5.79 11.77
C ASN A 57 -2.39 4.96 10.62
N LYS A 58 -3.71 4.96 10.50
CA LYS A 58 -4.46 4.13 9.54
C LYS A 58 -4.18 4.48 8.07
N LYS A 59 -4.04 5.76 7.72
CA LYS A 59 -3.82 6.21 6.34
C LYS A 59 -2.45 5.77 5.78
N ASP A 60 -1.41 5.85 6.60
CA ASP A 60 -0.06 5.40 6.22
C ASP A 60 0.07 3.87 6.26
N ALA A 61 -0.68 3.19 7.14
CA ALA A 61 -0.80 1.73 7.13
C ALA A 61 -1.49 1.21 5.85
N GLN A 62 -2.59 1.86 5.42
CA GLN A 62 -3.22 1.61 4.12
C GLN A 62 -2.27 1.91 2.96
N SER A 63 -1.48 2.98 3.03
CA SER A 63 -0.50 3.30 1.98
C SER A 63 0.60 2.24 1.85
N ASN A 64 1.03 1.62 2.96
CA ASN A 64 1.97 0.50 2.93
C ASN A 64 1.31 -0.79 2.42
N ALA A 65 0.05 -1.06 2.76
CA ALA A 65 -0.72 -2.18 2.22
C ALA A 65 -0.92 -2.04 0.70
N ALA A 66 -1.26 -0.84 0.24
CA ALA A 66 -1.39 -0.50 -1.18
C ALA A 66 -0.06 -0.65 -1.92
N ARG A 67 1.05 -0.11 -1.37
CA ARG A 67 2.40 -0.27 -1.92
C ARG A 67 2.74 -1.75 -2.17
N ASP A 68 2.42 -2.64 -1.22
CA ASP A 68 2.70 -4.07 -1.35
C ASP A 68 1.77 -4.80 -2.34
N PHE A 69 0.50 -4.40 -2.45
CA PHE A 69 -0.42 -4.95 -3.46
C PHE A 69 -0.13 -4.43 -4.86
N VAL A 70 0.24 -3.15 -5.01
CA VAL A 70 0.72 -2.58 -6.27
C VAL A 70 2.00 -3.28 -6.73
N ASN A 71 2.92 -3.54 -5.78
CA ASN A 71 4.08 -4.40 -6.06
C ASN A 71 3.65 -5.79 -6.53
N TYR A 72 2.73 -6.49 -5.88
CA TYR A 72 2.12 -7.74 -6.39
C TYR A 72 1.60 -7.63 -7.83
N LEU A 73 0.91 -6.53 -8.19
CA LEU A 73 0.45 -6.30 -9.56
C LEU A 73 1.61 -6.11 -10.58
N VAL A 74 2.81 -5.73 -10.13
CA VAL A 74 4.04 -5.75 -10.95
C VAL A 74 4.67 -7.15 -10.99
N ARG A 75 4.62 -7.90 -9.87
CA ARG A 75 5.06 -9.31 -9.79
C ARG A 75 4.27 -10.23 -10.76
N ILE A 76 3.00 -9.91 -11.03
CA ILE A 76 2.14 -10.62 -12.02
C ILE A 76 1.95 -9.85 -13.35
N ASN A 77 2.60 -8.70 -13.52
CA ASN A 77 2.66 -7.90 -14.76
C ASN A 77 1.29 -7.27 -15.18
N GLU A 78 0.37 -7.10 -14.24
CA GLU A 78 -0.91 -6.38 -14.40
C GLU A 78 -0.77 -4.85 -14.17
N VAL A 79 0.37 -4.40 -13.66
CA VAL A 79 0.82 -3.00 -13.56
C VAL A 79 2.27 -2.95 -14.05
N LYS A 80 2.64 -1.95 -14.86
CA LYS A 80 4.04 -1.67 -15.17
C LYS A 80 4.64 -0.75 -14.11
N SER A 81 5.87 -1.01 -13.65
CA SER A 81 6.55 -0.17 -12.64
C SER A 81 6.63 1.32 -13.04
N GLU A 82 6.73 1.60 -14.35
CA GLU A 82 6.69 2.95 -14.95
C GLU A 82 5.44 3.78 -14.55
N GLU A 83 4.34 3.12 -14.17
CA GLU A 83 3.09 3.77 -13.73
C GLU A 83 3.08 4.09 -12.22
N VAL A 84 3.91 3.40 -11.43
CA VAL A 84 3.85 3.41 -9.95
C VAL A 84 4.53 4.67 -9.39
N PRO A 85 3.86 5.42 -8.48
CA PRO A 85 4.45 6.60 -7.83
C PRO A 85 5.56 6.18 -6.85
N ALA A 86 6.67 6.93 -6.86
CA ALA A 86 7.85 6.61 -6.03
C ALA A 86 7.61 6.91 -4.54
N VAL A 87 7.84 5.91 -3.69
CA VAL A 87 7.64 5.96 -2.23
C VAL A 87 8.68 6.82 -1.48
N GLY A 88 9.76 7.24 -2.16
CA GLY A 88 10.90 7.97 -1.62
C GLY A 88 12.22 7.47 -2.19
N ILE A 89 13.32 7.76 -1.50
CA ILE A 89 14.68 7.26 -1.81
C ILE A 89 14.84 5.86 -1.19
N VAL A 90 15.30 4.88 -1.96
CA VAL A 90 15.44 3.46 -1.57
C VAL A 90 16.76 2.90 -2.13
N PRO A 91 17.60 2.24 -1.30
CA PRO A 91 18.92 1.74 -1.72
C PRO A 91 18.81 0.49 -2.61
N PRO A 92 19.84 0.19 -3.43
CA PRO A 92 19.89 -0.99 -4.28
C PRO A 92 20.11 -2.28 -3.45
N PRO A 93 19.80 -3.47 -4.01
CA PRO A 93 20.02 -4.76 -3.33
C PRO A 93 21.51 -5.12 -3.19
N SER A 94 22.41 -4.43 -3.89
CA SER A 94 23.87 -4.50 -3.71
C SER A 94 24.41 -3.60 -2.58
N GLY A 95 23.53 -2.84 -1.91
CA GLY A 95 23.85 -1.93 -0.81
C GLY A 95 24.03 -2.62 0.56
N PRO A 96 24.31 -1.85 1.63
CA PRO A 96 24.54 -2.36 2.98
C PRO A 96 23.25 -2.87 3.63
N SER A 97 23.41 -3.67 4.69
CA SER A 97 22.29 -4.28 5.45
C SER A 97 22.72 -4.79 6.84
N SER A 98 23.91 -5.42 6.95
CA SER A 98 24.46 -5.97 8.19
C SER A 98 25.99 -6.17 8.12
N GLY A 99 26.64 -6.36 9.27
CA GLY A 99 28.10 -6.55 9.39
C GLY A 99 28.56 -6.69 10.85
N GLY A 1 -15.92 17.38 0.45
CA GLY A 1 -14.54 16.86 0.56
C GLY A 1 -14.39 15.88 1.71
N SER A 2 -13.15 15.54 2.07
CA SER A 2 -12.80 14.57 3.12
C SER A 2 -11.33 14.69 3.56
N SER A 3 -10.95 14.02 4.65
CA SER A 3 -9.59 14.04 5.22
C SER A 3 -8.59 13.08 4.54
N GLY A 4 -8.94 12.50 3.37
CA GLY A 4 -8.12 11.55 2.61
C GLY A 4 -6.96 12.22 1.87
N SER A 5 -5.81 11.56 1.82
CA SER A 5 -4.56 12.12 1.26
C SER A 5 -3.48 11.08 0.86
N SER A 6 -3.77 9.79 0.94
CA SER A 6 -2.81 8.71 0.65
C SER A 6 -2.70 8.43 -0.86
N GLY A 7 -1.53 8.74 -1.45
CA GLY A 7 -1.34 8.76 -2.91
C GLY A 7 -1.22 7.39 -3.57
N ILE A 8 -0.52 6.44 -2.95
CA ILE A 8 -0.43 5.04 -3.42
C ILE A 8 -1.74 4.27 -3.18
N LYS A 9 -2.48 4.64 -2.14
CA LYS A 9 -3.85 4.16 -1.88
C LYS A 9 -4.79 4.62 -3.01
N ASN A 10 -4.74 5.90 -3.37
CA ASN A 10 -5.48 6.46 -4.51
C ASN A 10 -5.02 5.88 -5.85
N PHE A 11 -3.75 5.49 -5.99
CA PHE A 11 -3.23 4.84 -7.20
C PHE A 11 -3.83 3.45 -7.41
N LEU A 12 -3.90 2.63 -6.35
CA LEU A 12 -4.59 1.33 -6.42
C LEU A 12 -6.08 1.52 -6.70
N TYR A 13 -6.73 2.50 -6.07
CA TYR A 13 -8.14 2.80 -6.29
C TYR A 13 -8.43 3.26 -7.74
N ALA A 14 -7.58 4.10 -8.32
CA ALA A 14 -7.67 4.55 -9.71
C ALA A 14 -7.38 3.42 -10.72
N TRP A 15 -6.39 2.57 -10.43
CA TRP A 15 -6.09 1.37 -11.22
C TRP A 15 -7.29 0.41 -11.26
N CYS A 16 -7.91 0.15 -10.10
CA CYS A 16 -9.15 -0.62 -9.99
C CYS A 16 -10.28 0.02 -10.81
N GLY A 17 -10.47 1.35 -10.72
CA GLY A 17 -11.52 2.10 -11.41
C GLY A 17 -11.37 2.12 -12.94
N LYS A 18 -10.15 2.00 -13.46
CA LYS A 18 -9.87 1.86 -14.90
C LYS A 18 -10.13 0.43 -15.42
N ARG A 19 -10.40 -0.52 -14.51
CA ARG A 19 -10.66 -1.95 -14.75
C ARG A 19 -12.05 -2.39 -14.27
N LYS A 20 -12.93 -1.44 -13.89
CA LYS A 20 -14.30 -1.66 -13.39
C LYS A 20 -14.36 -2.42 -12.03
N MET A 21 -13.33 -2.24 -11.19
CA MET A 21 -13.17 -2.83 -9.85
C MET A 21 -13.11 -1.76 -8.75
N THR A 22 -13.12 -2.20 -7.49
CA THR A 22 -12.95 -1.37 -6.27
C THR A 22 -12.14 -2.18 -5.25
N PRO A 23 -11.07 -1.61 -4.64
CA PRO A 23 -10.28 -2.29 -3.61
C PRO A 23 -11.01 -2.27 -2.26
N ALA A 24 -10.78 -3.30 -1.45
CA ALA A 24 -11.38 -3.47 -0.13
C ALA A 24 -10.29 -3.55 0.95
N TYR A 25 -10.29 -2.60 1.88
CA TYR A 25 -9.31 -2.46 2.97
C TYR A 25 -9.85 -2.98 4.32
N GLU A 26 -8.95 -3.32 5.24
CA GLU A 26 -9.25 -3.62 6.65
C GLU A 26 -8.09 -3.18 7.55
N ILE A 27 -8.37 -2.81 8.80
CA ILE A 27 -7.45 -2.15 9.75
C ILE A 27 -7.55 -2.78 11.15
N ARG A 28 -6.43 -2.81 11.89
CA ARG A 28 -6.33 -3.29 13.28
C ARG A 28 -5.36 -2.43 14.10
N ALA A 29 -5.72 -2.10 15.33
CA ALA A 29 -4.86 -1.38 16.28
C ALA A 29 -3.96 -2.35 17.07
N VAL A 30 -2.71 -1.95 17.34
CA VAL A 30 -1.68 -2.76 18.02
C VAL A 30 -0.76 -1.87 18.87
N GLY A 31 -0.03 -2.48 19.83
CA GLY A 31 0.83 -1.78 20.79
C GLY A 31 0.07 -1.13 21.95
N ASN A 32 0.75 -0.87 23.05
CA ASN A 32 0.20 -0.18 24.23
C ASN A 32 -0.12 1.30 23.92
N LYS A 33 -1.07 1.91 24.65
CA LYS A 33 -1.64 3.24 24.35
C LYS A 33 -0.63 4.40 24.20
N ASN A 34 0.53 4.33 24.87
CA ASN A 34 1.61 5.33 24.77
C ASN A 34 2.48 5.21 23.49
N ARG A 35 2.52 4.01 22.91
CA ARG A 35 3.31 3.59 21.74
C ARG A 35 2.44 2.96 20.63
N GLN A 36 1.18 3.37 20.53
CA GLN A 36 0.15 2.73 19.70
C GLN A 36 0.45 2.86 18.20
N LYS A 37 0.08 1.81 17.46
CA LYS A 37 0.29 1.62 16.03
C LYS A 37 -0.95 0.97 15.37
N PHE A 38 -1.01 1.01 14.04
CA PHE A 38 -2.08 0.44 13.23
C PHE A 38 -1.50 -0.43 12.11
N MET A 39 -2.08 -1.62 11.94
CA MET A 39 -1.86 -2.53 10.83
C MET A 39 -3.01 -2.39 9.83
N CYS A 40 -2.76 -2.71 8.56
CA CYS A 40 -3.75 -2.65 7.49
C CYS A 40 -3.50 -3.73 6.43
N GLU A 41 -4.56 -4.21 5.80
CA GLU A 41 -4.53 -5.09 4.65
C GLU A 41 -5.48 -4.60 3.54
N VAL A 42 -5.24 -5.03 2.31
CA VAL A 42 -6.06 -4.71 1.13
C VAL A 42 -6.16 -5.90 0.18
N ARG A 43 -7.34 -6.06 -0.44
CA ARG A 43 -7.70 -7.14 -1.37
C ARG A 43 -8.52 -6.57 -2.54
N VAL A 44 -8.55 -7.28 -3.66
CA VAL A 44 -9.29 -6.92 -4.90
C VAL A 44 -9.92 -8.19 -5.49
N GLU A 45 -11.19 -8.11 -5.90
CA GLU A 45 -11.95 -9.24 -6.45
C GLU A 45 -11.28 -9.80 -7.72
N GLY A 46 -11.09 -11.13 -7.76
CA GLY A 46 -10.41 -11.84 -8.85
C GLY A 46 -8.92 -12.08 -8.64
N PHE A 47 -8.36 -11.65 -7.49
CA PHE A 47 -6.96 -11.85 -7.11
C PHE A 47 -6.88 -12.54 -5.74
N ASN A 48 -6.09 -13.62 -5.66
CA ASN A 48 -5.94 -14.43 -4.44
C ASN A 48 -5.02 -13.79 -3.38
N TYR A 49 -4.15 -12.86 -3.79
CA TYR A 49 -3.21 -12.15 -2.90
C TYR A 49 -3.91 -11.15 -1.96
N ALA A 50 -3.25 -10.84 -0.84
CA ALA A 50 -3.62 -9.77 0.09
C ALA A 50 -2.37 -8.96 0.47
N GLY A 51 -2.36 -7.67 0.11
CA GLY A 51 -1.27 -6.75 0.43
C GLY A 51 -1.43 -6.23 1.85
N MET A 52 -0.33 -6.06 2.58
CA MET A 52 -0.31 -5.79 4.03
C MET A 52 0.76 -4.77 4.41
N GLY A 53 0.44 -3.89 5.37
CA GLY A 53 1.33 -2.86 5.91
C GLY A 53 1.00 -2.47 7.34
N ASN A 54 1.85 -1.64 7.94
CA ASN A 54 1.63 -1.05 9.28
C ASN A 54 2.33 0.31 9.42
N SER A 55 1.92 1.10 10.42
CA SER A 55 2.51 2.41 10.76
C SER A 55 2.02 2.92 12.13
N THR A 56 2.36 4.15 12.50
CA THR A 56 1.87 4.87 13.70
C THR A 56 0.45 5.41 13.54
N ASN A 57 -0.09 5.37 12.31
CA ASN A 57 -1.34 6.02 11.91
C ASN A 57 -2.04 5.27 10.76
N LYS A 58 -3.37 5.37 10.68
CA LYS A 58 -4.18 4.62 9.70
C LYS A 58 -3.93 5.03 8.24
N LYS A 59 -3.54 6.28 7.97
CA LYS A 59 -3.27 6.79 6.63
C LYS A 59 -2.05 6.11 5.99
N ASP A 60 -0.91 6.13 6.68
CA ASP A 60 0.34 5.52 6.22
C ASP A 60 0.29 3.99 6.29
N ALA A 61 -0.50 3.42 7.20
CA ALA A 61 -0.77 1.98 7.22
C ALA A 61 -1.51 1.51 5.94
N GLN A 62 -2.52 2.26 5.51
CA GLN A 62 -3.22 2.00 4.23
C GLN A 62 -2.29 2.23 3.03
N SER A 63 -1.46 3.27 3.04
CA SER A 63 -0.45 3.48 1.98
C SER A 63 0.53 2.28 1.87
N ASN A 64 0.96 1.72 3.00
CA ASN A 64 1.88 0.59 3.02
C ASN A 64 1.18 -0.71 2.57
N ALA A 65 -0.08 -0.93 2.95
CA ALA A 65 -0.91 -2.04 2.46
C ALA A 65 -1.17 -1.95 0.95
N ALA A 66 -1.50 -0.76 0.45
CA ALA A 66 -1.70 -0.49 -0.97
C ALA A 66 -0.41 -0.73 -1.78
N ARG A 67 0.72 -0.19 -1.32
CA ARG A 67 2.01 -0.38 -1.99
C ARG A 67 2.38 -1.87 -2.05
N ASP A 68 2.11 -2.64 -1.01
CA ASP A 68 2.40 -4.09 -0.98
C ASP A 68 1.50 -4.90 -1.95
N PHE A 69 0.26 -4.45 -2.21
CA PHE A 69 -0.60 -5.04 -3.24
C PHE A 69 -0.22 -4.58 -4.66
N VAL A 70 0.14 -3.30 -4.84
CA VAL A 70 0.64 -2.79 -6.14
C VAL A 70 1.96 -3.48 -6.53
N ASN A 71 2.84 -3.73 -5.55
CA ASN A 71 4.05 -4.54 -5.73
C ASN A 71 3.71 -5.95 -6.25
N TYR A 72 2.69 -6.63 -5.71
CA TYR A 72 2.18 -7.89 -6.28
C TYR A 72 1.66 -7.72 -7.72
N LEU A 73 0.89 -6.66 -8.02
CA LEU A 73 0.40 -6.38 -9.38
C LEU A 73 1.53 -6.14 -10.39
N VAL A 74 2.64 -5.52 -9.98
CA VAL A 74 3.87 -5.39 -10.79
C VAL A 74 4.54 -6.76 -11.00
N ARG A 75 4.62 -7.59 -9.96
CA ARG A 75 5.21 -8.93 -10.00
C ARG A 75 4.43 -9.93 -10.89
N ILE A 76 3.14 -9.66 -11.16
CA ILE A 76 2.32 -10.39 -12.15
C ILE A 76 2.09 -9.62 -13.46
N ASN A 77 2.76 -8.46 -13.64
CA ASN A 77 2.79 -7.64 -14.85
C ASN A 77 1.45 -6.94 -15.19
N GLU A 78 0.54 -6.82 -14.22
CA GLU A 78 -0.76 -6.11 -14.35
C GLU A 78 -0.66 -4.60 -14.01
N VAL A 79 0.50 -4.14 -13.55
CA VAL A 79 0.89 -2.73 -13.37
C VAL A 79 2.33 -2.56 -13.88
N LYS A 80 2.63 -1.46 -14.57
CA LYS A 80 4.01 -1.08 -14.93
C LYS A 80 4.65 -0.30 -13.77
N SER A 81 5.81 -0.73 -13.28
CA SER A 81 6.50 -0.11 -12.15
C SER A 81 6.78 1.39 -12.34
N GLU A 82 7.01 1.82 -13.59
CA GLU A 82 7.31 3.22 -13.95
C GLU A 82 6.16 4.19 -13.61
N GLU A 83 4.94 3.69 -13.41
CA GLU A 83 3.76 4.48 -13.04
C GLU A 83 3.54 4.56 -11.51
N VAL A 84 4.19 3.69 -10.72
CA VAL A 84 3.89 3.49 -9.29
C VAL A 84 4.50 4.61 -8.42
N PRO A 85 3.70 5.33 -7.61
CA PRO A 85 4.18 6.39 -6.72
C PRO A 85 4.73 5.85 -5.40
N ALA A 86 5.39 6.73 -4.63
CA ALA A 86 5.90 6.48 -3.28
C ALA A 86 5.76 7.74 -2.39
N VAL A 87 5.67 7.55 -1.07
CA VAL A 87 5.48 8.62 -0.07
C VAL A 87 6.65 9.62 0.03
N GLY A 88 7.82 9.26 -0.52
CA GLY A 88 9.01 10.11 -0.60
C GLY A 88 10.03 9.59 -1.62
N ILE A 89 10.91 10.47 -2.10
CA ILE A 89 11.92 10.18 -3.14
C ILE A 89 13.32 10.38 -2.55
N VAL A 90 14.20 9.38 -2.67
CA VAL A 90 15.54 9.34 -2.07
C VAL A 90 16.38 8.21 -2.73
N PRO A 91 17.66 8.45 -3.09
CA PRO A 91 18.51 7.44 -3.74
C PRO A 91 18.97 6.35 -2.75
N PRO A 92 19.44 5.18 -3.24
CA PRO A 92 19.96 4.10 -2.41
C PRO A 92 21.14 4.53 -1.50
N PRO A 93 21.29 3.94 -0.30
CA PRO A 93 22.37 4.24 0.63
C PRO A 93 23.72 3.66 0.16
N SER A 94 24.81 4.17 0.74
CA SER A 94 26.20 3.77 0.43
C SER A 94 27.09 3.84 1.69
N GLY A 95 28.14 3.00 1.73
CA GLY A 95 29.05 2.86 2.88
C GLY A 95 28.53 1.89 3.96
N PRO A 96 29.23 1.80 5.11
CA PRO A 96 28.86 0.92 6.22
C PRO A 96 27.46 1.24 6.78
N SER A 97 26.67 0.20 7.06
CA SER A 97 25.30 0.34 7.63
C SER A 97 25.30 0.57 9.16
N SER A 98 26.44 0.41 9.83
CA SER A 98 26.59 0.58 11.29
C SER A 98 27.00 2.01 11.71
N GLY A 99 27.26 2.92 10.75
CA GLY A 99 27.69 4.30 11.00
C GLY A 99 27.93 5.11 9.72
N GLY A 1 -5.69 18.67 4.98
CA GLY A 1 -4.46 18.43 5.79
C GLY A 1 -3.30 19.28 5.31
N SER A 2 -2.50 19.81 6.23
CA SER A 2 -1.43 20.78 5.94
C SER A 2 -0.09 20.14 5.51
N SER A 3 0.03 18.80 5.58
CA SER A 3 1.24 18.03 5.24
C SER A 3 0.91 16.53 5.03
N GLY A 4 1.88 15.74 4.58
CA GLY A 4 1.74 14.32 4.27
C GLY A 4 1.25 14.04 2.84
N SER A 5 0.96 12.78 2.54
CA SER A 5 0.51 12.30 1.23
C SER A 5 -0.14 10.90 1.32
N SER A 6 -0.70 10.41 0.21
CA SER A 6 -1.40 9.12 0.06
C SER A 6 -1.47 8.70 -1.42
N GLY A 7 -0.48 9.11 -2.24
CA GLY A 7 -0.52 8.98 -3.71
C GLY A 7 -0.51 7.54 -4.21
N ILE A 8 0.15 6.62 -3.50
CA ILE A 8 0.11 5.17 -3.79
C ILE A 8 -1.23 4.52 -3.39
N LYS A 9 -1.87 5.04 -2.35
CA LYS A 9 -3.21 4.63 -1.90
C LYS A 9 -4.28 5.05 -2.92
N ASN A 10 -4.15 6.27 -3.48
CA ASN A 10 -4.95 6.75 -4.59
C ASN A 10 -4.63 6.03 -5.92
N PHE A 11 -3.38 5.59 -6.14
CA PHE A 11 -2.98 4.87 -7.35
C PHE A 11 -3.64 3.49 -7.44
N LEU A 12 -3.74 2.74 -6.34
CA LEU A 12 -4.47 1.47 -6.32
C LEU A 12 -5.96 1.69 -6.60
N TYR A 13 -6.56 2.73 -6.00
CA TYR A 13 -7.96 3.09 -6.24
C TYR A 13 -8.24 3.48 -7.70
N ALA A 14 -7.35 4.28 -8.30
CA ALA A 14 -7.43 4.68 -9.71
C ALA A 14 -7.20 3.52 -10.68
N TRP A 15 -6.25 2.62 -10.39
CA TRP A 15 -6.01 1.40 -11.15
C TRP A 15 -7.24 0.47 -11.16
N CYS A 16 -7.86 0.28 -9.98
CA CYS A 16 -9.12 -0.44 -9.84
C CYS A 16 -10.24 0.22 -10.68
N GLY A 17 -10.36 1.55 -10.61
CA GLY A 17 -11.40 2.33 -11.33
C GLY A 17 -11.26 2.30 -12.85
N LYS A 18 -10.03 2.10 -13.38
CA LYS A 18 -9.77 1.91 -14.81
C LYS A 18 -10.09 0.49 -15.30
N ARG A 19 -10.40 -0.41 -14.35
CA ARG A 19 -10.70 -1.84 -14.56
C ARG A 19 -12.12 -2.23 -14.06
N LYS A 20 -12.95 -1.23 -13.70
CA LYS A 20 -14.33 -1.40 -13.19
C LYS A 20 -14.40 -2.11 -11.82
N MET A 21 -13.37 -1.95 -10.98
CA MET A 21 -13.22 -2.53 -9.64
C MET A 21 -13.12 -1.44 -8.55
N THR A 22 -13.14 -1.86 -7.28
CA THR A 22 -12.93 -1.02 -6.09
C THR A 22 -12.11 -1.82 -5.07
N PRO A 23 -11.02 -1.28 -4.49
CA PRO A 23 -10.22 -1.97 -3.48
C PRO A 23 -10.92 -1.93 -2.12
N ALA A 24 -10.82 -3.03 -1.36
CA ALA A 24 -11.42 -3.16 -0.04
C ALA A 24 -10.32 -3.26 1.04
N TYR A 25 -10.29 -2.27 1.94
CA TYR A 25 -9.32 -2.15 3.03
C TYR A 25 -9.88 -2.67 4.37
N GLU A 26 -8.99 -3.11 5.27
CA GLU A 26 -9.33 -3.52 6.65
C GLU A 26 -8.18 -3.17 7.60
N ILE A 27 -8.50 -2.64 8.79
CA ILE A 27 -7.53 -2.06 9.74
C ILE A 27 -7.63 -2.74 11.11
N ARG A 28 -6.49 -2.84 11.81
CA ARG A 28 -6.30 -3.53 13.09
C ARG A 28 -5.33 -2.75 13.98
N ALA A 29 -5.61 -2.68 15.28
CA ALA A 29 -4.76 -1.98 16.26
C ALA A 29 -3.76 -2.94 16.93
N VAL A 30 -2.53 -2.47 17.16
CA VAL A 30 -1.40 -3.24 17.71
C VAL A 30 -0.50 -2.36 18.59
N GLY A 31 0.33 -2.98 19.43
CA GLY A 31 1.30 -2.28 20.29
C GLY A 31 0.72 -1.77 21.61
N ASN A 32 1.47 -0.88 22.26
CA ASN A 32 1.20 -0.32 23.58
C ASN A 32 -0.03 0.61 23.62
N LYS A 33 -0.78 0.62 24.73
CA LYS A 33 -2.02 1.42 24.88
C LYS A 33 -1.79 2.94 24.79
N ASN A 34 -0.70 3.41 25.38
CA ASN A 34 -0.29 4.83 25.40
C ASN A 34 0.43 5.26 24.10
N ARG A 35 1.17 4.34 23.45
CA ARG A 35 1.82 4.53 22.15
C ARG A 35 1.32 3.48 21.16
N GLN A 36 0.11 3.70 20.63
CA GLN A 36 -0.62 2.75 19.80
C GLN A 36 -0.12 2.79 18.34
N LYS A 37 -0.18 1.65 17.65
CA LYS A 37 0.13 1.47 16.23
C LYS A 37 -0.99 0.70 15.51
N PHE A 38 -1.00 0.75 14.18
CA PHE A 38 -2.05 0.20 13.33
C PHE A 38 -1.48 -0.59 12.15
N MET A 39 -2.09 -1.73 11.87
CA MET A 39 -1.88 -2.54 10.67
C MET A 39 -3.04 -2.30 9.71
N CYS A 40 -2.79 -2.46 8.41
CA CYS A 40 -3.80 -2.40 7.37
C CYS A 40 -3.58 -3.55 6.36
N GLU A 41 -4.68 -4.08 5.84
CA GLU A 41 -4.74 -5.03 4.74
C GLU A 41 -5.59 -4.45 3.61
N VAL A 42 -5.32 -4.84 2.36
CA VAL A 42 -6.12 -4.48 1.18
C VAL A 42 -6.25 -5.67 0.23
N ARG A 43 -7.45 -5.82 -0.33
CA ARG A 43 -7.88 -6.95 -1.17
C ARG A 43 -8.73 -6.44 -2.35
N VAL A 44 -8.76 -7.20 -3.44
CA VAL A 44 -9.46 -6.86 -4.70
C VAL A 44 -10.08 -8.15 -5.28
N GLU A 45 -11.35 -8.07 -5.70
CA GLU A 45 -12.10 -9.21 -6.25
C GLU A 45 -11.44 -9.78 -7.51
N GLY A 46 -11.25 -11.11 -7.54
CA GLY A 46 -10.58 -11.83 -8.63
C GLY A 46 -9.08 -12.05 -8.43
N PHE A 47 -8.52 -11.63 -7.29
CA PHE A 47 -7.10 -11.80 -6.93
C PHE A 47 -6.99 -12.52 -5.57
N ASN A 48 -6.15 -13.57 -5.52
CA ASN A 48 -6.02 -14.44 -4.34
C ASN A 48 -5.09 -13.87 -3.25
N TYR A 49 -4.28 -12.86 -3.56
CA TYR A 49 -3.38 -12.19 -2.62
C TYR A 49 -4.10 -11.15 -1.74
N ALA A 50 -3.52 -10.87 -0.57
CA ALA A 50 -3.92 -9.77 0.33
C ALA A 50 -2.67 -8.97 0.71
N GLY A 51 -2.57 -7.72 0.24
CA GLY A 51 -1.45 -6.83 0.50
C GLY A 51 -1.60 -6.15 1.86
N MET A 52 -0.48 -5.88 2.54
CA MET A 52 -0.49 -5.43 3.93
C MET A 52 0.64 -4.46 4.31
N GLY A 53 0.35 -3.60 5.27
CA GLY A 53 1.25 -2.56 5.80
C GLY A 53 0.96 -2.24 7.28
N ASN A 54 1.81 -1.40 7.88
CA ASN A 54 1.65 -0.93 9.26
C ASN A 54 2.38 0.39 9.53
N SER A 55 1.91 1.16 10.52
CA SER A 55 2.49 2.44 10.95
C SER A 55 1.89 2.91 12.29
N THR A 56 2.30 4.09 12.79
CA THR A 56 1.72 4.78 13.96
C THR A 56 0.41 5.51 13.62
N ASN A 57 -0.01 5.48 12.34
CA ASN A 57 -1.21 6.12 11.82
C ASN A 57 -1.91 5.27 10.75
N LYS A 58 -3.23 5.39 10.65
CA LYS A 58 -4.10 4.55 9.81
C LYS A 58 -3.94 4.82 8.30
N LYS A 59 -3.75 6.07 7.88
CA LYS A 59 -3.52 6.41 6.46
C LYS A 59 -2.14 5.96 5.97
N ASP A 60 -1.12 6.07 6.83
CA ASP A 60 0.24 5.57 6.58
C ASP A 60 0.29 4.04 6.53
N ALA A 61 -0.57 3.36 7.28
CA ALA A 61 -0.73 1.90 7.19
C ALA A 61 -1.44 1.48 5.89
N GLN A 62 -2.49 2.22 5.47
CA GLN A 62 -3.19 2.00 4.19
C GLN A 62 -2.26 2.21 2.99
N SER A 63 -1.41 3.24 2.98
CA SER A 63 -0.50 3.48 1.85
C SER A 63 0.60 2.41 1.72
N ASN A 64 1.06 1.84 2.85
CA ASN A 64 1.94 0.67 2.84
C ASN A 64 1.22 -0.60 2.36
N ALA A 65 -0.05 -0.81 2.76
CA ALA A 65 -0.87 -1.93 2.28
C ALA A 65 -1.13 -1.84 0.78
N ALA A 66 -1.43 -0.64 0.27
CA ALA A 66 -1.59 -0.36 -1.14
C ALA A 66 -0.29 -0.61 -1.91
N ARG A 67 0.85 -0.09 -1.44
CA ARG A 67 2.15 -0.34 -2.07
C ARG A 67 2.48 -1.82 -2.15
N ASP A 68 2.18 -2.60 -1.10
CA ASP A 68 2.42 -4.05 -1.06
C ASP A 68 1.51 -4.84 -2.02
N PHE A 69 0.26 -4.39 -2.23
CA PHE A 69 -0.63 -4.99 -3.24
C PHE A 69 -0.25 -4.55 -4.67
N VAL A 70 0.14 -3.30 -4.88
CA VAL A 70 0.66 -2.81 -6.17
C VAL A 70 1.94 -3.55 -6.55
N ASN A 71 2.83 -3.80 -5.59
CA ASN A 71 4.00 -4.66 -5.77
C ASN A 71 3.60 -6.07 -6.25
N TYR A 72 2.62 -6.72 -5.62
CA TYR A 72 2.05 -7.98 -6.13
C TYR A 72 1.50 -7.85 -7.58
N LEU A 73 0.78 -6.78 -7.90
CA LEU A 73 0.27 -6.53 -9.26
C LEU A 73 1.39 -6.35 -10.30
N VAL A 74 2.54 -5.79 -9.92
CA VAL A 74 3.74 -5.73 -10.78
C VAL A 74 4.40 -7.10 -10.92
N ARG A 75 4.46 -7.89 -9.84
CA ARG A 75 4.99 -9.27 -9.87
C ARG A 75 4.18 -10.20 -10.80
N ILE A 76 2.87 -9.97 -10.97
CA ILE A 76 2.00 -10.69 -11.92
C ILE A 76 1.78 -9.95 -13.26
N ASN A 77 2.46 -8.82 -13.48
CA ASN A 77 2.47 -8.02 -14.72
C ASN A 77 1.13 -7.34 -15.06
N GLU A 78 0.25 -7.13 -14.07
CA GLU A 78 -1.02 -6.39 -14.19
C GLU A 78 -0.86 -4.88 -13.90
N VAL A 79 0.34 -4.45 -13.47
CA VAL A 79 0.80 -3.06 -13.35
C VAL A 79 2.26 -3.03 -13.87
N LYS A 80 2.67 -1.94 -14.54
CA LYS A 80 4.07 -1.68 -14.89
C LYS A 80 4.71 -0.73 -13.87
N SER A 81 5.92 -1.04 -13.38
CA SER A 81 6.57 -0.25 -12.32
C SER A 81 6.77 1.22 -12.70
N GLU A 82 6.95 1.55 -13.98
CA GLU A 82 7.11 2.92 -14.50
C GLU A 82 5.90 3.82 -14.18
N GLU A 83 4.72 3.25 -13.92
CA GLU A 83 3.51 3.97 -13.56
C GLU A 83 3.35 4.23 -12.05
N VAL A 84 4.09 3.48 -11.22
CA VAL A 84 3.90 3.44 -9.76
C VAL A 84 4.54 4.68 -9.09
N PRO A 85 3.78 5.45 -8.27
CA PRO A 85 4.30 6.61 -7.56
C PRO A 85 5.16 6.15 -6.37
N ALA A 86 6.44 6.55 -6.38
CA ALA A 86 7.46 6.20 -5.40
C ALA A 86 8.67 7.17 -5.49
N VAL A 87 9.60 7.10 -4.53
CA VAL A 87 10.84 7.88 -4.50
C VAL A 87 11.76 7.64 -5.71
N GLY A 88 11.56 6.53 -6.43
CA GLY A 88 12.22 6.19 -7.70
C GLY A 88 11.56 4.98 -8.36
N ILE A 89 11.74 4.83 -9.68
CA ILE A 89 11.21 3.67 -10.44
C ILE A 89 12.13 2.46 -10.20
N VAL A 90 11.67 1.53 -9.34
CA VAL A 90 12.39 0.33 -8.90
C VAL A 90 11.37 -0.83 -8.76
N PRO A 91 11.62 -2.01 -9.37
CA PRO A 91 10.68 -3.13 -9.33
C PRO A 91 10.65 -3.82 -7.95
N PRO A 92 9.60 -4.61 -7.64
CA PRO A 92 9.49 -5.36 -6.39
C PRO A 92 10.66 -6.35 -6.17
N PRO A 93 11.09 -6.58 -4.92
CA PRO A 93 12.14 -7.54 -4.59
C PRO A 93 11.64 -8.98 -4.73
N SER A 94 12.57 -9.92 -4.93
CA SER A 94 12.31 -11.35 -5.13
C SER A 94 13.59 -12.19 -4.87
N GLY A 95 13.42 -13.51 -4.68
CA GLY A 95 14.50 -14.45 -4.35
C GLY A 95 14.01 -15.71 -3.60
N PRO A 96 14.92 -16.48 -2.95
CA PRO A 96 14.58 -17.66 -2.18
C PRO A 96 13.87 -17.30 -0.86
N SER A 97 13.23 -18.29 -0.24
CA SER A 97 12.46 -18.15 1.00
C SER A 97 13.31 -17.65 2.20
N SER A 98 12.80 -16.67 2.95
CA SER A 98 13.54 -15.99 4.04
C SER A 98 13.67 -16.82 5.34
N GLY A 99 13.01 -17.99 5.43
CA GLY A 99 12.99 -18.88 6.59
C GLY A 99 12.26 -20.20 6.33
N GLY A 1 -8.04 14.55 1.35
CA GLY A 1 -9.25 13.72 1.61
C GLY A 1 -9.16 13.00 2.95
N SER A 2 -10.11 12.09 3.23
CA SER A 2 -10.18 11.34 4.50
C SER A 2 -9.04 10.31 4.70
N SER A 3 -8.41 9.87 3.61
CA SER A 3 -7.19 9.03 3.63
C SER A 3 -5.89 9.85 3.64
N GLY A 4 -5.97 11.18 3.78
CA GLY A 4 -4.85 12.10 3.68
C GLY A 4 -4.60 12.51 2.22
N SER A 5 -3.35 12.38 1.78
CA SER A 5 -2.88 12.82 0.45
C SER A 5 -1.95 11.78 -0.24
N SER A 6 -1.88 10.56 0.30
CA SER A 6 -0.94 9.51 -0.13
C SER A 6 -1.18 9.01 -1.57
N GLY A 7 -0.15 9.13 -2.42
CA GLY A 7 -0.27 8.84 -3.86
C GLY A 7 -0.44 7.35 -4.19
N ILE A 8 0.14 6.44 -3.39
CA ILE A 8 0.05 4.99 -3.63
C ILE A 8 -1.33 4.40 -3.28
N LYS A 9 -1.98 4.93 -2.24
CA LYS A 9 -3.35 4.58 -1.86
C LYS A 9 -4.34 5.02 -2.95
N ASN A 10 -4.16 6.26 -3.47
CA ASN A 10 -4.92 6.76 -4.61
C ASN A 10 -4.59 6.02 -5.92
N PHE A 11 -3.36 5.52 -6.09
CA PHE A 11 -2.92 4.81 -7.30
C PHE A 11 -3.60 3.45 -7.42
N LEU A 12 -3.71 2.68 -6.32
CA LEU A 12 -4.45 1.42 -6.31
C LEU A 12 -5.94 1.65 -6.62
N TYR A 13 -6.53 2.68 -6.01
CA TYR A 13 -7.93 3.05 -6.24
C TYR A 13 -8.19 3.47 -7.70
N ALA A 14 -7.31 4.27 -8.29
CA ALA A 14 -7.38 4.70 -9.70
C ALA A 14 -7.15 3.54 -10.67
N TRP A 15 -6.20 2.64 -10.39
CA TRP A 15 -5.95 1.43 -11.18
C TRP A 15 -7.18 0.51 -11.22
N CYS A 16 -7.82 0.30 -10.06
CA CYS A 16 -9.10 -0.41 -9.96
C CYS A 16 -10.19 0.28 -10.80
N GLY A 17 -10.28 1.61 -10.74
CA GLY A 17 -11.28 2.41 -11.47
C GLY A 17 -11.10 2.38 -13.00
N LYS A 18 -9.88 2.16 -13.50
CA LYS A 18 -9.59 1.96 -14.93
C LYS A 18 -9.94 0.53 -15.41
N ARG A 19 -10.31 -0.36 -14.47
CA ARG A 19 -10.70 -1.76 -14.69
C ARG A 19 -12.14 -2.06 -14.22
N LYS A 20 -12.91 -1.03 -13.85
CA LYS A 20 -14.30 -1.11 -13.34
C LYS A 20 -14.41 -1.88 -11.99
N MET A 21 -13.33 -1.87 -11.19
CA MET A 21 -13.22 -2.49 -9.86
C MET A 21 -13.12 -1.43 -8.74
N THR A 22 -13.14 -1.89 -7.49
CA THR A 22 -12.93 -1.08 -6.27
C THR A 22 -12.13 -1.92 -5.26
N PRO A 23 -11.05 -1.40 -4.66
CA PRO A 23 -10.25 -2.13 -3.67
C PRO A 23 -10.98 -2.15 -2.31
N ALA A 24 -10.81 -3.24 -1.57
CA ALA A 24 -11.40 -3.45 -0.25
C ALA A 24 -10.32 -3.52 0.83
N TYR A 25 -10.29 -2.52 1.71
CA TYR A 25 -9.33 -2.38 2.81
C TYR A 25 -9.92 -2.86 4.16
N GLU A 26 -9.05 -3.26 5.09
CA GLU A 26 -9.37 -3.64 6.47
C GLU A 26 -8.22 -3.26 7.41
N ILE A 27 -8.53 -2.89 8.66
CA ILE A 27 -7.59 -2.29 9.63
C ILE A 27 -7.71 -2.98 11.00
N ARG A 28 -6.58 -3.05 11.73
CA ARG A 28 -6.41 -3.73 13.02
C ARG A 28 -5.46 -2.92 13.92
N ALA A 29 -5.75 -2.84 15.22
CA ALA A 29 -4.93 -2.13 16.20
C ALA A 29 -3.95 -3.09 16.90
N VAL A 30 -2.70 -2.65 17.11
CA VAL A 30 -1.59 -3.45 17.68
C VAL A 30 -0.65 -2.59 18.53
N GLY A 31 0.25 -3.22 19.29
CA GLY A 31 1.29 -2.55 20.09
C GLY A 31 0.81 -2.09 21.46
N ASN A 32 1.75 -1.58 22.27
CA ASN A 32 1.51 -1.09 23.63
C ASN A 32 0.65 0.20 23.64
N LYS A 33 -0.27 0.32 24.60
CA LYS A 33 -1.21 1.46 24.73
C LYS A 33 -0.55 2.85 24.89
N ASN A 34 0.71 2.92 25.35
CA ASN A 34 1.48 4.17 25.48
C ASN A 34 1.95 4.74 24.12
N ARG A 35 2.03 3.89 23.08
CA ARG A 35 2.35 4.27 21.69
C ARG A 35 1.73 3.25 20.72
N GLN A 36 0.39 3.30 20.61
CA GLN A 36 -0.42 2.37 19.84
C GLN A 36 -0.16 2.50 18.33
N LYS A 37 -0.33 1.39 17.60
CA LYS A 37 0.00 1.22 16.19
C LYS A 37 -1.15 0.49 15.45
N PHE A 38 -1.13 0.52 14.11
CA PHE A 38 -2.17 -0.03 13.26
C PHE A 38 -1.58 -0.84 12.10
N MET A 39 -2.17 -2.02 11.86
CA MET A 39 -1.96 -2.84 10.67
C MET A 39 -3.11 -2.60 9.68
N CYS A 40 -2.85 -2.82 8.40
CA CYS A 40 -3.86 -2.74 7.34
C CYS A 40 -3.63 -3.83 6.29
N GLU A 41 -4.72 -4.30 5.71
CA GLU A 41 -4.77 -5.30 4.65
C GLU A 41 -5.68 -4.80 3.53
N VAL A 42 -5.37 -5.14 2.27
CA VAL A 42 -6.14 -4.72 1.09
C VAL A 42 -6.22 -5.86 0.06
N ARG A 43 -7.41 -6.00 -0.55
CA ARG A 43 -7.77 -7.08 -1.46
C ARG A 43 -8.57 -6.52 -2.66
N VAL A 44 -8.62 -7.26 -3.77
CA VAL A 44 -9.35 -6.92 -5.00
C VAL A 44 -9.97 -8.21 -5.56
N GLU A 45 -11.24 -8.13 -5.98
CA GLU A 45 -12.00 -9.28 -6.50
C GLU A 45 -11.35 -9.88 -7.77
N GLY A 46 -11.15 -11.20 -7.77
CA GLY A 46 -10.50 -11.95 -8.86
C GLY A 46 -9.00 -12.16 -8.68
N PHE A 47 -8.41 -11.68 -7.58
CA PHE A 47 -6.99 -11.85 -7.23
C PHE A 47 -6.85 -12.63 -5.93
N ASN A 48 -5.97 -13.64 -5.92
CA ASN A 48 -5.83 -14.60 -4.81
C ASN A 48 -4.97 -14.08 -3.64
N TYR A 49 -4.22 -12.99 -3.84
CA TYR A 49 -3.37 -12.37 -2.82
C TYR A 49 -4.11 -11.30 -1.98
N ALA A 50 -3.61 -11.04 -0.77
CA ALA A 50 -4.02 -9.94 0.09
C ALA A 50 -2.77 -9.17 0.55
N GLY A 51 -2.62 -7.93 0.08
CA GLY A 51 -1.47 -7.07 0.40
C GLY A 51 -1.64 -6.43 1.77
N MET A 52 -0.52 -6.17 2.45
CA MET A 52 -0.53 -5.78 3.86
C MET A 52 0.61 -4.85 4.26
N GLY A 53 0.33 -3.96 5.23
CA GLY A 53 1.25 -2.99 5.80
C GLY A 53 0.91 -2.63 7.24
N ASN A 54 1.74 -1.80 7.87
CA ASN A 54 1.53 -1.28 9.23
C ASN A 54 2.22 0.08 9.44
N SER A 55 1.79 0.82 10.46
CA SER A 55 2.36 2.12 10.86
C SER A 55 1.83 2.58 12.23
N THR A 56 2.18 3.81 12.66
CA THR A 56 1.65 4.47 13.86
C THR A 56 0.23 5.01 13.68
N ASN A 57 -0.27 5.02 12.44
CA ASN A 57 -1.52 5.69 12.05
C ASN A 57 -2.20 4.97 10.87
N LYS A 58 -3.52 5.07 10.79
CA LYS A 58 -4.35 4.35 9.82
C LYS A 58 -4.14 4.77 8.35
N LYS A 59 -3.74 6.02 8.10
CA LYS A 59 -3.48 6.54 6.75
C LYS A 59 -2.20 5.93 6.13
N ASP A 60 -1.09 5.95 6.87
CA ASP A 60 0.18 5.38 6.41
C ASP A 60 0.16 3.85 6.42
N ALA A 61 -0.61 3.23 7.32
CA ALA A 61 -0.85 1.77 7.30
C ALA A 61 -1.58 1.33 6.02
N GLN A 62 -2.63 2.04 5.61
CA GLN A 62 -3.31 1.81 4.33
C GLN A 62 -2.39 2.07 3.13
N SER A 63 -1.54 3.09 3.20
CA SER A 63 -0.57 3.39 2.13
C SER A 63 0.48 2.28 1.98
N ASN A 64 0.91 1.68 3.09
CA ASN A 64 1.84 0.54 3.08
C ASN A 64 1.16 -0.76 2.60
N ALA A 65 -0.13 -0.97 2.93
CA ALA A 65 -0.93 -2.08 2.40
C ALA A 65 -1.14 -1.95 0.88
N ALA A 66 -1.45 -0.75 0.39
CA ALA A 66 -1.57 -0.45 -1.04
C ALA A 66 -0.24 -0.67 -1.78
N ARG A 67 0.87 -0.14 -1.24
CA ARG A 67 2.23 -0.35 -1.76
C ARG A 67 2.56 -1.85 -1.91
N ASP A 68 2.19 -2.67 -0.93
CA ASP A 68 2.43 -4.12 -0.95
C ASP A 68 1.54 -4.87 -1.96
N PHE A 69 0.29 -4.45 -2.15
CA PHE A 69 -0.60 -5.04 -3.17
C PHE A 69 -0.23 -4.58 -4.59
N VAL A 70 0.17 -3.33 -4.78
CA VAL A 70 0.68 -2.84 -6.08
C VAL A 70 1.99 -3.56 -6.45
N ASN A 71 2.85 -3.82 -5.46
CA ASN A 71 4.02 -4.69 -5.64
C ASN A 71 3.62 -6.08 -6.16
N TYR A 72 2.60 -6.73 -5.57
CA TYR A 72 2.03 -7.97 -6.13
C TYR A 72 1.53 -7.80 -7.58
N LEU A 73 0.78 -6.73 -7.89
CA LEU A 73 0.29 -6.45 -9.26
C LEU A 73 1.42 -6.24 -10.27
N VAL A 74 2.55 -5.65 -9.88
CA VAL A 74 3.78 -5.54 -10.70
C VAL A 74 4.42 -6.92 -10.92
N ARG A 75 4.49 -7.73 -9.85
CA ARG A 75 5.07 -9.08 -9.88
C ARG A 75 4.28 -10.08 -10.73
N ILE A 76 3.00 -9.81 -11.01
CA ILE A 76 2.15 -10.54 -11.99
C ILE A 76 1.95 -9.78 -13.32
N ASN A 77 2.63 -8.65 -13.51
CA ASN A 77 2.65 -7.83 -14.75
C ASN A 77 1.30 -7.14 -15.09
N GLU A 78 0.41 -6.97 -14.11
CA GLU A 78 -0.87 -6.25 -14.24
C GLU A 78 -0.74 -4.74 -13.92
N VAL A 79 0.45 -4.31 -13.47
CA VAL A 79 0.87 -2.91 -13.32
C VAL A 79 2.31 -2.80 -13.83
N LYS A 80 2.66 -1.75 -14.57
CA LYS A 80 4.05 -1.45 -14.93
C LYS A 80 4.70 -0.56 -13.86
N SER A 81 5.89 -0.95 -13.41
CA SER A 81 6.58 -0.31 -12.27
C SER A 81 6.84 1.19 -12.46
N GLU A 82 7.11 1.62 -13.70
CA GLU A 82 7.39 3.03 -14.05
C GLU A 82 6.20 3.97 -13.76
N GLU A 83 4.99 3.44 -13.60
CA GLU A 83 3.79 4.21 -13.24
C GLU A 83 3.59 4.34 -11.71
N VAL A 84 4.26 3.52 -10.91
CA VAL A 84 4.00 3.37 -9.46
C VAL A 84 4.68 4.50 -8.65
N PRO A 85 3.94 5.24 -7.80
CA PRO A 85 4.50 6.25 -6.92
C PRO A 85 5.14 5.62 -5.67
N ALA A 86 6.22 6.22 -5.18
CA ALA A 86 6.96 5.76 -4.00
C ALA A 86 6.36 6.30 -2.69
N VAL A 87 6.06 5.42 -1.74
CA VAL A 87 5.52 5.74 -0.40
C VAL A 87 6.49 6.48 0.52
N GLY A 88 7.79 6.50 0.18
CA GLY A 88 8.86 7.16 0.94
C GLY A 88 10.26 6.82 0.40
N ILE A 89 11.27 7.55 0.90
CA ILE A 89 12.69 7.41 0.52
C ILE A 89 13.51 6.99 1.75
N VAL A 90 14.43 6.03 1.59
CA VAL A 90 15.26 5.45 2.66
C VAL A 90 16.69 5.20 2.13
N PRO A 91 17.77 5.55 2.88
CA PRO A 91 19.15 5.33 2.47
C PRO A 91 19.49 3.84 2.20
N PRO A 92 20.56 3.55 1.43
CA PRO A 92 21.06 2.18 1.21
C PRO A 92 21.40 1.43 2.51
N PRO A 93 21.25 0.09 2.54
CA PRO A 93 21.56 -0.73 3.71
C PRO A 93 23.06 -0.83 3.99
N SER A 94 23.92 -0.43 3.05
CA SER A 94 25.38 -0.29 3.22
C SER A 94 25.80 1.04 3.87
N GLY A 95 24.84 1.96 4.11
CA GLY A 95 25.06 3.25 4.78
C GLY A 95 25.11 3.17 6.31
N PRO A 96 25.43 4.28 7.00
CA PRO A 96 25.51 4.35 8.46
C PRO A 96 24.11 4.25 9.10
N SER A 97 24.05 3.66 10.30
CA SER A 97 22.81 3.45 11.07
C SER A 97 23.09 3.05 12.53
N SER A 98 23.89 1.99 12.75
CA SER A 98 24.22 1.45 14.09
C SER A 98 25.73 1.59 14.44
N GLY A 99 26.50 2.27 13.60
CA GLY A 99 27.95 2.50 13.71
C GLY A 99 28.53 3.32 12.56
N GLY A 1 -13.15 16.01 3.71
CA GLY A 1 -12.25 14.85 3.87
C GLY A 1 -10.96 15.23 4.58
N SER A 2 -10.16 14.23 4.99
CA SER A 2 -8.94 14.41 5.80
C SER A 2 -7.72 14.93 5.00
N SER A 3 -7.80 14.92 3.66
CA SER A 3 -6.77 15.41 2.72
C SER A 3 -7.37 15.62 1.32
N GLY A 4 -6.72 16.43 0.48
CA GLY A 4 -7.13 16.68 -0.91
C GLY A 4 -6.69 15.58 -1.89
N SER A 5 -5.69 14.76 -1.54
CA SER A 5 -5.11 13.71 -2.38
C SER A 5 -4.16 12.78 -1.58
N SER A 6 -3.58 11.79 -2.26
CA SER A 6 -2.51 10.90 -1.79
C SER A 6 -1.79 10.24 -3.00
N GLY A 7 -0.74 9.44 -2.76
CA GLY A 7 0.10 8.85 -3.81
C GLY A 7 -0.29 7.42 -4.14
N ILE A 8 0.19 6.47 -3.34
CA ILE A 8 0.09 5.02 -3.63
C ILE A 8 -1.28 4.42 -3.29
N LYS A 9 -1.94 4.93 -2.24
CA LYS A 9 -3.31 4.55 -1.87
C LYS A 9 -4.31 5.02 -2.96
N ASN A 10 -4.10 6.24 -3.46
CA ASN A 10 -4.78 6.80 -4.62
C ASN A 10 -4.49 6.01 -5.92
N PHE A 11 -3.24 5.55 -6.10
CA PHE A 11 -2.82 4.81 -7.30
C PHE A 11 -3.55 3.46 -7.41
N LEU A 12 -3.65 2.70 -6.30
CA LEU A 12 -4.41 1.45 -6.30
C LEU A 12 -5.89 1.68 -6.59
N TYR A 13 -6.48 2.71 -5.98
CA TYR A 13 -7.88 3.08 -6.20
C TYR A 13 -8.18 3.51 -7.65
N ALA A 14 -7.29 4.31 -8.24
CA ALA A 14 -7.38 4.76 -9.65
C ALA A 14 -7.13 3.62 -10.64
N TRP A 15 -6.19 2.71 -10.36
CA TRP A 15 -5.94 1.51 -11.15
C TRP A 15 -7.17 0.59 -11.17
N CYS A 16 -7.78 0.37 -10.01
CA CYS A 16 -9.06 -0.34 -9.90
C CYS A 16 -10.18 0.34 -10.72
N GLY A 17 -10.31 1.67 -10.62
CA GLY A 17 -11.34 2.45 -11.31
C GLY A 17 -11.19 2.48 -12.83
N LYS A 18 -9.97 2.31 -13.36
CA LYS A 18 -9.70 2.19 -14.79
C LYS A 18 -10.01 0.77 -15.33
N ARG A 19 -10.32 -0.17 -14.43
CA ARG A 19 -10.63 -1.59 -14.68
C ARG A 19 -12.04 -1.98 -14.21
N LYS A 20 -12.88 -1.00 -13.80
CA LYS A 20 -14.25 -1.18 -13.30
C LYS A 20 -14.33 -1.95 -11.96
N MET A 21 -13.30 -1.83 -11.12
CA MET A 21 -13.15 -2.46 -9.80
C MET A 21 -13.05 -1.40 -8.68
N THR A 22 -13.05 -1.85 -7.42
CA THR A 22 -12.83 -1.03 -6.21
C THR A 22 -12.03 -1.87 -5.19
N PRO A 23 -10.96 -1.33 -4.57
CA PRO A 23 -10.18 -2.04 -3.56
C PRO A 23 -10.91 -2.05 -2.21
N ALA A 24 -10.65 -3.08 -1.39
CA ALA A 24 -11.25 -3.27 -0.08
C ALA A 24 -10.16 -3.44 0.99
N TYR A 25 -10.11 -2.50 1.94
CA TYR A 25 -9.13 -2.43 3.03
C TYR A 25 -9.69 -2.97 4.37
N GLU A 26 -8.81 -3.40 5.28
CA GLU A 26 -9.15 -3.84 6.64
C GLU A 26 -8.01 -3.50 7.61
N ILE A 27 -8.32 -3.01 8.81
CA ILE A 27 -7.37 -2.41 9.77
C ILE A 27 -7.46 -3.07 11.16
N ARG A 28 -6.32 -3.12 11.87
CA ARG A 28 -6.18 -3.62 13.25
C ARG A 28 -5.25 -2.72 14.07
N ALA A 29 -5.62 -2.41 15.31
CA ALA A 29 -4.80 -1.64 16.26
C ALA A 29 -3.86 -2.57 17.05
N VAL A 30 -2.60 -2.16 17.25
CA VAL A 30 -1.53 -2.97 17.86
C VAL A 30 -0.57 -2.11 18.69
N GLY A 31 0.21 -2.74 19.58
CA GLY A 31 1.25 -2.09 20.40
C GLY A 31 0.72 -1.48 21.70
N ASN A 32 1.61 -0.75 22.39
CA ASN A 32 1.33 -0.01 23.63
C ASN A 32 0.19 1.01 23.45
N LYS A 33 -0.69 1.16 24.44
CA LYS A 33 -1.90 2.02 24.34
C LYS A 33 -1.59 3.51 24.13
N ASN A 34 -0.63 4.04 24.89
CA ASN A 34 -0.19 5.44 24.78
C ASN A 34 0.63 5.72 23.49
N ARG A 35 1.32 4.70 22.97
CA ARG A 35 2.16 4.73 21.76
C ARG A 35 1.61 3.76 20.68
N GLN A 36 0.31 3.83 20.40
CA GLN A 36 -0.40 2.83 19.59
C GLN A 36 -0.09 2.94 18.09
N LYS A 37 -0.19 1.80 17.41
CA LYS A 37 0.11 1.60 15.98
C LYS A 37 -1.04 0.84 15.30
N PHE A 38 -1.08 0.87 13.97
CA PHE A 38 -2.15 0.31 13.14
C PHE A 38 -1.58 -0.51 11.99
N MET A 39 -2.00 -1.78 11.90
CA MET A 39 -1.78 -2.67 10.77
C MET A 39 -2.94 -2.52 9.78
N CYS A 40 -2.67 -2.80 8.50
CA CYS A 40 -3.66 -2.75 7.43
C CYS A 40 -3.43 -3.87 6.41
N GLU A 41 -4.52 -4.39 5.85
CA GLU A 41 -4.56 -5.32 4.73
C GLU A 41 -5.42 -4.71 3.61
N VAL A 42 -5.19 -5.13 2.35
CA VAL A 42 -5.99 -4.73 1.19
C VAL A 42 -6.12 -5.88 0.17
N ARG A 43 -7.30 -5.99 -0.43
CA ARG A 43 -7.71 -7.00 -1.41
C ARG A 43 -8.50 -6.35 -2.56
N VAL A 44 -8.58 -7.06 -3.69
CA VAL A 44 -9.33 -6.66 -4.90
C VAL A 44 -10.01 -7.91 -5.47
N GLU A 45 -11.29 -7.78 -5.86
CA GLU A 45 -12.10 -8.89 -6.39
C GLU A 45 -11.47 -9.50 -7.66
N GLY A 46 -11.32 -10.83 -7.68
CA GLY A 46 -10.71 -11.59 -8.78
C GLY A 46 -9.22 -11.88 -8.58
N PHE A 47 -8.61 -11.46 -7.46
CA PHE A 47 -7.21 -11.71 -7.11
C PHE A 47 -7.13 -12.43 -5.75
N ASN A 48 -6.37 -13.54 -5.71
CA ASN A 48 -6.24 -14.40 -4.51
C ASN A 48 -5.29 -13.82 -3.45
N TYR A 49 -4.37 -12.93 -3.84
CA TYR A 49 -3.41 -12.26 -2.96
C TYR A 49 -4.06 -11.21 -2.03
N ALA A 50 -3.41 -10.94 -0.90
CA ALA A 50 -3.73 -9.83 0.00
C ALA A 50 -2.44 -9.10 0.41
N GLY A 51 -2.35 -7.81 0.07
CA GLY A 51 -1.23 -6.94 0.42
C GLY A 51 -1.43 -6.33 1.80
N MET A 52 -0.35 -6.05 2.51
CA MET A 52 -0.38 -5.63 3.92
C MET A 52 0.75 -4.67 4.31
N GLY A 53 0.46 -3.83 5.31
CA GLY A 53 1.36 -2.81 5.86
C GLY A 53 1.06 -2.49 7.32
N ASN A 54 1.88 -1.60 7.90
CA ASN A 54 1.73 -1.09 9.27
C ASN A 54 2.31 0.32 9.38
N SER A 55 1.84 1.10 10.35
CA SER A 55 2.31 2.45 10.67
C SER A 55 1.79 2.96 12.03
N THR A 56 2.11 4.22 12.37
CA THR A 56 1.60 4.93 13.57
C THR A 56 0.17 5.44 13.40
N ASN A 57 -0.36 5.39 12.18
CA ASN A 57 -1.65 5.97 11.79
C ASN A 57 -2.33 5.20 10.66
N LYS A 58 -3.66 5.24 10.62
CA LYS A 58 -4.49 4.46 9.68
C LYS A 58 -4.32 4.86 8.20
N LYS A 59 -3.95 6.11 7.91
CA LYS A 59 -3.75 6.59 6.53
C LYS A 59 -2.48 6.00 5.91
N ASP A 60 -1.34 6.14 6.59
CA ASP A 60 -0.05 5.61 6.12
C ASP A 60 -0.02 4.07 6.14
N ALA A 61 -0.73 3.43 7.08
CA ALA A 61 -0.90 1.96 7.08
C ALA A 61 -1.62 1.46 5.82
N GLN A 62 -2.69 2.16 5.37
CA GLN A 62 -3.37 1.86 4.10
C GLN A 62 -2.46 2.10 2.90
N SER A 63 -1.66 3.18 2.87
CA SER A 63 -0.67 3.42 1.82
C SER A 63 0.39 2.31 1.74
N ASN A 64 0.82 1.76 2.89
CA ASN A 64 1.80 0.69 2.94
C ASN A 64 1.19 -0.66 2.50
N ALA A 65 -0.08 -0.93 2.86
CA ALA A 65 -0.83 -2.08 2.35
C ALA A 65 -1.07 -1.99 0.82
N ALA A 66 -1.41 -0.81 0.32
CA ALA A 66 -1.58 -0.55 -1.11
C ALA A 66 -0.26 -0.77 -1.87
N ARG A 67 0.86 -0.24 -1.38
CA ARG A 67 2.18 -0.43 -1.98
C ARG A 67 2.56 -1.91 -2.10
N ASP A 68 2.21 -2.72 -1.10
CA ASP A 68 2.47 -4.16 -1.07
C ASP A 68 1.56 -4.96 -2.02
N PHE A 69 0.29 -4.54 -2.21
CA PHE A 69 -0.59 -5.14 -3.22
C PHE A 69 -0.20 -4.72 -4.65
N VAL A 70 0.22 -3.47 -4.86
CA VAL A 70 0.75 -3.01 -6.15
C VAL A 70 2.04 -3.76 -6.52
N ASN A 71 2.87 -4.09 -5.52
CA ASN A 71 4.04 -4.94 -5.70
C ASN A 71 3.66 -6.33 -6.25
N TYR A 72 2.56 -6.94 -5.77
CA TYR A 72 1.99 -8.16 -6.36
C TYR A 72 1.48 -7.93 -7.79
N LEU A 73 0.76 -6.83 -8.06
CA LEU A 73 0.25 -6.50 -9.41
C LEU A 73 1.37 -6.31 -10.44
N VAL A 74 2.53 -5.77 -10.03
CA VAL A 74 3.74 -5.69 -10.87
C VAL A 74 4.32 -7.09 -11.14
N ARG A 75 4.40 -7.93 -10.10
CA ARG A 75 4.93 -9.30 -10.20
C ARG A 75 4.07 -10.22 -11.10
N ILE A 76 2.78 -9.94 -11.26
CA ILE A 76 1.88 -10.61 -12.23
C ILE A 76 1.69 -9.83 -13.55
N ASN A 77 2.41 -8.71 -13.73
CA ASN A 77 2.45 -7.89 -14.95
C ASN A 77 1.14 -7.15 -15.27
N GLU A 78 0.28 -6.93 -14.26
CA GLU A 78 -0.98 -6.17 -14.36
C GLU A 78 -0.81 -4.67 -14.02
N VAL A 79 0.38 -4.27 -13.59
CA VAL A 79 0.86 -2.88 -13.42
C VAL A 79 2.29 -2.80 -13.96
N LYS A 80 2.62 -1.72 -14.69
CA LYS A 80 4.00 -1.41 -15.07
C LYS A 80 4.71 -0.66 -13.93
N SER A 81 5.87 -1.15 -13.48
CA SER A 81 6.60 -0.56 -12.34
C SER A 81 6.92 0.93 -12.51
N GLU A 82 7.18 1.37 -13.75
CA GLU A 82 7.50 2.77 -14.09
C GLU A 82 6.36 3.77 -13.81
N GLU A 83 5.13 3.28 -13.60
CA GLU A 83 3.97 4.10 -13.23
C GLU A 83 3.77 4.21 -11.71
N VAL A 84 4.42 3.36 -10.90
CA VAL A 84 4.16 3.22 -9.46
C VAL A 84 4.80 4.37 -8.66
N PRO A 85 4.01 5.14 -7.86
CA PRO A 85 4.53 6.23 -7.03
C PRO A 85 5.09 5.70 -5.71
N ALA A 86 6.08 6.41 -5.16
CA ALA A 86 6.69 6.12 -3.86
C ALA A 86 6.01 6.94 -2.75
N VAL A 87 5.69 6.32 -1.61
CA VAL A 87 5.07 6.95 -0.43
C VAL A 87 5.96 8.01 0.24
N GLY A 88 7.27 7.99 -0.03
CA GLY A 88 8.27 8.97 0.41
C GLY A 88 9.61 8.75 -0.29
N ILE A 89 10.40 9.82 -0.45
CA ILE A 89 11.71 9.81 -1.13
C ILE A 89 12.75 10.51 -0.23
N VAL A 90 13.85 9.81 0.09
CA VAL A 90 14.94 10.28 0.97
C VAL A 90 16.27 9.70 0.44
N PRO A 91 17.34 10.51 0.27
CA PRO A 91 18.63 10.04 -0.26
C PRO A 91 19.39 9.18 0.79
N PRO A 92 20.31 8.30 0.36
CA PRO A 92 21.09 7.44 1.26
C PRO A 92 21.86 8.25 2.33
N PRO A 93 21.67 7.96 3.63
CA PRO A 93 22.33 8.67 4.73
C PRO A 93 23.74 8.11 4.99
N SER A 94 24.57 8.90 5.68
CA SER A 94 25.94 8.52 6.07
C SER A 94 26.00 7.50 7.23
N GLY A 95 24.85 7.13 7.82
CA GLY A 95 24.77 6.18 8.94
C GLY A 95 25.50 6.72 10.17
N PRO A 96 26.47 5.98 10.76
CA PRO A 96 27.27 6.45 11.89
C PRO A 96 28.38 7.43 11.48
N SER A 97 28.68 7.59 10.18
CA SER A 97 29.80 8.41 9.69
C SER A 97 29.47 9.92 9.59
N SER A 98 28.31 10.35 10.07
CA SER A 98 27.88 11.76 10.13
C SER A 98 28.52 12.56 11.29
N GLY A 99 29.20 11.90 12.23
CA GLY A 99 29.89 12.51 13.37
C GLY A 99 30.58 11.48 14.27
N GLY A 1 -8.65 20.78 5.09
CA GLY A 1 -9.25 19.48 4.75
C GLY A 1 -9.71 18.73 5.99
N SER A 2 -10.75 17.90 5.86
CA SER A 2 -11.37 17.16 6.98
C SER A 2 -10.74 15.78 7.25
N SER A 3 -9.87 15.29 6.36
CA SER A 3 -9.19 13.98 6.45
C SER A 3 -7.98 13.91 5.51
N GLY A 4 -6.97 13.11 5.86
CA GLY A 4 -5.73 12.91 5.08
C GLY A 4 -5.90 11.97 3.88
N SER A 5 -4.87 11.89 3.05
CA SER A 5 -4.83 11.10 1.81
C SER A 5 -3.37 10.81 1.36
N SER A 6 -3.17 10.00 0.31
CA SER A 6 -1.85 9.53 -0.13
C SER A 6 -1.86 9.06 -1.59
N GLY A 7 -0.74 9.29 -2.31
CA GLY A 7 -0.64 9.06 -3.75
C GLY A 7 -0.62 7.58 -4.15
N ILE A 8 -0.01 6.70 -3.35
CA ILE A 8 -0.01 5.24 -3.62
C ILE A 8 -1.34 4.58 -3.25
N LYS A 9 -2.01 5.08 -2.21
CA LYS A 9 -3.36 4.65 -1.83
C LYS A 9 -4.39 5.05 -2.90
N ASN A 10 -4.27 6.27 -3.44
CA ASN A 10 -5.05 6.73 -4.58
C ASN A 10 -4.68 6.01 -5.90
N PHE A 11 -3.42 5.57 -6.07
CA PHE A 11 -2.99 4.86 -7.28
C PHE A 11 -3.62 3.48 -7.40
N LEU A 12 -3.74 2.72 -6.30
CA LEU A 12 -4.46 1.45 -6.29
C LEU A 12 -5.95 1.66 -6.60
N TYR A 13 -6.57 2.68 -5.99
CA TYR A 13 -7.97 3.04 -6.23
C TYR A 13 -8.24 3.43 -7.70
N ALA A 14 -7.34 4.23 -8.29
CA ALA A 14 -7.41 4.66 -9.69
C ALA A 14 -7.16 3.49 -10.68
N TRP A 15 -6.23 2.59 -10.37
CA TRP A 15 -5.97 1.38 -11.16
C TRP A 15 -7.20 0.46 -11.20
N CYS A 16 -7.81 0.22 -10.04
CA CYS A 16 -9.09 -0.48 -9.91
C CYS A 16 -10.21 0.22 -10.72
N GLY A 17 -10.30 1.56 -10.64
CA GLY A 17 -11.31 2.36 -11.34
C GLY A 17 -11.16 2.35 -12.87
N LYS A 18 -9.95 2.13 -13.38
CA LYS A 18 -9.67 1.94 -14.82
C LYS A 18 -10.03 0.53 -15.33
N ARG A 19 -10.38 -0.38 -14.40
CA ARG A 19 -10.78 -1.77 -14.62
C ARG A 19 -12.21 -2.07 -14.12
N LYS A 20 -12.98 -1.04 -13.72
CA LYS A 20 -14.35 -1.13 -13.19
C LYS A 20 -14.45 -1.89 -11.84
N MET A 21 -13.37 -1.86 -11.05
CA MET A 21 -13.24 -2.48 -9.71
C MET A 21 -13.12 -1.41 -8.62
N THR A 22 -13.14 -1.86 -7.35
CA THR A 22 -12.94 -1.06 -6.13
C THR A 22 -12.12 -1.89 -5.13
N PRO A 23 -11.01 -1.36 -4.56
CA PRO A 23 -10.21 -2.07 -3.57
C PRO A 23 -10.90 -2.06 -2.21
N ALA A 24 -10.74 -3.14 -1.44
CA ALA A 24 -11.31 -3.32 -0.11
C ALA A 24 -10.21 -3.42 0.95
N TYR A 25 -10.17 -2.44 1.86
CA TYR A 25 -9.18 -2.33 2.94
C TYR A 25 -9.74 -2.83 4.29
N GLU A 26 -8.85 -3.22 5.21
CA GLU A 26 -9.15 -3.55 6.61
C GLU A 26 -7.98 -3.16 7.51
N ILE A 27 -8.25 -2.79 8.76
CA ILE A 27 -7.30 -2.17 9.71
C ILE A 27 -7.36 -2.87 11.08
N ARG A 28 -6.21 -2.96 11.77
CA ARG A 28 -6.02 -3.73 13.00
C ARG A 28 -5.03 -3.03 13.95
N ALA A 29 -5.37 -2.94 15.23
CA ALA A 29 -4.58 -2.25 16.26
C ALA A 29 -3.51 -3.18 16.87
N VAL A 30 -2.30 -2.67 17.11
CA VAL A 30 -1.14 -3.43 17.60
C VAL A 30 -0.20 -2.57 18.46
N GLY A 31 0.56 -3.22 19.34
CA GLY A 31 1.57 -2.59 20.21
C GLY A 31 0.99 -2.09 21.54
N ASN A 32 1.68 -1.13 22.15
CA ASN A 32 1.35 -0.55 23.46
C ASN A 32 0.03 0.25 23.44
N LYS A 33 -0.76 0.15 24.51
CA LYS A 33 -2.11 0.77 24.60
C LYS A 33 -2.13 2.31 24.56
N ASN A 34 -1.03 2.97 24.95
CA ASN A 34 -0.86 4.43 24.86
C ASN A 34 -0.10 4.82 23.58
N ARG A 35 1.04 4.18 23.31
CA ARG A 35 1.83 4.32 22.07
C ARG A 35 1.29 3.37 20.99
N GLN A 36 0.04 3.59 20.60
CA GLN A 36 -0.75 2.74 19.72
C GLN A 36 -0.22 2.77 18.28
N LYS A 37 -0.27 1.62 17.60
CA LYS A 37 0.10 1.44 16.19
C LYS A 37 -0.97 0.63 15.44
N PHE A 38 -0.99 0.74 14.11
CA PHE A 38 -2.02 0.17 13.24
C PHE A 38 -1.40 -0.56 12.05
N MET A 39 -1.88 -1.79 11.83
CA MET A 39 -1.64 -2.58 10.63
C MET A 39 -2.83 -2.40 9.69
N CYS A 40 -2.61 -2.61 8.40
CA CYS A 40 -3.64 -2.56 7.36
C CYS A 40 -3.38 -3.64 6.31
N GLU A 41 -4.45 -4.15 5.72
CA GLU A 41 -4.43 -5.10 4.60
C GLU A 41 -5.44 -4.67 3.54
N VAL A 42 -5.18 -5.00 2.28
CA VAL A 42 -6.01 -4.64 1.12
C VAL A 42 -6.12 -5.80 0.12
N ARG A 43 -7.31 -5.94 -0.47
CA ARG A 43 -7.73 -7.02 -1.36
C ARG A 43 -8.57 -6.47 -2.52
N VAL A 44 -8.65 -7.21 -3.63
CA VAL A 44 -9.40 -6.84 -4.84
C VAL A 44 -10.07 -8.10 -5.41
N GLU A 45 -11.35 -7.98 -5.81
CA GLU A 45 -12.14 -9.09 -6.35
C GLU A 45 -11.51 -9.69 -7.62
N GLY A 46 -11.34 -11.02 -7.64
CA GLY A 46 -10.70 -11.75 -8.73
C GLY A 46 -9.19 -12.00 -8.54
N PHE A 47 -8.62 -11.57 -7.40
CA PHE A 47 -7.21 -11.75 -7.04
C PHE A 47 -7.10 -12.40 -5.65
N ASN A 48 -6.35 -13.51 -5.57
CA ASN A 48 -6.23 -14.31 -4.35
C ASN A 48 -5.26 -13.74 -3.29
N TYR A 49 -4.46 -12.72 -3.65
CA TYR A 49 -3.48 -12.08 -2.78
C TYR A 49 -4.12 -11.08 -1.78
N ALA A 50 -3.43 -10.84 -0.67
CA ALA A 50 -3.74 -9.78 0.30
C ALA A 50 -2.45 -9.04 0.66
N GLY A 51 -2.32 -7.80 0.16
CA GLY A 51 -1.18 -6.92 0.43
C GLY A 51 -1.38 -6.20 1.75
N MET A 52 -0.31 -5.97 2.51
CA MET A 52 -0.37 -5.48 3.89
C MET A 52 0.81 -4.62 4.31
N GLY A 53 0.56 -3.72 5.27
CA GLY A 53 1.51 -2.76 5.83
C GLY A 53 1.16 -2.35 7.25
N ASN A 54 1.95 -1.44 7.84
CA ASN A 54 1.70 -0.88 9.16
C ASN A 54 2.34 0.51 9.35
N SER A 55 1.90 1.26 10.36
CA SER A 55 2.47 2.53 10.82
C SER A 55 1.87 2.95 12.18
N THR A 56 2.28 4.12 12.70
CA THR A 56 1.68 4.78 13.89
C THR A 56 0.33 5.43 13.57
N ASN A 57 -0.01 5.59 12.29
CA ASN A 57 -1.24 6.23 11.81
C ASN A 57 -1.86 5.49 10.61
N LYS A 58 -3.19 5.51 10.52
CA LYS A 58 -3.98 4.69 9.60
C LYS A 58 -3.82 5.03 8.10
N LYS A 59 -3.51 6.28 7.75
CA LYS A 59 -3.24 6.68 6.35
C LYS A 59 -1.94 6.07 5.82
N ASP A 60 -0.87 6.06 6.61
CA ASP A 60 0.41 5.47 6.24
C ASP A 60 0.38 3.93 6.27
N ALA A 61 -0.40 3.34 7.18
CA ALA A 61 -0.66 1.90 7.19
C ALA A 61 -1.38 1.44 5.90
N GLN A 62 -2.44 2.17 5.49
CA GLN A 62 -3.13 1.94 4.22
C GLN A 62 -2.23 2.18 3.01
N SER A 63 -1.35 3.18 3.05
CA SER A 63 -0.38 3.45 1.97
C SER A 63 0.62 2.31 1.81
N ASN A 64 1.06 1.70 2.93
CA ASN A 64 1.99 0.58 2.93
C ASN A 64 1.28 -0.72 2.48
N ALA A 65 0.02 -0.93 2.87
CA ALA A 65 -0.83 -2.01 2.35
C ALA A 65 -1.07 -1.89 0.84
N ALA A 66 -1.39 -0.69 0.36
CA ALA A 66 -1.57 -0.38 -1.06
C ALA A 66 -0.28 -0.66 -1.84
N ARG A 67 0.87 -0.15 -1.38
CA ARG A 67 2.17 -0.39 -2.01
C ARG A 67 2.49 -1.89 -2.11
N ASP A 68 2.19 -2.67 -1.08
CA ASP A 68 2.44 -4.12 -1.07
C ASP A 68 1.53 -4.90 -2.03
N PHE A 69 0.28 -4.45 -2.23
CA PHE A 69 -0.62 -5.02 -3.24
C PHE A 69 -0.28 -4.56 -4.65
N VAL A 70 0.11 -3.29 -4.85
CA VAL A 70 0.63 -2.80 -6.14
C VAL A 70 1.91 -3.55 -6.54
N ASN A 71 2.80 -3.81 -5.57
CA ASN A 71 3.97 -4.66 -5.76
C ASN A 71 3.58 -6.09 -6.17
N TYR A 72 2.46 -6.66 -5.69
CA TYR A 72 1.92 -7.93 -6.23
C TYR A 72 1.42 -7.78 -7.68
N LEU A 73 0.69 -6.71 -8.00
CA LEU A 73 0.24 -6.43 -9.37
C LEU A 73 1.40 -6.24 -10.36
N VAL A 74 2.53 -5.70 -9.91
CA VAL A 74 3.79 -5.66 -10.69
C VAL A 74 4.40 -7.06 -10.85
N ARG A 75 4.44 -7.85 -9.76
CA ARG A 75 4.94 -9.25 -9.78
C ARG A 75 4.12 -10.18 -10.68
N ILE A 76 2.84 -9.86 -10.97
CA ILE A 76 1.99 -10.59 -11.95
C ILE A 76 1.80 -9.85 -13.29
N ASN A 77 2.53 -8.74 -13.53
CA ASN A 77 2.59 -8.00 -14.80
C ASN A 77 1.28 -7.26 -15.17
N GLU A 78 0.41 -7.00 -14.17
CA GLU A 78 -0.84 -6.23 -14.33
C GLU A 78 -0.67 -4.72 -14.01
N VAL A 79 0.51 -4.32 -13.54
CA VAL A 79 0.97 -2.93 -13.38
C VAL A 79 2.44 -2.86 -13.83
N LYS A 80 2.84 -1.81 -14.54
CA LYS A 80 4.25 -1.54 -14.84
C LYS A 80 4.88 -0.68 -13.73
N SER A 81 6.06 -1.07 -13.26
CA SER A 81 6.74 -0.41 -12.13
C SER A 81 6.98 1.09 -12.36
N GLU A 82 7.26 1.50 -13.60
CA GLU A 82 7.49 2.90 -13.99
C GLU A 82 6.27 3.83 -13.79
N GLU A 83 5.07 3.27 -13.60
CA GLU A 83 3.85 4.01 -13.27
C GLU A 83 3.63 4.20 -11.76
N VAL A 84 4.32 3.41 -10.92
CA VAL A 84 4.06 3.34 -9.46
C VAL A 84 4.67 4.55 -8.74
N PRO A 85 3.88 5.34 -7.97
CA PRO A 85 4.36 6.54 -7.30
C PRO A 85 5.13 6.22 -6.01
N ALA A 86 5.94 7.20 -5.57
CA ALA A 86 6.70 7.21 -4.33
C ALA A 86 6.97 8.65 -3.86
N VAL A 87 7.48 8.83 -2.64
CA VAL A 87 7.76 10.14 -2.02
C VAL A 87 8.74 11.04 -2.79
N GLY A 88 9.56 10.45 -3.66
CA GLY A 88 10.45 11.14 -4.60
C GLY A 88 11.11 10.17 -5.58
N ILE A 89 11.12 10.51 -6.87
CA ILE A 89 11.69 9.67 -7.95
C ILE A 89 12.61 10.56 -8.83
N VAL A 90 13.92 10.34 -8.74
CA VAL A 90 14.99 11.08 -9.44
C VAL A 90 16.21 10.17 -9.65
N PRO A 91 17.00 10.34 -10.73
CA PRO A 91 18.21 9.58 -10.97
C PRO A 91 19.33 10.03 -9.99
N PRO A 92 20.02 9.11 -9.30
CA PRO A 92 21.09 9.44 -8.37
C PRO A 92 22.38 9.84 -9.13
N PRO A 93 23.12 10.87 -8.66
CA PRO A 93 24.37 11.32 -9.29
C PRO A 93 25.56 10.40 -8.96
N SER A 94 25.48 9.62 -7.87
CA SER A 94 26.53 8.71 -7.38
C SER A 94 25.97 7.83 -6.24
N GLY A 95 26.65 6.72 -5.92
CA GLY A 95 26.31 5.81 -4.82
C GLY A 95 27.26 4.61 -4.70
N PRO A 96 27.35 3.97 -3.51
CA PRO A 96 28.22 2.83 -3.27
C PRO A 96 27.64 1.54 -3.88
N SER A 97 28.51 0.68 -4.41
CA SER A 97 28.13 -0.55 -5.12
C SER A 97 29.14 -1.72 -4.97
N SER A 98 30.20 -1.53 -4.18
CA SER A 98 31.31 -2.49 -3.94
C SER A 98 32.21 -2.00 -2.78
N GLY A 99 32.97 -2.91 -2.16
CA GLY A 99 33.89 -2.63 -1.05
C GLY A 99 34.67 -3.85 -0.60
N GLY A 1 -10.28 18.47 3.78
CA GLY A 1 -8.93 17.86 3.61
C GLY A 1 -8.60 16.90 4.74
N SER A 2 -7.67 15.98 4.51
CA SER A 2 -7.37 14.86 5.42
C SER A 2 -5.89 14.78 5.87
N SER A 3 -5.08 15.78 5.51
CA SER A 3 -3.67 15.99 5.96
C SER A 3 -2.63 14.96 5.45
N GLY A 4 -3.07 13.85 4.83
CA GLY A 4 -2.20 12.82 4.23
C GLY A 4 -1.80 13.16 2.80
N SER A 5 -0.63 12.69 2.38
CA SER A 5 0.00 13.02 1.08
C SER A 5 0.56 11.79 0.33
N SER A 6 0.35 10.56 0.85
CA SER A 6 0.84 9.31 0.26
C SER A 6 0.02 8.89 -0.97
N GLY A 7 0.57 9.09 -2.18
CA GLY A 7 -0.15 8.93 -3.44
C GLY A 7 -0.40 7.48 -3.86
N ILE A 8 0.28 6.51 -3.24
CA ILE A 8 0.13 5.07 -3.56
C ILE A 8 -1.27 4.52 -3.24
N LYS A 9 -1.93 5.05 -2.21
CA LYS A 9 -3.30 4.66 -1.83
C LYS A 9 -4.32 5.12 -2.89
N ASN A 10 -4.10 6.28 -3.50
CA ASN A 10 -4.88 6.78 -4.64
C ASN A 10 -4.48 6.09 -5.96
N PHE A 11 -3.23 5.65 -6.11
CA PHE A 11 -2.75 4.94 -7.30
C PHE A 11 -3.44 3.58 -7.47
N LEU A 12 -3.55 2.80 -6.38
CA LEU A 12 -4.29 1.54 -6.42
C LEU A 12 -5.77 1.76 -6.72
N TYR A 13 -6.39 2.78 -6.10
CA TYR A 13 -7.79 3.12 -6.34
C TYR A 13 -8.06 3.54 -7.79
N ALA A 14 -7.18 4.35 -8.39
CA ALA A 14 -7.26 4.78 -9.78
C ALA A 14 -7.01 3.63 -10.77
N TRP A 15 -6.04 2.74 -10.49
CA TRP A 15 -5.77 1.54 -11.27
C TRP A 15 -6.97 0.59 -11.30
N CYS A 16 -7.60 0.37 -10.13
CA CYS A 16 -8.85 -0.37 -10.00
C CYS A 16 -9.99 0.30 -10.81
N GLY A 17 -10.11 1.63 -10.74
CA GLY A 17 -11.16 2.40 -11.42
C GLY A 17 -11.05 2.40 -12.94
N LYS A 18 -9.84 2.20 -13.50
CA LYS A 18 -9.62 2.01 -14.94
C LYS A 18 -9.97 0.58 -15.43
N ARG A 19 -10.25 -0.32 -14.47
CA ARG A 19 -10.56 -1.74 -14.67
C ARG A 19 -11.96 -2.13 -14.16
N LYS A 20 -12.78 -1.16 -13.76
CA LYS A 20 -14.15 -1.33 -13.22
C LYS A 20 -14.19 -2.03 -11.83
N MET A 21 -13.12 -1.88 -11.04
CA MET A 21 -12.93 -2.47 -9.70
C MET A 21 -12.82 -1.38 -8.62
N THR A 22 -12.81 -1.81 -7.35
CA THR A 22 -12.59 -0.98 -6.15
C THR A 22 -11.76 -1.79 -5.14
N PRO A 23 -10.66 -1.24 -4.57
CA PRO A 23 -9.88 -1.94 -3.55
C PRO A 23 -10.61 -1.89 -2.19
N ALA A 24 -10.62 -3.03 -1.49
CA ALA A 24 -11.34 -3.22 -0.24
C ALA A 24 -10.39 -3.41 0.95
N TYR A 25 -10.40 -2.46 1.88
CA TYR A 25 -9.48 -2.39 3.03
C TYR A 25 -10.10 -2.96 4.32
N GLU A 26 -9.26 -3.47 5.21
CA GLU A 26 -9.58 -3.90 6.57
C GLU A 26 -8.45 -3.49 7.51
N ILE A 27 -8.75 -3.18 8.79
CA ILE A 27 -7.82 -2.55 9.74
C ILE A 27 -7.92 -3.20 11.14
N ARG A 28 -6.78 -3.24 11.86
CA ARG A 28 -6.66 -3.75 13.23
C ARG A 28 -5.73 -2.86 14.06
N ALA A 29 -6.10 -2.58 15.31
CA ALA A 29 -5.29 -1.80 16.26
C ALA A 29 -4.30 -2.71 17.02
N VAL A 30 -3.07 -2.23 17.23
CA VAL A 30 -1.95 -2.96 17.85
C VAL A 30 -1.05 -1.99 18.65
N GLY A 31 -0.02 -2.51 19.33
CA GLY A 31 0.94 -1.71 20.11
C GLY A 31 0.62 -1.67 21.61
N ASN A 32 0.98 -0.57 22.27
CA ASN A 32 0.88 -0.38 23.72
C ASN A 32 -0.09 0.76 24.09
N LYS A 33 -0.56 0.78 25.35
CA LYS A 33 -1.47 1.83 25.87
C LYS A 33 -0.86 3.26 25.88
N ASN A 34 0.48 3.37 25.86
CA ASN A 34 1.22 4.64 25.80
C ASN A 34 1.67 5.02 24.36
N ARG A 35 1.55 4.09 23.39
CA ARG A 35 1.91 4.28 21.97
C ARG A 35 1.20 3.23 21.10
N GLN A 36 0.08 3.63 20.49
CA GLN A 36 -0.78 2.77 19.68
C GLN A 36 -0.38 2.85 18.19
N LYS A 37 -0.62 1.75 17.47
CA LYS A 37 -0.33 1.54 16.04
C LYS A 37 -1.51 0.80 15.36
N PHE A 38 -1.52 0.78 14.03
CA PHE A 38 -2.55 0.15 13.20
C PHE A 38 -1.92 -0.70 12.09
N MET A 39 -2.51 -1.88 11.88
CA MET A 39 -2.24 -2.77 10.74
C MET A 39 -3.40 -2.66 9.74
N CYS A 40 -3.12 -2.95 8.47
CA CYS A 40 -4.10 -2.88 7.39
C CYS A 40 -3.87 -3.98 6.34
N GLU A 41 -4.97 -4.48 5.76
CA GLU A 41 -5.01 -5.49 4.71
C GLU A 41 -5.90 -4.97 3.56
N VAL A 42 -5.48 -5.16 2.31
CA VAL A 42 -6.23 -4.73 1.10
C VAL A 42 -6.41 -5.90 0.12
N ARG A 43 -7.64 -6.02 -0.41
CA ARG A 43 -8.10 -7.06 -1.32
C ARG A 43 -8.68 -6.42 -2.59
N VAL A 44 -8.63 -7.15 -3.72
CA VAL A 44 -9.20 -6.75 -5.01
C VAL A 44 -9.80 -8.00 -5.69
N GLU A 45 -11.00 -7.86 -6.25
CA GLU A 45 -11.73 -8.96 -6.89
C GLU A 45 -10.94 -9.58 -8.06
N GLY A 46 -10.98 -10.91 -8.18
CA GLY A 46 -10.27 -11.69 -9.20
C GLY A 46 -8.81 -12.04 -8.84
N PHE A 47 -8.30 -11.57 -7.71
CA PHE A 47 -6.94 -11.88 -7.22
C PHE A 47 -6.99 -12.61 -5.87
N ASN A 48 -6.22 -13.69 -5.75
CA ASN A 48 -6.15 -14.53 -4.54
C ASN A 48 -5.23 -13.95 -3.45
N TYR A 49 -4.36 -13.00 -3.79
CA TYR A 49 -3.45 -12.30 -2.87
C TYR A 49 -4.14 -11.13 -2.14
N ALA A 50 -3.61 -10.74 -0.99
CA ALA A 50 -3.99 -9.53 -0.26
C ALA A 50 -2.72 -8.80 0.22
N GLY A 51 -2.62 -7.50 -0.07
CA GLY A 51 -1.50 -6.65 0.37
C GLY A 51 -1.66 -6.26 1.83
N MET A 52 -0.55 -6.17 2.56
CA MET A 52 -0.51 -5.98 4.02
C MET A 52 0.51 -4.91 4.42
N GLY A 53 0.10 -4.02 5.33
CA GLY A 53 0.94 -2.94 5.87
C GLY A 53 0.61 -2.59 7.32
N ASN A 54 1.41 -1.70 7.91
CA ASN A 54 1.19 -1.14 9.25
C ASN A 54 1.85 0.24 9.41
N SER A 55 1.41 1.02 10.40
CA SER A 55 1.95 2.34 10.75
C SER A 55 1.39 2.85 12.09
N THR A 56 1.71 4.10 12.48
CA THR A 56 1.16 4.80 13.65
C THR A 56 -0.28 5.27 13.46
N ASN A 57 -0.79 5.23 12.23
CA ASN A 57 -2.07 5.80 11.81
C ASN A 57 -2.71 5.00 10.66
N LYS A 58 -4.04 5.03 10.58
CA LYS A 58 -4.82 4.25 9.60
C LYS A 58 -4.57 4.61 8.14
N LYS A 59 -4.21 5.86 7.85
CA LYS A 59 -3.99 6.37 6.48
C LYS A 59 -2.68 5.86 5.88
N ASP A 60 -1.59 5.93 6.63
CA ASP A 60 -0.28 5.41 6.21
C ASP A 60 -0.23 3.87 6.28
N ALA A 61 -1.00 3.25 7.18
CA ALA A 61 -1.18 1.80 7.20
C ALA A 61 -1.88 1.27 5.93
N GLN A 62 -2.96 1.94 5.49
CA GLN A 62 -3.60 1.68 4.19
C GLN A 62 -2.65 1.92 3.02
N SER A 63 -1.84 2.98 3.07
CA SER A 63 -0.86 3.28 2.01
C SER A 63 0.22 2.19 1.90
N ASN A 64 0.66 1.63 3.03
CA ASN A 64 1.62 0.53 3.06
C ASN A 64 0.99 -0.80 2.60
N ALA A 65 -0.29 -1.04 2.93
CA ALA A 65 -1.05 -2.19 2.40
C ALA A 65 -1.26 -2.08 0.88
N ALA A 66 -1.60 -0.89 0.38
CA ALA A 66 -1.74 -0.59 -1.04
C ALA A 66 -0.43 -0.82 -1.80
N ARG A 67 0.69 -0.27 -1.28
CA ARG A 67 2.01 -0.50 -1.87
C ARG A 67 2.35 -1.99 -1.96
N ASP A 68 2.03 -2.78 -0.93
CA ASP A 68 2.29 -4.22 -0.89
C ASP A 68 1.42 -5.01 -1.88
N PHE A 69 0.21 -4.53 -2.22
CA PHE A 69 -0.60 -5.11 -3.29
C PHE A 69 -0.17 -4.64 -4.69
N VAL A 70 0.22 -3.36 -4.86
CA VAL A 70 0.80 -2.85 -6.11
C VAL A 70 2.09 -3.60 -6.46
N ASN A 71 2.93 -3.87 -5.45
CA ASN A 71 4.11 -4.74 -5.60
C ASN A 71 3.72 -6.13 -6.14
N TYR A 72 2.69 -6.78 -5.61
CA TYR A 72 2.17 -8.04 -6.16
C TYR A 72 1.68 -7.89 -7.61
N LEU A 73 0.96 -6.81 -7.95
CA LEU A 73 0.50 -6.54 -9.32
C LEU A 73 1.65 -6.33 -10.31
N VAL A 74 2.76 -5.71 -9.88
CA VAL A 74 3.99 -5.59 -10.69
C VAL A 74 4.64 -6.97 -10.91
N ARG A 75 4.70 -7.79 -9.86
CA ARG A 75 5.26 -9.16 -9.91
C ARG A 75 4.46 -10.14 -10.79
N ILE A 76 3.22 -9.79 -11.19
CA ILE A 76 2.41 -10.53 -12.19
C ILE A 76 2.17 -9.73 -13.49
N ASN A 77 2.85 -8.59 -13.66
CA ASN A 77 2.83 -7.73 -14.86
C ASN A 77 1.48 -7.01 -15.12
N GLU A 78 0.60 -6.94 -14.11
CA GLU A 78 -0.68 -6.22 -14.15
C GLU A 78 -0.55 -4.71 -13.86
N VAL A 79 0.62 -4.29 -13.38
CA VAL A 79 1.04 -2.88 -13.24
C VAL A 79 2.48 -2.76 -13.79
N LYS A 80 2.78 -1.70 -14.54
CA LYS A 80 4.16 -1.35 -14.93
C LYS A 80 4.84 -0.56 -13.80
N SER A 81 6.01 -1.01 -13.34
CA SER A 81 6.75 -0.38 -12.23
C SER A 81 7.04 1.11 -12.47
N GLU A 82 7.25 1.51 -13.74
CA GLU A 82 7.55 2.89 -14.14
C GLU A 82 6.42 3.89 -13.81
N GLU A 83 5.19 3.41 -13.56
CA GLU A 83 4.03 4.22 -13.18
C GLU A 83 3.85 4.34 -11.66
N VAL A 84 4.52 3.49 -10.87
CA VAL A 84 4.27 3.35 -9.42
C VAL A 84 4.93 4.50 -8.64
N PRO A 85 4.19 5.24 -7.79
CA PRO A 85 4.74 6.34 -7.00
C PRO A 85 5.57 5.82 -5.79
N ALA A 86 6.56 6.62 -5.38
CA ALA A 86 7.47 6.34 -4.27
C ALA A 86 7.92 7.63 -3.56
N VAL A 87 8.32 7.52 -2.29
CA VAL A 87 8.68 8.64 -1.40
C VAL A 87 9.94 9.42 -1.81
N GLY A 88 10.76 8.87 -2.72
CA GLY A 88 12.00 9.48 -3.21
C GLY A 88 12.74 8.61 -4.24
N ILE A 89 13.84 9.15 -4.76
CA ILE A 89 14.70 8.53 -5.80
C ILE A 89 16.09 8.24 -5.22
N VAL A 90 16.70 7.11 -5.57
CA VAL A 90 18.00 6.62 -5.09
C VAL A 90 18.81 5.98 -6.23
N PRO A 91 20.17 6.02 -6.18
CA PRO A 91 21.03 5.42 -7.19
C PRO A 91 21.04 3.88 -7.10
N PRO A 92 21.51 3.17 -8.15
CA PRO A 92 21.67 1.71 -8.14
C PRO A 92 22.58 1.22 -6.98
N PRO A 93 22.33 0.04 -6.39
CA PRO A 93 23.17 -0.54 -5.34
C PRO A 93 24.63 -0.76 -5.74
N SER A 94 24.93 -0.89 -7.03
CA SER A 94 26.30 -1.04 -7.57
C SER A 94 27.09 0.28 -7.63
N GLY A 95 26.46 1.42 -7.35
CA GLY A 95 27.07 2.75 -7.36
C GLY A 95 27.73 3.15 -6.02
N PRO A 96 28.40 4.33 -5.95
CA PRO A 96 29.05 4.82 -4.74
C PRO A 96 28.08 5.18 -3.61
N SER A 97 26.87 5.68 -3.94
CA SER A 97 25.76 6.04 -3.03
C SER A 97 26.03 7.25 -2.10
N SER A 98 27.27 7.73 -2.03
CA SER A 98 27.72 8.87 -1.20
C SER A 98 29.10 9.39 -1.64
N GLY A 99 29.49 10.58 -1.16
CA GLY A 99 30.78 11.24 -1.47
C GLY A 99 30.91 12.62 -0.82
N GLY A 1 -15.22 19.49 9.30
CA GLY A 1 -14.83 18.11 8.92
C GLY A 1 -13.49 18.08 8.17
N SER A 2 -13.00 16.88 7.88
CA SER A 2 -11.73 16.64 7.17
C SER A 2 -11.66 15.18 6.64
N SER A 3 -10.61 14.83 5.90
CA SER A 3 -10.40 13.51 5.28
C SER A 3 -8.92 13.30 4.88
N GLY A 4 -8.48 12.03 4.81
CA GLY A 4 -7.11 11.64 4.47
C GLY A 4 -6.88 11.44 2.97
N SER A 5 -5.62 11.37 2.57
CA SER A 5 -5.17 11.15 1.18
C SER A 5 -3.70 10.69 1.14
N SER A 6 -3.30 10.00 0.06
CA SER A 6 -1.96 9.44 -0.14
C SER A 6 -1.81 8.94 -1.60
N GLY A 7 -0.63 9.16 -2.21
CA GLY A 7 -0.42 8.94 -3.64
C GLY A 7 -0.45 7.47 -4.06
N ILE A 8 0.10 6.57 -3.25
CA ILE A 8 0.09 5.11 -3.54
C ILE A 8 -1.26 4.46 -3.26
N LYS A 9 -1.98 4.94 -2.23
CA LYS A 9 -3.34 4.51 -1.90
C LYS A 9 -4.32 4.95 -3.00
N ASN A 10 -4.18 6.20 -3.48
CA ASN A 10 -4.91 6.73 -4.63
C ASN A 10 -4.53 6.04 -5.96
N PHE A 11 -3.27 5.59 -6.11
CA PHE A 11 -2.81 4.92 -7.33
C PHE A 11 -3.46 3.54 -7.49
N LEU A 12 -3.57 2.74 -6.41
CA LEU A 12 -4.31 1.48 -6.44
C LEU A 12 -5.80 1.71 -6.74
N TYR A 13 -6.40 2.73 -6.11
CA TYR A 13 -7.80 3.09 -6.34
C TYR A 13 -8.08 3.53 -7.79
N ALA A 14 -7.19 4.33 -8.38
CA ALA A 14 -7.27 4.79 -9.78
C ALA A 14 -7.03 3.64 -10.77
N TRP A 15 -6.08 2.75 -10.49
CA TRP A 15 -5.82 1.54 -11.30
C TRP A 15 -7.05 0.62 -11.32
N CYS A 16 -7.67 0.40 -10.16
CA CYS A 16 -8.95 -0.32 -10.04
C CYS A 16 -10.05 0.36 -10.86
N GLY A 17 -10.18 1.69 -10.78
CA GLY A 17 -11.21 2.48 -11.47
C GLY A 17 -11.07 2.50 -12.99
N LYS A 18 -9.86 2.32 -13.53
CA LYS A 18 -9.60 2.16 -14.97
C LYS A 18 -9.91 0.73 -15.48
N ARG A 19 -10.21 -0.19 -14.56
CA ARG A 19 -10.52 -1.61 -14.79
C ARG A 19 -11.94 -2.00 -14.31
N LYS A 20 -12.77 -1.01 -13.92
CA LYS A 20 -14.16 -1.19 -13.41
C LYS A 20 -14.22 -1.94 -12.06
N MET A 21 -13.20 -1.79 -11.21
CA MET A 21 -13.05 -2.40 -9.89
C MET A 21 -12.92 -1.33 -8.78
N THR A 22 -12.94 -1.78 -7.52
CA THR A 22 -12.72 -0.96 -6.31
C THR A 22 -11.92 -1.79 -5.29
N PRO A 23 -10.84 -1.27 -4.68
CA PRO A 23 -10.06 -1.98 -3.67
C PRO A 23 -10.78 -1.95 -2.32
N ALA A 24 -10.62 -3.03 -1.53
CA ALA A 24 -11.23 -3.21 -0.22
C ALA A 24 -10.16 -3.39 0.87
N TYR A 25 -10.12 -2.47 1.82
CA TYR A 25 -9.15 -2.43 2.93
C TYR A 25 -9.74 -2.97 4.24
N GLU A 26 -8.88 -3.44 5.16
CA GLU A 26 -9.23 -3.81 6.53
C GLU A 26 -8.05 -3.52 7.48
N ILE A 27 -8.35 -3.20 8.75
CA ILE A 27 -7.39 -2.67 9.74
C ILE A 27 -7.51 -3.39 11.11
N ARG A 28 -6.39 -3.51 11.83
CA ARG A 28 -6.30 -3.98 13.22
C ARG A 28 -5.38 -3.09 14.05
N ALA A 29 -5.76 -2.77 15.28
CA ALA A 29 -4.91 -2.07 16.25
C ALA A 29 -3.88 -3.03 16.89
N VAL A 30 -2.67 -2.53 17.19
CA VAL A 30 -1.56 -3.23 17.85
C VAL A 30 -0.74 -2.24 18.70
N GLY A 31 0.22 -2.75 19.49
CA GLY A 31 1.12 -1.93 20.32
C GLY A 31 0.53 -1.56 21.69
N ASN A 32 1.34 -0.88 22.51
CA ASN A 32 1.01 -0.52 23.89
C ASN A 32 0.16 0.78 24.00
N LYS A 33 -0.48 1.00 25.15
CA LYS A 33 -1.42 2.10 25.41
C LYS A 33 -0.82 3.51 25.19
N ASN A 34 0.46 3.66 25.54
CA ASN A 34 1.20 4.93 25.45
C ASN A 34 1.51 5.38 24.01
N ARG A 35 1.64 4.42 23.09
CA ARG A 35 1.89 4.62 21.65
C ARG A 35 1.27 3.47 20.84
N GLN A 36 0.01 3.65 20.44
CA GLN A 36 -0.75 2.67 19.66
C GLN A 36 -0.35 2.73 18.18
N LYS A 37 -0.41 1.57 17.51
CA LYS A 37 -0.08 1.36 16.09
C LYS A 37 -1.18 0.56 15.39
N PHE A 38 -1.15 0.52 14.06
CA PHE A 38 -2.18 -0.08 13.21
C PHE A 38 -1.57 -0.91 12.09
N MET A 39 -2.08 -2.13 11.93
CA MET A 39 -1.81 -3.03 10.79
C MET A 39 -2.97 -2.93 9.80
N CYS A 40 -2.71 -3.17 8.52
CA CYS A 40 -3.70 -3.07 7.46
C CYS A 40 -3.45 -4.11 6.36
N GLU A 41 -4.54 -4.56 5.73
CA GLU A 41 -4.53 -5.39 4.54
C GLU A 41 -5.45 -4.80 3.47
N VAL A 42 -5.19 -5.13 2.19
CA VAL A 42 -6.00 -4.72 1.04
C VAL A 42 -6.16 -5.88 0.04
N ARG A 43 -7.34 -5.96 -0.57
CA ARG A 43 -7.77 -7.00 -1.51
C ARG A 43 -8.54 -6.39 -2.69
N VAL A 44 -8.58 -7.10 -3.82
CA VAL A 44 -9.29 -6.73 -5.05
C VAL A 44 -9.94 -7.99 -5.65
N GLU A 45 -11.20 -7.89 -6.09
CA GLU A 45 -11.97 -9.01 -6.62
C GLU A 45 -11.30 -9.62 -7.87
N GLY A 46 -11.14 -10.95 -7.86
CA GLY A 46 -10.49 -11.72 -8.94
C GLY A 46 -8.99 -11.98 -8.73
N PHE A 47 -8.40 -11.52 -7.62
CA PHE A 47 -7.01 -11.73 -7.25
C PHE A 47 -6.90 -12.49 -5.92
N ASN A 48 -6.07 -13.54 -5.89
CA ASN A 48 -5.94 -14.46 -4.74
C ASN A 48 -5.07 -13.87 -3.60
N TYR A 49 -4.17 -12.94 -3.91
CA TYR A 49 -3.29 -12.28 -2.93
C TYR A 49 -4.02 -11.23 -2.07
N ALA A 50 -3.47 -10.96 -0.89
CA ALA A 50 -3.86 -9.87 0.00
C ALA A 50 -2.60 -9.11 0.43
N GLY A 51 -2.48 -7.84 -0.01
CA GLY A 51 -1.32 -6.99 0.30
C GLY A 51 -1.43 -6.41 1.69
N MET A 52 -0.31 -6.27 2.40
CA MET A 52 -0.28 -5.92 3.83
C MET A 52 0.79 -4.90 4.20
N GLY A 53 0.47 -4.07 5.19
CA GLY A 53 1.34 -3.03 5.76
C GLY A 53 0.99 -2.69 7.20
N ASN A 54 1.77 -1.79 7.81
CA ASN A 54 1.55 -1.27 9.17
C ASN A 54 2.19 0.11 9.37
N SER A 55 1.72 0.87 10.37
CA SER A 55 2.24 2.19 10.74
C SER A 55 1.68 2.69 12.09
N THR A 56 2.06 3.88 12.53
CA THR A 56 1.51 4.59 13.70
C THR A 56 0.17 5.27 13.39
N ASN A 57 -0.19 5.38 12.10
CA ASN A 57 -1.43 6.01 11.62
C ASN A 57 -2.14 5.15 10.56
N LYS A 58 -3.47 5.13 10.58
CA LYS A 58 -4.31 4.28 9.71
C LYS A 58 -4.18 4.62 8.21
N LYS A 59 -3.92 5.88 7.85
CA LYS A 59 -3.73 6.30 6.46
C LYS A 59 -2.40 5.77 5.87
N ASP A 60 -1.33 5.80 6.65
CA ASP A 60 -0.02 5.31 6.24
C ASP A 60 0.06 3.77 6.29
N ALA A 61 -0.70 3.14 7.20
CA ALA A 61 -0.88 1.68 7.21
C ALA A 61 -1.61 1.18 5.93
N GLN A 62 -2.67 1.86 5.51
CA GLN A 62 -3.35 1.60 4.23
C GLN A 62 -2.43 1.88 3.04
N SER A 63 -1.62 2.93 3.10
CA SER A 63 -0.63 3.23 2.05
C SER A 63 0.43 2.13 1.91
N ASN A 64 0.85 1.52 3.01
CA ASN A 64 1.82 0.42 3.01
C ASN A 64 1.18 -0.90 2.54
N ALA A 65 -0.11 -1.14 2.85
CA ALA A 65 -0.89 -2.25 2.29
C ALA A 65 -1.09 -2.10 0.77
N ALA A 66 -1.42 -0.88 0.31
CA ALA A 66 -1.55 -0.56 -1.11
C ALA A 66 -0.21 -0.73 -1.85
N ARG A 67 0.89 -0.21 -1.30
CA ARG A 67 2.24 -0.38 -1.84
C ARG A 67 2.58 -1.86 -2.05
N ASP A 68 2.26 -2.73 -1.10
CA ASP A 68 2.53 -4.17 -1.19
C ASP A 68 1.63 -4.89 -2.22
N PHE A 69 0.35 -4.48 -2.35
CA PHE A 69 -0.55 -5.02 -3.37
C PHE A 69 -0.21 -4.52 -4.78
N VAL A 70 0.19 -3.26 -4.94
CA VAL A 70 0.71 -2.72 -6.21
C VAL A 70 1.99 -3.46 -6.61
N ASN A 71 2.88 -3.72 -5.66
CA ASN A 71 4.06 -4.57 -5.90
C ASN A 71 3.67 -6.01 -6.28
N TYR A 72 2.58 -6.58 -5.77
CA TYR A 72 2.03 -7.86 -6.26
C TYR A 72 1.55 -7.74 -7.72
N LEU A 73 0.80 -6.69 -8.06
CA LEU A 73 0.32 -6.43 -9.43
C LEU A 73 1.49 -6.22 -10.43
N VAL A 74 2.60 -5.63 -10.00
CA VAL A 74 3.85 -5.56 -10.79
C VAL A 74 4.48 -6.95 -10.95
N ARG A 75 4.54 -7.73 -9.86
CA ARG A 75 5.08 -9.11 -9.87
C ARG A 75 4.28 -10.09 -10.75
N ILE A 76 3.01 -9.79 -11.06
CA ILE A 76 2.17 -10.53 -12.04
C ILE A 76 1.96 -9.79 -13.38
N ASN A 77 2.64 -8.65 -13.59
CA ASN A 77 2.66 -7.87 -14.84
C ASN A 77 1.35 -7.13 -15.17
N GLU A 78 0.43 -6.97 -14.20
CA GLU A 78 -0.84 -6.24 -14.32
C GLU A 78 -0.70 -4.73 -14.02
N VAL A 79 0.48 -4.30 -13.55
CA VAL A 79 0.91 -2.90 -13.41
C VAL A 79 2.35 -2.81 -13.94
N LYS A 80 2.67 -1.77 -14.71
CA LYS A 80 4.05 -1.46 -15.09
C LYS A 80 4.72 -0.59 -14.00
N SER A 81 5.90 -1.00 -13.52
CA SER A 81 6.61 -0.31 -12.43
C SER A 81 6.82 1.20 -12.67
N GLU A 82 7.00 1.60 -13.93
CA GLU A 82 7.24 2.97 -14.37
C GLU A 82 6.07 3.93 -14.02
N GLU A 83 4.87 3.39 -13.79
CA GLU A 83 3.67 4.15 -13.42
C GLU A 83 3.53 4.35 -11.90
N VAL A 84 4.23 3.55 -11.09
CA VAL A 84 4.04 3.47 -9.63
C VAL A 84 4.68 4.70 -8.95
N PRO A 85 3.94 5.45 -8.10
CA PRO A 85 4.47 6.63 -7.42
C PRO A 85 5.45 6.24 -6.30
N ALA A 86 6.48 7.07 -6.12
CA ALA A 86 7.55 6.89 -5.12
C ALA A 86 8.19 8.25 -4.74
N VAL A 87 8.91 8.29 -3.62
CA VAL A 87 9.61 9.48 -3.09
C VAL A 87 10.73 10.03 -4.01
N GLY A 88 11.19 9.23 -4.98
CA GLY A 88 12.21 9.59 -5.98
C GLY A 88 12.47 8.45 -6.96
N ILE A 89 13.31 8.71 -7.96
CA ILE A 89 13.74 7.72 -8.96
C ILE A 89 14.94 6.92 -8.39
N VAL A 90 14.74 5.64 -8.10
CA VAL A 90 15.70 4.75 -7.42
C VAL A 90 15.57 3.30 -7.95
N PRO A 91 16.65 2.49 -7.91
CA PRO A 91 16.60 1.07 -8.26
C PRO A 91 15.84 0.27 -7.19
N PRO A 92 15.31 -0.94 -7.52
CA PRO A 92 14.57 -1.77 -6.59
C PRO A 92 15.48 -2.36 -5.49
N PRO A 93 14.95 -2.58 -4.27
CA PRO A 93 15.71 -3.08 -3.13
C PRO A 93 16.00 -4.58 -3.23
N SER A 94 16.96 -5.05 -2.43
CA SER A 94 17.36 -6.46 -2.32
C SER A 94 18.10 -6.71 -0.99
N GLY A 95 18.03 -7.95 -0.48
CA GLY A 95 18.54 -8.32 0.85
C GLY A 95 17.59 -7.88 1.99
N PRO A 96 18.10 -7.61 3.20
CA PRO A 96 17.32 -7.14 4.34
C PRO A 96 16.55 -5.84 4.05
N SER A 97 15.39 -5.68 4.69
CA SER A 97 14.46 -4.56 4.45
C SER A 97 14.91 -3.20 5.04
N SER A 98 16.02 -3.19 5.79
CA SER A 98 16.55 -2.02 6.52
C SER A 98 18.09 -2.05 6.55
N GLY A 99 18.72 -0.86 6.50
CA GLY A 99 20.19 -0.69 6.55
C GLY A 99 20.61 0.78 6.43
N GLY A 1 -14.58 18.88 11.05
CA GLY A 1 -14.41 17.80 10.06
C GLY A 1 -12.97 17.71 9.56
N SER A 2 -12.65 16.63 8.84
CA SER A 2 -11.30 16.33 8.33
C SER A 2 -11.34 15.23 7.23
N SER A 3 -10.25 15.08 6.47
CA SER A 3 -10.08 14.11 5.36
C SER A 3 -8.60 13.97 4.99
N GLY A 4 -8.22 12.85 4.36
CA GLY A 4 -6.84 12.59 3.90
C GLY A 4 -6.68 11.27 3.13
N SER A 5 -5.59 11.15 2.40
CA SER A 5 -5.23 10.03 1.52
C SER A 5 -3.75 10.16 1.08
N SER A 6 -3.33 9.48 0.02
CA SER A 6 -1.96 9.50 -0.52
C SER A 6 -1.91 9.20 -2.03
N GLY A 7 -0.75 9.42 -2.65
CA GLY A 7 -0.55 9.19 -4.09
C GLY A 7 -0.64 7.70 -4.47
N ILE A 8 -0.22 6.79 -3.59
CA ILE A 8 -0.31 5.33 -3.83
C ILE A 8 -1.72 4.80 -3.56
N LYS A 9 -2.45 5.36 -2.57
CA LYS A 9 -3.87 5.09 -2.36
C LYS A 9 -4.70 5.52 -3.58
N ASN A 10 -4.45 6.72 -4.12
CA ASN A 10 -5.08 7.20 -5.34
C ASN A 10 -4.70 6.35 -6.57
N PHE A 11 -3.46 5.87 -6.66
CA PHE A 11 -2.98 5.06 -7.78
C PHE A 11 -3.66 3.68 -7.82
N LEU A 12 -3.76 2.99 -6.67
CA LEU A 12 -4.49 1.71 -6.60
C LEU A 12 -5.97 1.90 -6.90
N TYR A 13 -6.60 2.95 -6.35
CA TYR A 13 -8.01 3.25 -6.59
C TYR A 13 -8.29 3.58 -8.07
N ALA A 14 -7.43 4.38 -8.71
CA ALA A 14 -7.53 4.70 -10.14
C ALA A 14 -7.27 3.48 -11.04
N TRP A 15 -6.31 2.63 -10.69
CA TRP A 15 -6.04 1.38 -11.40
C TRP A 15 -7.25 0.43 -11.35
N CYS A 16 -7.85 0.27 -10.17
CA CYS A 16 -9.10 -0.48 -9.99
C CYS A 16 -10.25 0.12 -10.83
N GLY A 17 -10.41 1.45 -10.81
CA GLY A 17 -11.49 2.16 -11.51
C GLY A 17 -11.37 2.11 -13.04
N LYS A 18 -10.16 1.97 -13.58
CA LYS A 18 -9.92 1.75 -15.01
C LYS A 18 -10.21 0.31 -15.47
N ARG A 19 -10.46 -0.60 -14.51
CA ARG A 19 -10.74 -2.02 -14.68
C ARG A 19 -12.13 -2.43 -14.14
N LYS A 20 -12.98 -1.45 -13.76
CA LYS A 20 -14.33 -1.64 -13.21
C LYS A 20 -14.36 -2.35 -11.84
N MET A 21 -13.33 -2.13 -11.02
CA MET A 21 -13.13 -2.71 -9.68
C MET A 21 -13.03 -1.61 -8.59
N THR A 22 -13.01 -2.03 -7.33
CA THR A 22 -12.85 -1.17 -6.13
C THR A 22 -12.01 -1.94 -5.09
N PRO A 23 -10.95 -1.34 -4.50
CA PRO A 23 -10.13 -1.98 -3.47
C PRO A 23 -10.85 -1.95 -2.11
N ALA A 24 -10.67 -3.01 -1.31
CA ALA A 24 -11.33 -3.19 -0.02
C ALA A 24 -10.30 -3.46 1.09
N TYR A 25 -10.38 -2.71 2.20
CA TYR A 25 -9.37 -2.65 3.27
C TYR A 25 -9.87 -3.21 4.62
N GLU A 26 -8.93 -3.57 5.49
CA GLU A 26 -9.15 -3.92 6.91
C GLU A 26 -7.99 -3.36 7.75
N ILE A 27 -8.27 -2.90 8.97
CA ILE A 27 -7.32 -2.25 9.89
C ILE A 27 -7.39 -2.91 11.27
N ARG A 28 -6.25 -3.03 11.96
CA ARG A 28 -6.10 -3.77 13.22
C ARG A 28 -5.11 -3.08 14.16
N ALA A 29 -5.52 -2.88 15.41
CA ALA A 29 -4.74 -2.16 16.42
C ALA A 29 -3.70 -3.08 17.09
N VAL A 30 -2.48 -2.56 17.29
CA VAL A 30 -1.31 -3.26 17.86
C VAL A 30 -0.44 -2.29 18.67
N GLY A 31 0.63 -2.78 19.32
CA GLY A 31 1.53 -1.97 20.15
C GLY A 31 1.09 -1.89 21.61
N ASN A 32 1.34 -0.75 22.25
CA ASN A 32 1.11 -0.51 23.68
C ASN A 32 0.05 0.58 23.93
N LYS A 33 -0.48 0.65 25.16
CA LYS A 33 -1.48 1.66 25.57
C LYS A 33 -0.96 3.11 25.46
N ASN A 34 0.31 3.34 25.82
CA ASN A 34 0.99 4.64 25.75
C ASN A 34 1.50 5.02 24.34
N ARG A 35 1.75 4.01 23.50
CA ARG A 35 2.25 4.12 22.12
C ARG A 35 1.58 3.05 21.23
N GLN A 36 0.42 3.38 20.69
CA GLN A 36 -0.41 2.49 19.88
C GLN A 36 -0.06 2.62 18.39
N LYS A 37 -0.24 1.53 17.65
CA LYS A 37 0.06 1.37 16.22
C LYS A 37 -1.08 0.61 15.52
N PHE A 38 -1.10 0.68 14.19
CA PHE A 38 -2.15 0.11 13.33
C PHE A 38 -1.55 -0.65 12.16
N MET A 39 -1.94 -1.92 12.03
CA MET A 39 -1.70 -2.76 10.84
C MET A 39 -2.87 -2.57 9.87
N CYS A 40 -2.63 -2.82 8.59
CA CYS A 40 -3.65 -2.77 7.54
C CYS A 40 -3.43 -3.85 6.48
N GLU A 41 -4.53 -4.33 5.92
CA GLU A 41 -4.59 -5.29 4.83
C GLU A 41 -5.51 -4.74 3.72
N VAL A 42 -5.20 -5.01 2.44
CA VAL A 42 -6.03 -4.64 1.29
C VAL A 42 -6.16 -5.80 0.30
N ARG A 43 -7.35 -5.94 -0.29
CA ARG A 43 -7.75 -7.00 -1.21
C ARG A 43 -8.56 -6.42 -2.40
N VAL A 44 -8.59 -7.14 -3.52
CA VAL A 44 -9.31 -6.79 -4.75
C VAL A 44 -9.92 -8.08 -5.33
N GLU A 45 -11.18 -8.02 -5.77
CA GLU A 45 -11.92 -9.17 -6.30
C GLU A 45 -11.24 -9.77 -7.54
N GLY A 46 -11.04 -11.09 -7.52
CA GLY A 46 -10.37 -11.85 -8.60
C GLY A 46 -8.87 -12.07 -8.39
N PHE A 47 -8.30 -11.60 -7.27
CA PHE A 47 -6.88 -11.76 -6.91
C PHE A 47 -6.75 -12.46 -5.56
N ASN A 48 -5.89 -13.49 -5.48
CA ASN A 48 -5.74 -14.35 -4.29
C ASN A 48 -4.79 -13.75 -3.23
N TYR A 49 -3.99 -12.73 -3.58
CA TYR A 49 -3.08 -12.03 -2.67
C TYR A 49 -3.80 -10.95 -1.84
N ALA A 50 -3.21 -10.62 -0.68
CA ALA A 50 -3.61 -9.48 0.15
C ALA A 50 -2.37 -8.65 0.49
N GLY A 51 -2.36 -7.38 0.09
CA GLY A 51 -1.27 -6.43 0.38
C GLY A 51 -1.36 -5.95 1.83
N MET A 52 -0.22 -5.80 2.51
CA MET A 52 -0.17 -5.55 3.95
C MET A 52 0.82 -4.45 4.34
N GLY A 53 0.45 -3.65 5.33
CA GLY A 53 1.21 -2.52 5.87
C GLY A 53 1.02 -2.31 7.37
N ASN A 54 1.81 -1.41 7.96
CA ASN A 54 1.72 -1.01 9.37
C ASN A 54 2.37 0.36 9.60
N SER A 55 1.85 1.10 10.58
CA SER A 55 2.31 2.44 10.96
C SER A 55 1.73 2.92 12.31
N THR A 56 2.11 4.13 12.74
CA THR A 56 1.52 4.85 13.90
C THR A 56 0.18 5.51 13.56
N ASN A 57 -0.22 5.52 12.29
CA ASN A 57 -1.46 6.14 11.80
C ASN A 57 -2.16 5.24 10.75
N LYS A 58 -3.49 5.21 10.79
CA LYS A 58 -4.33 4.35 9.94
C LYS A 58 -4.13 4.62 8.43
N LYS A 59 -4.04 5.90 8.03
CA LYS A 59 -3.87 6.29 6.62
C LYS A 59 -2.51 5.89 6.05
N ASP A 60 -1.44 5.97 6.84
CA ASP A 60 -0.09 5.55 6.42
C ASP A 60 0.04 4.01 6.42
N ALA A 61 -0.70 3.32 7.30
CA ALA A 61 -0.80 1.85 7.28
C ALA A 61 -1.55 1.37 6.01
N GLN A 62 -2.66 2.02 5.66
CA GLN A 62 -3.38 1.79 4.41
C GLN A 62 -2.52 2.08 3.18
N SER A 63 -1.68 3.13 3.21
CA SER A 63 -0.77 3.46 2.10
C SER A 63 0.33 2.41 1.91
N ASN A 64 0.82 1.80 3.01
CA ASN A 64 1.75 0.67 2.92
C ASN A 64 1.07 -0.61 2.43
N ALA A 65 -0.18 -0.87 2.85
CA ALA A 65 -0.97 -1.99 2.34
C ALA A 65 -1.26 -1.86 0.84
N ALA A 66 -1.65 -0.67 0.39
CA ALA A 66 -1.84 -0.33 -1.02
C ALA A 66 -0.54 -0.50 -1.82
N ARG A 67 0.58 0.04 -1.32
CA ARG A 67 1.89 -0.10 -1.97
C ARG A 67 2.29 -1.57 -2.13
N ASP A 68 2.02 -2.43 -1.14
CA ASP A 68 2.35 -3.86 -1.21
C ASP A 68 1.42 -4.64 -2.16
N PHE A 69 0.15 -4.22 -2.32
CA PHE A 69 -0.72 -4.79 -3.35
C PHE A 69 -0.35 -4.30 -4.76
N VAL A 70 0.01 -3.02 -4.92
CA VAL A 70 0.54 -2.50 -6.20
C VAL A 70 1.86 -3.20 -6.57
N ASN A 71 2.73 -3.42 -5.59
CA ASN A 71 3.92 -4.26 -5.76
C ASN A 71 3.55 -5.66 -6.25
N TYR A 72 2.59 -6.36 -5.61
CA TYR A 72 2.06 -7.64 -6.12
C TYR A 72 1.56 -7.57 -7.58
N LEU A 73 0.88 -6.50 -7.97
CA LEU A 73 0.47 -6.29 -9.37
C LEU A 73 1.64 -6.13 -10.35
N VAL A 74 2.83 -5.73 -9.87
CA VAL A 74 4.09 -5.77 -10.66
C VAL A 74 4.69 -7.19 -10.66
N ARG A 75 4.61 -7.92 -9.53
CA ARG A 75 5.04 -9.33 -9.42
C ARG A 75 4.29 -10.25 -10.39
N ILE A 76 3.03 -9.92 -10.73
CA ILE A 76 2.19 -10.64 -11.72
C ILE A 76 2.04 -9.92 -13.07
N ASN A 77 2.73 -8.78 -13.27
CA ASN A 77 2.84 -8.02 -14.53
C ASN A 77 1.54 -7.30 -14.97
N GLU A 78 0.56 -7.13 -14.07
CA GLU A 78 -0.68 -6.38 -14.28
C GLU A 78 -0.52 -4.85 -14.05
N VAL A 79 0.63 -4.42 -13.52
CA VAL A 79 1.08 -3.02 -13.42
C VAL A 79 2.57 -2.96 -13.81
N LYS A 80 2.97 -1.92 -14.52
CA LYS A 80 4.39 -1.62 -14.80
C LYS A 80 4.97 -0.72 -13.69
N SER A 81 6.12 -1.08 -13.11
CA SER A 81 6.74 -0.34 -12.00
C SER A 81 6.99 1.14 -12.31
N GLU A 82 7.28 1.47 -13.58
CA GLU A 82 7.53 2.84 -14.05
C GLU A 82 6.34 3.80 -13.84
N GLU A 83 5.13 3.26 -13.64
CA GLU A 83 3.91 4.03 -13.36
C GLU A 83 3.67 4.25 -11.85
N VAL A 84 4.32 3.47 -10.98
CA VAL A 84 4.03 3.41 -9.54
C VAL A 84 4.65 4.60 -8.79
N PRO A 85 3.88 5.38 -8.01
CA PRO A 85 4.37 6.54 -7.27
C PRO A 85 5.15 6.15 -6.01
N ALA A 86 6.03 7.06 -5.59
CA ALA A 86 6.88 6.95 -4.38
C ALA A 86 7.24 8.34 -3.84
N VAL A 87 7.75 8.40 -2.59
CA VAL A 87 8.16 9.63 -1.90
C VAL A 87 9.31 10.40 -2.59
N GLY A 88 10.06 9.74 -3.47
CA GLY A 88 11.11 10.32 -4.31
C GLY A 88 11.48 9.41 -5.48
N ILE A 89 12.03 9.96 -6.55
CA ILE A 89 12.42 9.21 -7.76
C ILE A 89 13.81 8.61 -7.51
N VAL A 90 13.84 7.35 -7.09
CA VAL A 90 15.04 6.56 -6.75
C VAL A 90 14.69 5.05 -6.66
N PRO A 91 15.53 4.13 -7.15
CA PRO A 91 15.32 2.68 -6.99
C PRO A 91 15.26 2.24 -5.51
N PRO A 92 14.52 1.17 -5.19
CA PRO A 92 14.44 0.62 -3.84
C PRO A 92 15.77 -0.07 -3.42
N PRO A 93 16.09 -0.09 -2.12
CA PRO A 93 17.33 -0.69 -1.61
C PRO A 93 17.28 -2.23 -1.67
N SER A 94 18.43 -2.85 -1.94
CA SER A 94 18.56 -4.31 -2.09
C SER A 94 18.66 -5.08 -0.74
N GLY A 95 18.70 -4.37 0.39
CA GLY A 95 18.84 -4.95 1.73
C GLY A 95 17.54 -5.55 2.28
N PRO A 96 17.62 -6.49 3.25
CA PRO A 96 16.46 -7.13 3.87
C PRO A 96 15.77 -6.19 4.87
N SER A 97 14.51 -6.50 5.21
CA SER A 97 13.70 -5.72 6.17
C SER A 97 14.25 -5.73 7.62
N SER A 98 15.21 -6.60 7.92
CA SER A 98 15.90 -6.70 9.22
C SER A 98 17.01 -5.66 9.42
N GLY A 99 17.38 -4.89 8.39
CA GLY A 99 18.44 -3.86 8.44
C GLY A 99 18.62 -3.11 7.11
N GLY A 1 -10.04 17.05 3.83
CA GLY A 1 -9.54 15.71 4.21
C GLY A 1 -8.39 15.78 5.20
N SER A 2 -7.87 14.63 5.63
CA SER A 2 -6.81 14.53 6.66
C SER A 2 -5.39 14.86 6.15
N SER A 3 -5.19 14.94 4.83
CA SER A 3 -3.90 15.16 4.16
C SER A 3 -4.06 16.03 2.90
N GLY A 4 -3.00 16.75 2.50
CA GLY A 4 -3.00 17.66 1.35
C GLY A 4 -2.89 16.99 -0.03
N SER A 5 -2.65 15.67 -0.06
CA SER A 5 -2.53 14.84 -1.26
C SER A 5 -2.61 13.34 -0.89
N SER A 6 -2.59 12.45 -1.89
CA SER A 6 -2.58 10.99 -1.73
C SER A 6 -2.03 10.32 -3.00
N GLY A 7 -1.02 9.45 -2.85
CA GLY A 7 -0.25 8.86 -3.95
C GLY A 7 -0.60 7.39 -4.21
N ILE A 8 -0.03 6.49 -3.41
CA ILE A 8 -0.11 5.03 -3.67
C ILE A 8 -1.47 4.42 -3.34
N LYS A 9 -2.14 4.88 -2.29
CA LYS A 9 -3.49 4.45 -1.91
C LYS A 9 -4.52 4.91 -2.97
N ASN A 10 -4.34 6.14 -3.46
CA ASN A 10 -5.07 6.72 -4.59
C ASN A 10 -4.78 5.98 -5.92
N PHE A 11 -3.54 5.52 -6.13
CA PHE A 11 -3.13 4.83 -7.35
C PHE A 11 -3.75 3.43 -7.46
N LEU A 12 -3.82 2.66 -6.37
CA LEU A 12 -4.54 1.38 -6.37
C LEU A 12 -6.03 1.58 -6.65
N TYR A 13 -6.64 2.59 -6.03
CA TYR A 13 -8.05 2.92 -6.24
C TYR A 13 -8.34 3.35 -7.70
N ALA A 14 -7.48 4.18 -8.29
CA ALA A 14 -7.57 4.61 -9.68
C ALA A 14 -7.33 3.45 -10.67
N TRP A 15 -6.37 2.56 -10.39
CA TRP A 15 -6.10 1.36 -11.19
C TRP A 15 -7.31 0.41 -11.22
N CYS A 16 -7.91 0.18 -10.05
CA CYS A 16 -9.16 -0.58 -9.93
C CYS A 16 -10.30 0.09 -10.74
N GLY A 17 -10.46 1.40 -10.64
CA GLY A 17 -11.51 2.17 -11.32
C GLY A 17 -11.38 2.20 -12.85
N LYS A 18 -10.17 2.04 -13.38
CA LYS A 18 -9.91 1.90 -14.83
C LYS A 18 -10.23 0.49 -15.36
N ARG A 19 -10.50 -0.46 -14.44
CA ARG A 19 -10.79 -1.88 -14.69
C ARG A 19 -12.19 -2.29 -14.19
N LYS A 20 -13.04 -1.33 -13.78
CA LYS A 20 -14.40 -1.52 -13.24
C LYS A 20 -14.44 -2.28 -11.90
N MET A 21 -13.39 -2.15 -11.09
CA MET A 21 -13.20 -2.76 -9.76
C MET A 21 -13.11 -1.69 -8.65
N THR A 22 -13.11 -2.15 -7.39
CA THR A 22 -12.93 -1.34 -6.17
C THR A 22 -12.08 -2.14 -5.17
N PRO A 23 -11.01 -1.57 -4.58
CA PRO A 23 -10.20 -2.25 -3.56
C PRO A 23 -10.91 -2.25 -2.22
N ALA A 24 -10.72 -3.32 -1.43
CA ALA A 24 -11.32 -3.51 -0.11
C ALA A 24 -10.23 -3.62 0.96
N TYR A 25 -10.20 -2.64 1.86
CA TYR A 25 -9.23 -2.53 2.96
C TYR A 25 -9.81 -3.04 4.31
N GLU A 26 -8.92 -3.42 5.23
CA GLU A 26 -9.23 -3.74 6.63
C GLU A 26 -8.06 -3.33 7.53
N ILE A 27 -8.34 -2.99 8.79
CA ILE A 27 -7.38 -2.36 9.73
C ILE A 27 -7.38 -3.09 11.09
N ARG A 28 -6.18 -3.24 11.66
CA ARG A 28 -5.86 -3.83 12.96
C ARG A 28 -5.09 -2.80 13.81
N ALA A 29 -5.16 -2.89 15.14
CA ALA A 29 -4.46 -2.00 16.08
C ALA A 29 -3.43 -2.75 16.92
N VAL A 30 -2.27 -2.12 17.18
CA VAL A 30 -1.08 -2.71 17.83
C VAL A 30 -0.29 -1.64 18.62
N GLY A 31 0.77 -2.05 19.32
CA GLY A 31 1.62 -1.15 20.11
C GLY A 31 1.20 -1.11 21.59
N ASN A 32 1.30 0.08 22.20
CA ASN A 32 1.05 0.33 23.63
C ASN A 32 0.04 1.48 23.84
N LYS A 33 -0.50 1.62 25.06
CA LYS A 33 -1.45 2.69 25.43
C LYS A 33 -0.88 4.11 25.24
N ASN A 34 0.42 4.25 25.50
CA ASN A 34 1.21 5.48 25.35
C ASN A 34 1.99 5.58 24.00
N ARG A 35 1.82 4.58 23.11
CA ARG A 35 2.51 4.46 21.82
C ARG A 35 1.65 3.65 20.85
N GLN A 36 0.57 4.25 20.36
CA GLN A 36 -0.44 3.61 19.52
C GLN A 36 0.09 3.43 18.09
N LYS A 37 -0.20 2.26 17.49
CA LYS A 37 0.18 1.89 16.11
C LYS A 37 -0.92 1.06 15.45
N PHE A 38 -0.88 0.97 14.12
CA PHE A 38 -1.89 0.30 13.29
C PHE A 38 -1.25 -0.57 12.22
N MET A 39 -1.95 -1.65 11.86
CA MET A 39 -1.69 -2.56 10.75
C MET A 39 -2.86 -2.52 9.77
N CYS A 40 -2.62 -2.84 8.51
CA CYS A 40 -3.64 -2.78 7.46
C CYS A 40 -3.40 -3.86 6.39
N GLU A 41 -4.47 -4.26 5.71
CA GLU A 41 -4.49 -5.27 4.68
C GLU A 41 -5.50 -4.87 3.59
N VAL A 42 -5.21 -5.19 2.33
CA VAL A 42 -6.04 -4.83 1.17
C VAL A 42 -6.12 -5.98 0.14
N ARG A 43 -7.31 -6.14 -0.45
CA ARG A 43 -7.67 -7.17 -1.42
C ARG A 43 -8.48 -6.56 -2.58
N VAL A 44 -8.53 -7.27 -3.71
CA VAL A 44 -9.27 -6.88 -4.93
C VAL A 44 -9.92 -8.14 -5.51
N GLU A 45 -11.19 -8.04 -5.92
CA GLU A 45 -11.98 -9.17 -6.46
C GLU A 45 -11.31 -9.76 -7.72
N GLY A 46 -11.14 -11.08 -7.74
CA GLY A 46 -10.48 -11.83 -8.82
C GLY A 46 -8.97 -12.08 -8.60
N PHE A 47 -8.41 -11.63 -7.47
CA PHE A 47 -7.01 -11.82 -7.09
C PHE A 47 -6.92 -12.51 -5.72
N ASN A 48 -6.09 -13.56 -5.63
CA ASN A 48 -5.96 -14.40 -4.43
C ASN A 48 -5.03 -13.80 -3.34
N TYR A 49 -4.26 -12.77 -3.66
CA TYR A 49 -3.30 -12.13 -2.75
C TYR A 49 -3.96 -11.08 -1.82
N ALA A 50 -3.31 -10.81 -0.68
CA ALA A 50 -3.63 -9.72 0.22
C ALA A 50 -2.35 -8.93 0.56
N GLY A 51 -2.27 -7.68 0.10
CA GLY A 51 -1.15 -6.78 0.39
C GLY A 51 -1.33 -6.16 1.77
N MET A 52 -0.24 -5.98 2.51
CA MET A 52 -0.27 -5.59 3.94
C MET A 52 0.74 -4.52 4.30
N GLY A 53 0.38 -3.69 5.29
CA GLY A 53 1.12 -2.53 5.77
C GLY A 53 1.02 -2.30 7.27
N ASN A 54 1.84 -1.39 7.80
CA ASN A 54 1.82 -0.95 9.19
C ASN A 54 2.42 0.46 9.37
N SER A 55 1.96 1.22 10.37
CA SER A 55 2.41 2.58 10.68
C SER A 55 1.90 3.08 12.04
N THR A 56 2.16 4.35 12.38
CA THR A 56 1.64 5.05 13.57
C THR A 56 0.18 5.49 13.43
N ASN A 57 -0.36 5.46 12.20
CA ASN A 57 -1.66 6.02 11.84
C ASN A 57 -2.35 5.23 10.72
N LYS A 58 -3.69 5.26 10.70
CA LYS A 58 -4.53 4.47 9.80
C LYS A 58 -4.39 4.84 8.31
N LYS A 59 -4.08 6.10 7.99
CA LYS A 59 -3.89 6.54 6.60
C LYS A 59 -2.60 5.96 5.99
N ASP A 60 -1.47 6.10 6.67
CA ASP A 60 -0.18 5.59 6.19
C ASP A 60 -0.09 4.06 6.25
N ALA A 61 -0.80 3.41 7.18
CA ALA A 61 -0.95 1.95 7.19
C ALA A 61 -1.68 1.44 5.92
N GLN A 62 -2.75 2.13 5.48
CA GLN A 62 -3.43 1.83 4.22
C GLN A 62 -2.52 2.09 3.01
N SER A 63 -1.73 3.17 3.01
CA SER A 63 -0.75 3.43 1.94
C SER A 63 0.32 2.33 1.83
N ASN A 64 0.75 1.74 2.96
CA ASN A 64 1.68 0.60 2.95
C ASN A 64 1.00 -0.70 2.47
N ALA A 65 -0.26 -0.93 2.84
CA ALA A 65 -1.05 -2.07 2.34
C ALA A 65 -1.28 -1.97 0.82
N ALA A 66 -1.64 -0.79 0.34
CA ALA A 66 -1.77 -0.48 -1.08
C ALA A 66 -0.45 -0.68 -1.83
N ARG A 67 0.66 -0.15 -1.29
CA ARG A 67 2.00 -0.34 -1.86
C ARG A 67 2.33 -1.82 -2.03
N ASP A 68 2.04 -2.67 -1.06
CA ASP A 68 2.34 -4.10 -1.14
C ASP A 68 1.42 -4.88 -2.10
N PHE A 69 0.16 -4.43 -2.30
CA PHE A 69 -0.71 -5.00 -3.32
C PHE A 69 -0.36 -4.50 -4.74
N VAL A 70 0.01 -3.22 -4.89
CA VAL A 70 0.53 -2.67 -6.15
C VAL A 70 1.84 -3.35 -6.53
N ASN A 71 2.72 -3.58 -5.55
CA ASN A 71 3.91 -4.41 -5.72
C ASN A 71 3.53 -5.81 -6.23
N TYR A 72 2.56 -6.51 -5.62
CA TYR A 72 2.01 -7.77 -6.15
C TYR A 72 1.54 -7.67 -7.61
N LEU A 73 0.86 -6.59 -8.00
CA LEU A 73 0.48 -6.35 -9.40
C LEU A 73 1.67 -6.17 -10.35
N VAL A 74 2.85 -5.78 -9.85
CA VAL A 74 4.12 -5.82 -10.61
C VAL A 74 4.72 -7.23 -10.62
N ARG A 75 4.64 -7.98 -9.50
CA ARG A 75 5.08 -9.39 -9.40
C ARG A 75 4.32 -10.31 -10.38
N ILE A 76 3.07 -9.98 -10.73
CA ILE A 76 2.25 -10.70 -11.74
C ILE A 76 2.09 -9.96 -13.08
N ASN A 77 2.78 -8.83 -13.27
CA ASN A 77 2.88 -8.06 -14.53
C ASN A 77 1.56 -7.35 -14.96
N GLU A 78 0.59 -7.21 -14.05
CA GLU A 78 -0.66 -6.44 -14.26
C GLU A 78 -0.48 -4.92 -14.09
N VAL A 79 0.65 -4.47 -13.52
CA VAL A 79 1.08 -3.06 -13.43
C VAL A 79 2.58 -2.99 -13.74
N LYS A 80 3.00 -1.96 -14.49
CA LYS A 80 4.43 -1.64 -14.66
C LYS A 80 4.92 -0.75 -13.51
N SER A 81 6.08 -1.07 -12.92
CA SER A 81 6.70 -0.26 -11.85
C SER A 81 6.90 1.22 -12.25
N GLU A 82 7.19 1.48 -13.54
CA GLU A 82 7.36 2.83 -14.09
C GLU A 82 6.14 3.75 -13.90
N GLU A 83 4.94 3.19 -13.68
CA GLU A 83 3.71 3.94 -13.43
C GLU A 83 3.45 4.21 -11.93
N VAL A 84 4.12 3.50 -11.02
CA VAL A 84 3.82 3.48 -9.59
C VAL A 84 4.39 4.74 -8.89
N PRO A 85 3.56 5.54 -8.18
CA PRO A 85 4.03 6.67 -7.39
C PRO A 85 4.60 6.18 -6.05
N ALA A 86 5.84 6.58 -5.74
CA ALA A 86 6.57 6.14 -4.57
C ALA A 86 7.59 7.19 -4.09
N VAL A 87 7.56 7.51 -2.79
CA VAL A 87 8.54 8.39 -2.11
C VAL A 87 9.85 7.67 -1.75
N GLY A 88 9.90 6.34 -1.91
CA GLY A 88 11.02 5.47 -1.56
C GLY A 88 10.62 3.99 -1.46
N ILE A 89 11.42 3.20 -0.75
CA ILE A 89 11.18 1.77 -0.49
C ILE A 89 10.70 1.58 0.96
N VAL A 90 9.63 0.80 1.17
CA VAL A 90 9.02 0.51 2.47
C VAL A 90 8.54 -0.95 2.52
N PRO A 91 8.84 -1.71 3.61
CA PRO A 91 8.54 -3.14 3.69
C PRO A 91 7.13 -3.42 4.23
N PRO A 92 6.51 -4.56 3.88
CA PRO A 92 5.29 -5.05 4.49
C PRO A 92 5.58 -5.71 5.86
N PRO A 93 4.54 -6.02 6.68
CA PRO A 93 4.68 -6.80 7.91
C PRO A 93 5.43 -8.12 7.67
N SER A 94 6.46 -8.38 8.48
CA SER A 94 7.42 -9.49 8.32
C SER A 94 8.30 -9.66 9.59
N GLY A 95 9.22 -10.63 9.57
CA GLY A 95 10.13 -10.96 10.69
C GLY A 95 9.57 -12.01 11.65
N PRO A 96 10.10 -12.09 12.89
CA PRO A 96 9.69 -13.06 13.90
C PRO A 96 8.20 -13.00 14.25
N SER A 97 7.65 -14.12 14.73
CA SER A 97 6.22 -14.34 15.02
C SER A 97 5.71 -13.66 16.31
N SER A 98 6.43 -12.66 16.82
CA SER A 98 6.10 -11.83 18.00
C SER A 98 6.20 -12.57 19.37
N GLY A 99 6.67 -13.82 19.38
CA GLY A 99 6.86 -14.66 20.58
C GLY A 99 7.37 -16.05 20.25
N GLY A 1 -7.35 17.35 4.05
CA GLY A 1 -6.59 16.49 3.12
C GLY A 1 -5.33 15.93 3.77
N SER A 2 -4.33 15.54 2.97
CA SER A 2 -3.02 15.01 3.39
C SER A 2 -2.00 15.12 2.24
N SER A 3 -0.71 15.27 2.55
CA SER A 3 0.36 15.58 1.59
C SER A 3 1.54 14.58 1.60
N GLY A 4 1.41 13.47 2.35
CA GLY A 4 2.42 12.40 2.47
C GLY A 4 2.32 11.34 1.37
N SER A 5 2.70 10.11 1.70
CA SER A 5 2.81 8.98 0.75
C SER A 5 1.46 8.39 0.28
N SER A 6 0.33 8.97 0.69
CA SER A 6 -1.05 8.51 0.41
C SER A 6 -1.42 8.41 -1.09
N GLY A 7 -0.58 8.94 -2.00
CA GLY A 7 -0.78 8.86 -3.44
C GLY A 7 -0.74 7.44 -4.00
N ILE A 8 -0.10 6.48 -3.32
CA ILE A 8 -0.13 5.05 -3.69
C ILE A 8 -1.50 4.39 -3.41
N LYS A 9 -2.21 4.85 -2.37
CA LYS A 9 -3.57 4.41 -2.04
C LYS A 9 -4.55 4.90 -3.12
N ASN A 10 -4.42 6.16 -3.53
CA ASN A 10 -5.15 6.72 -4.67
C ASN A 10 -4.78 6.06 -6.02
N PHE A 11 -3.52 5.62 -6.19
CA PHE A 11 -3.06 4.96 -7.41
C PHE A 11 -3.67 3.57 -7.57
N LEU A 12 -3.75 2.77 -6.49
CA LEU A 12 -4.46 1.48 -6.52
C LEU A 12 -5.96 1.69 -6.83
N TYR A 13 -6.58 2.68 -6.19
CA TYR A 13 -7.98 3.02 -6.43
C TYR A 13 -8.26 3.46 -7.88
N ALA A 14 -7.39 4.29 -8.45
CA ALA A 14 -7.47 4.73 -9.85
C ALA A 14 -7.21 3.59 -10.85
N TRP A 15 -6.25 2.71 -10.58
CA TRP A 15 -5.98 1.52 -11.39
C TRP A 15 -7.19 0.56 -11.42
N CYS A 16 -7.79 0.32 -10.25
CA CYS A 16 -9.04 -0.44 -10.12
C CYS A 16 -10.18 0.23 -10.93
N GLY A 17 -10.34 1.54 -10.84
CA GLY A 17 -11.39 2.32 -11.52
C GLY A 17 -11.26 2.35 -13.04
N LYS A 18 -10.04 2.18 -13.58
CA LYS A 18 -9.79 2.04 -15.03
C LYS A 18 -10.13 0.62 -15.55
N ARG A 19 -10.40 -0.32 -14.63
CA ARG A 19 -10.71 -1.74 -14.87
C ARG A 19 -12.11 -2.13 -14.36
N LYS A 20 -12.94 -1.16 -13.94
CA LYS A 20 -14.30 -1.34 -13.40
C LYS A 20 -14.34 -2.10 -12.05
N MET A 21 -13.28 -1.98 -11.25
CA MET A 21 -13.10 -2.59 -9.92
C MET A 21 -12.99 -1.52 -8.82
N THR A 22 -12.99 -1.97 -7.55
CA THR A 22 -12.80 -1.15 -6.34
C THR A 22 -11.98 -1.95 -5.33
N PRO A 23 -10.91 -1.39 -4.72
CA PRO A 23 -10.12 -2.07 -3.69
C PRO A 23 -10.87 -2.03 -2.34
N ALA A 24 -10.74 -3.11 -1.57
CA ALA A 24 -11.41 -3.30 -0.28
C ALA A 24 -10.38 -3.48 0.85
N TYR A 25 -10.41 -2.57 1.83
CA TYR A 25 -9.45 -2.50 2.94
C TYR A 25 -10.03 -3.04 4.27
N GLU A 26 -9.15 -3.45 5.19
CA GLU A 26 -9.46 -3.85 6.56
C GLU A 26 -8.31 -3.44 7.49
N ILE A 27 -8.61 -3.07 8.75
CA ILE A 27 -7.67 -2.45 9.71
C ILE A 27 -7.79 -3.10 11.09
N ARG A 28 -6.66 -3.17 11.81
CA ARG A 28 -6.51 -3.69 13.18
C ARG A 28 -5.64 -2.75 14.02
N ALA A 29 -6.00 -2.54 15.29
CA ALA A 29 -5.19 -1.80 16.27
C ALA A 29 -4.26 -2.74 17.05
N VAL A 30 -3.01 -2.33 17.26
CA VAL A 30 -1.92 -3.10 17.89
C VAL A 30 -1.00 -2.18 18.71
N GLY A 31 0.05 -2.73 19.35
CA GLY A 31 1.04 -1.97 20.11
C GLY A 31 0.70 -1.85 21.60
N ASN A 32 1.07 -0.73 22.21
CA ASN A 32 0.97 -0.48 23.66
C ASN A 32 -0.01 0.66 24.00
N LYS A 33 -0.44 0.75 25.26
CA LYS A 33 -1.36 1.79 25.76
C LYS A 33 -0.78 3.22 25.65
N ASN A 34 0.52 3.38 25.90
CA ASN A 34 1.26 4.64 25.79
C ASN A 34 1.68 5.02 24.35
N ARG A 35 1.81 4.01 23.48
CA ARG A 35 2.20 4.13 22.07
C ARG A 35 1.46 3.08 21.22
N GLN A 36 0.29 3.46 20.73
CA GLN A 36 -0.58 2.61 19.90
C GLN A 36 -0.14 2.66 18.42
N LYS A 37 -0.42 1.57 17.70
CA LYS A 37 -0.08 1.35 16.29
C LYS A 37 -1.26 0.66 15.56
N PHE A 38 -1.20 0.64 14.23
CA PHE A 38 -2.23 0.05 13.36
C PHE A 38 -1.62 -0.81 12.25
N MET A 39 -2.33 -1.88 11.90
CA MET A 39 -2.05 -2.76 10.76
C MET A 39 -3.22 -2.70 9.78
N CYS A 40 -2.96 -2.99 8.51
CA CYS A 40 -3.95 -2.91 7.43
C CYS A 40 -3.71 -4.02 6.38
N GLU A 41 -4.82 -4.48 5.80
CA GLU A 41 -4.88 -5.44 4.69
C GLU A 41 -5.72 -4.83 3.56
N VAL A 42 -5.38 -5.14 2.30
CA VAL A 42 -6.18 -4.76 1.11
C VAL A 42 -6.29 -5.90 0.11
N ARG A 43 -7.47 -6.02 -0.52
CA ARG A 43 -7.83 -7.05 -1.50
C ARG A 43 -8.59 -6.42 -2.68
N VAL A 44 -8.61 -7.12 -3.82
CA VAL A 44 -9.32 -6.74 -5.06
C VAL A 44 -9.96 -8.00 -5.66
N GLU A 45 -11.21 -7.90 -6.09
CA GLU A 45 -11.99 -9.02 -6.64
C GLU A 45 -11.31 -9.64 -7.88
N GLY A 46 -11.16 -10.97 -7.88
CA GLY A 46 -10.51 -11.73 -8.96
C GLY A 46 -9.03 -12.02 -8.74
N PHE A 47 -8.44 -11.56 -7.63
CA PHE A 47 -7.04 -11.78 -7.25
C PHE A 47 -6.94 -12.53 -5.91
N ASN A 48 -6.07 -13.53 -5.84
CA ASN A 48 -5.90 -14.39 -4.65
C ASN A 48 -4.98 -13.80 -3.57
N TYR A 49 -4.25 -12.72 -3.87
CA TYR A 49 -3.32 -12.05 -2.95
C TYR A 49 -4.04 -11.05 -2.02
N ALA A 50 -3.38 -10.71 -0.91
CA ALA A 50 -3.78 -9.63 0.00
C ALA A 50 -2.54 -8.81 0.38
N GLY A 51 -2.54 -7.51 0.04
CA GLY A 51 -1.46 -6.58 0.36
C GLY A 51 -1.53 -6.14 1.81
N MET A 52 -0.39 -6.05 2.49
CA MET A 52 -0.31 -5.83 3.95
C MET A 52 0.62 -4.67 4.31
N GLY A 53 0.21 -3.88 5.31
CA GLY A 53 0.96 -2.73 5.84
C GLY A 53 0.74 -2.49 7.33
N ASN A 54 1.60 -1.67 7.94
CA ASN A 54 1.48 -1.22 9.33
C ASN A 54 2.25 0.08 9.61
N SER A 55 1.81 0.85 10.62
CA SER A 55 2.42 2.12 11.06
C SER A 55 1.83 2.60 12.40
N THR A 56 2.13 3.83 12.82
CA THR A 56 1.58 4.51 14.00
C THR A 56 0.13 4.97 13.83
N ASN A 57 -0.38 4.95 12.59
CA ASN A 57 -1.67 5.53 12.20
C ASN A 57 -2.31 4.79 11.01
N LYS A 58 -3.63 4.92 10.87
CA LYS A 58 -4.43 4.20 9.87
C LYS A 58 -4.12 4.61 8.41
N LYS A 59 -3.71 5.86 8.17
CA LYS A 59 -3.42 6.37 6.81
C LYS A 59 -2.13 5.75 6.24
N ASP A 60 -1.05 5.77 7.01
CA ASP A 60 0.23 5.16 6.61
C ASP A 60 0.15 3.63 6.56
N ALA A 61 -0.69 3.00 7.40
CA ALA A 61 -0.91 1.55 7.31
C ALA A 61 -1.63 1.16 6.00
N GLN A 62 -2.64 1.94 5.58
CA GLN A 62 -3.34 1.75 4.30
C GLN A 62 -2.43 2.00 3.10
N SER A 63 -1.56 3.01 3.12
CA SER A 63 -0.65 3.26 1.99
C SER A 63 0.44 2.18 1.86
N ASN A 64 0.88 1.58 2.97
CA ASN A 64 1.76 0.41 2.94
C ASN A 64 1.04 -0.84 2.40
N ALA A 65 -0.22 -1.06 2.80
CA ALA A 65 -1.04 -2.16 2.29
C ALA A 65 -1.30 -2.02 0.78
N ALA A 66 -1.65 -0.82 0.32
CA ALA A 66 -1.81 -0.49 -1.09
C ALA A 66 -0.51 -0.69 -1.87
N ARG A 67 0.62 -0.17 -1.37
CA ARG A 67 1.93 -0.35 -2.00
C ARG A 67 2.28 -1.84 -2.16
N ASP A 68 1.99 -2.69 -1.18
CA ASP A 68 2.27 -4.12 -1.27
C ASP A 68 1.34 -4.87 -2.26
N PHE A 69 0.10 -4.41 -2.44
CA PHE A 69 -0.79 -4.94 -3.48
C PHE A 69 -0.40 -4.43 -4.88
N VAL A 70 -0.02 -3.16 -5.01
CA VAL A 70 0.54 -2.61 -6.26
C VAL A 70 1.84 -3.33 -6.64
N ASN A 71 2.70 -3.59 -5.66
CA ASN A 71 3.88 -4.42 -5.84
C ASN A 71 3.50 -5.83 -6.33
N TYR A 72 2.52 -6.52 -5.73
CA TYR A 72 1.97 -7.78 -6.27
C TYR A 72 1.52 -7.67 -7.74
N LEU A 73 0.84 -6.58 -8.13
CA LEU A 73 0.46 -6.33 -9.52
C LEU A 73 1.65 -6.10 -10.46
N VAL A 74 2.82 -5.71 -9.95
CA VAL A 74 4.10 -5.67 -10.69
C VAL A 74 4.74 -7.08 -10.75
N ARG A 75 4.66 -7.86 -9.66
CA ARG A 75 5.11 -9.27 -9.61
C ARG A 75 4.39 -10.15 -10.65
N ILE A 76 3.13 -9.83 -10.98
CA ILE A 76 2.32 -10.53 -12.03
C ILE A 76 2.14 -9.72 -13.32
N ASN A 77 2.79 -8.55 -13.46
CA ASN A 77 2.83 -7.71 -14.67
C ASN A 77 1.47 -7.06 -15.07
N GLU A 78 0.50 -7.02 -14.15
CA GLU A 78 -0.78 -6.30 -14.30
C GLU A 78 -0.67 -4.78 -14.05
N VAL A 79 0.45 -4.33 -13.49
CA VAL A 79 0.87 -2.92 -13.37
C VAL A 79 2.33 -2.83 -13.82
N LYS A 80 2.67 -1.83 -14.64
CA LYS A 80 4.07 -1.50 -14.95
C LYS A 80 4.68 -0.68 -13.81
N SER A 81 5.87 -1.04 -13.34
CA SER A 81 6.57 -0.30 -12.29
C SER A 81 6.79 1.18 -12.64
N GLU A 82 7.00 1.50 -13.93
CA GLU A 82 7.16 2.87 -14.45
C GLU A 82 5.99 3.82 -14.12
N GLU A 83 4.80 3.27 -13.83
CA GLU A 83 3.60 4.04 -13.48
C GLU A 83 3.45 4.26 -11.95
N VAL A 84 4.16 3.49 -11.13
CA VAL A 84 3.96 3.43 -9.67
C VAL A 84 4.57 4.66 -8.99
N PRO A 85 3.81 5.40 -8.14
CA PRO A 85 4.35 6.52 -7.37
C PRO A 85 5.23 5.98 -6.23
N ALA A 86 6.52 6.27 -6.32
CA ALA A 86 7.57 5.78 -5.42
C ALA A 86 8.85 6.65 -5.52
N VAL A 87 9.79 6.49 -4.57
CA VAL A 87 11.07 7.19 -4.53
C VAL A 87 12.05 6.79 -5.65
N GLY A 88 11.77 5.67 -6.34
CA GLY A 88 12.54 5.16 -7.48
C GLY A 88 11.79 4.08 -8.25
N ILE A 89 12.24 3.81 -9.48
CA ILE A 89 11.65 2.82 -10.41
C ILE A 89 12.62 1.62 -10.57
N VAL A 90 12.10 0.39 -10.54
CA VAL A 90 12.86 -0.87 -10.60
C VAL A 90 12.09 -1.88 -11.48
N PRO A 91 12.74 -2.63 -12.40
CA PRO A 91 12.08 -3.66 -13.22
C PRO A 91 11.32 -4.72 -12.41
N PRO A 92 10.31 -5.39 -13.01
CA PRO A 92 9.53 -6.43 -12.34
C PRO A 92 10.42 -7.63 -11.98
N PRO A 93 10.22 -8.27 -10.79
CA PRO A 93 11.11 -9.28 -10.26
C PRO A 93 11.00 -10.62 -11.01
N SER A 94 12.13 -11.31 -11.15
CA SER A 94 12.28 -12.60 -11.84
C SER A 94 13.66 -13.23 -11.51
N GLY A 95 13.84 -14.52 -11.81
CA GLY A 95 15.07 -15.28 -11.54
C GLY A 95 15.17 -15.80 -10.09
N PRO A 96 16.38 -16.21 -9.64
CA PRO A 96 16.60 -16.78 -8.31
C PRO A 96 16.55 -15.71 -7.21
N SER A 97 16.28 -16.15 -5.97
CA SER A 97 16.16 -15.28 -4.79
C SER A 97 17.49 -14.60 -4.40
N SER A 98 17.43 -13.31 -4.02
CA SER A 98 18.59 -12.52 -3.58
C SER A 98 19.16 -12.98 -2.22
N GLY A 99 20.48 -12.89 -2.03
CA GLY A 99 21.19 -13.24 -0.79
C GLY A 99 22.69 -13.01 -0.88
N GLY A 1 -1.34 19.40 6.69
CA GLY A 1 -2.61 19.16 5.95
C GLY A 1 -3.28 17.85 6.36
N SER A 2 -4.56 17.71 6.08
CA SER A 2 -5.38 16.55 6.51
C SER A 2 -5.28 15.32 5.58
N SER A 3 -4.58 15.42 4.45
CA SER A 3 -4.45 14.39 3.41
C SER A 3 -3.27 14.69 2.46
N GLY A 4 -2.93 13.72 1.60
CA GLY A 4 -1.79 13.79 0.66
C GLY A 4 -0.52 13.13 1.23
N SER A 5 0.64 13.61 0.79
CA SER A 5 2.00 13.19 1.21
C SER A 5 2.43 11.79 0.72
N SER A 6 1.54 11.04 0.05
CA SER A 6 1.79 9.74 -0.58
C SER A 6 0.63 9.40 -1.55
N GLY A 7 0.94 9.27 -2.85
CA GLY A 7 -0.06 9.06 -3.91
C GLY A 7 -0.47 7.60 -4.14
N ILE A 8 0.21 6.64 -3.49
CA ILE A 8 0.03 5.20 -3.71
C ILE A 8 -1.35 4.67 -3.32
N LYS A 9 -1.98 5.25 -2.29
CA LYS A 9 -3.33 4.89 -1.85
C LYS A 9 -4.40 5.30 -2.89
N ASN A 10 -4.17 6.42 -3.59
CA ASN A 10 -4.99 6.86 -4.73
C ASN A 10 -4.64 6.10 -6.03
N PHE A 11 -3.38 5.65 -6.19
CA PHE A 11 -2.93 4.90 -7.36
C PHE A 11 -3.62 3.54 -7.47
N LEU A 12 -3.74 2.80 -6.35
CA LEU A 12 -4.47 1.53 -6.33
C LEU A 12 -5.97 1.75 -6.63
N TYR A 13 -6.56 2.80 -6.04
CA TYR A 13 -7.96 3.14 -6.27
C TYR A 13 -8.24 3.52 -7.75
N ALA A 14 -7.36 4.30 -8.37
CA ALA A 14 -7.44 4.69 -9.78
C ALA A 14 -7.18 3.51 -10.74
N TRP A 15 -6.22 2.63 -10.42
CA TRP A 15 -5.96 1.40 -11.17
C TRP A 15 -7.18 0.47 -11.19
N CYS A 16 -7.80 0.26 -10.01
CA CYS A 16 -9.07 -0.45 -9.87
C CYS A 16 -10.20 0.21 -10.69
N GLY A 17 -10.32 1.55 -10.62
CA GLY A 17 -11.36 2.31 -11.32
C GLY A 17 -11.22 2.29 -12.84
N LYS A 18 -10.01 2.09 -13.38
CA LYS A 18 -9.75 1.91 -14.81
C LYS A 18 -10.06 0.47 -15.30
N ARG A 19 -10.36 -0.43 -14.36
CA ARG A 19 -10.67 -1.86 -14.56
C ARG A 19 -12.08 -2.24 -14.07
N LYS A 20 -12.92 -1.25 -13.72
CA LYS A 20 -14.30 -1.41 -13.20
C LYS A 20 -14.36 -2.12 -11.82
N MET A 21 -13.33 -1.95 -10.99
CA MET A 21 -13.18 -2.51 -9.64
C MET A 21 -13.06 -1.41 -8.56
N THR A 22 -13.08 -1.83 -7.29
CA THR A 22 -12.88 -0.99 -6.10
C THR A 22 -12.06 -1.78 -5.07
N PRO A 23 -10.96 -1.24 -4.50
CA PRO A 23 -10.17 -1.92 -3.48
C PRO A 23 -10.88 -1.86 -2.12
N ALA A 24 -10.79 -2.95 -1.36
CA ALA A 24 -11.41 -3.09 -0.04
C ALA A 24 -10.34 -3.22 1.05
N TYR A 25 -10.29 -2.26 1.97
CA TYR A 25 -9.31 -2.16 3.06
C TYR A 25 -9.86 -2.68 4.40
N GLU A 26 -8.96 -3.07 5.31
CA GLU A 26 -9.25 -3.40 6.70
C GLU A 26 -8.06 -3.00 7.59
N ILE A 27 -8.32 -2.64 8.85
CA ILE A 27 -7.36 -2.02 9.78
C ILE A 27 -7.39 -2.71 11.16
N ARG A 28 -6.23 -2.80 11.82
CA ARG A 28 -6.02 -3.58 13.06
C ARG A 28 -5.02 -2.88 13.99
N ALA A 29 -5.36 -2.80 15.27
CA ALA A 29 -4.56 -2.13 16.31
C ALA A 29 -3.53 -3.09 16.92
N VAL A 30 -2.29 -2.62 17.14
CA VAL A 30 -1.14 -3.41 17.61
C VAL A 30 -0.17 -2.55 18.45
N GLY A 31 0.74 -3.19 19.19
CA GLY A 31 1.73 -2.52 20.03
C GLY A 31 1.27 -2.42 21.49
N ASN A 32 1.40 -1.22 22.08
CA ASN A 32 1.17 -0.96 23.51
C ASN A 32 -0.01 0.03 23.73
N LYS A 33 -0.63 -0.01 24.91
CA LYS A 33 -1.73 0.90 25.31
C LYS A 33 -1.34 2.39 25.23
N ASN A 34 -0.14 2.73 25.70
CA ASN A 34 0.42 4.09 25.67
C ASN A 34 1.12 4.42 24.33
N ARG A 35 1.66 3.42 23.63
CA ARG A 35 2.28 3.54 22.30
C ARG A 35 1.54 2.66 21.27
N GLN A 36 0.44 3.19 20.77
CA GLN A 36 -0.42 2.56 19.76
C GLN A 36 0.27 2.54 18.38
N LYS A 37 -0.05 1.53 17.58
CA LYS A 37 0.32 1.35 16.17
C LYS A 37 -0.83 0.65 15.40
N PHE A 38 -0.92 0.89 14.10
CA PHE A 38 -1.99 0.38 13.24
C PHE A 38 -1.45 -0.36 12.02
N MET A 39 -1.87 -1.61 11.87
CA MET A 39 -1.69 -2.41 10.66
C MET A 39 -2.89 -2.19 9.73
N CYS A 40 -2.68 -2.40 8.43
CA CYS A 40 -3.71 -2.36 7.42
C CYS A 40 -3.48 -3.44 6.36
N GLU A 41 -4.55 -3.94 5.77
CA GLU A 41 -4.55 -4.89 4.68
C GLU A 41 -5.57 -4.47 3.61
N VAL A 42 -5.33 -4.86 2.35
CA VAL A 42 -6.15 -4.50 1.19
C VAL A 42 -6.32 -5.69 0.24
N ARG A 43 -7.52 -5.82 -0.32
CA ARG A 43 -7.97 -6.93 -1.16
C ARG A 43 -8.76 -6.41 -2.37
N VAL A 44 -8.78 -7.18 -3.46
CA VAL A 44 -9.46 -6.86 -4.72
C VAL A 44 -10.07 -8.15 -5.29
N GLU A 45 -11.32 -8.09 -5.75
CA GLU A 45 -12.06 -9.25 -6.28
C GLU A 45 -11.38 -9.85 -7.51
N GLY A 46 -11.16 -11.17 -7.50
CA GLY A 46 -10.49 -11.93 -8.57
C GLY A 46 -8.99 -12.13 -8.37
N PHE A 47 -8.43 -11.66 -7.25
CA PHE A 47 -7.01 -11.82 -6.89
C PHE A 47 -6.88 -12.58 -5.56
N ASN A 48 -6.01 -13.61 -5.54
CA ASN A 48 -5.85 -14.51 -4.40
C ASN A 48 -5.04 -13.90 -3.23
N TYR A 49 -4.16 -12.94 -3.52
CA TYR A 49 -3.33 -12.26 -2.52
C TYR A 49 -4.08 -11.18 -1.72
N ALA A 50 -3.59 -10.89 -0.51
CA ALA A 50 -4.02 -9.77 0.33
C ALA A 50 -2.77 -9.00 0.79
N GLY A 51 -2.58 -7.78 0.26
CA GLY A 51 -1.41 -6.94 0.56
C GLY A 51 -1.59 -6.18 1.86
N MET A 52 -0.50 -5.91 2.57
CA MET A 52 -0.53 -5.38 3.94
C MET A 52 0.67 -4.52 4.33
N GLY A 53 0.42 -3.59 5.25
CA GLY A 53 1.38 -2.62 5.80
C GLY A 53 1.08 -2.25 7.25
N ASN A 54 1.92 -1.38 7.82
CA ASN A 54 1.81 -0.89 9.20
C ASN A 54 2.40 0.52 9.34
N SER A 55 1.94 1.27 10.33
CA SER A 55 2.42 2.61 10.70
C SER A 55 1.88 3.08 12.06
N THR A 56 2.19 4.33 12.45
CA THR A 56 1.61 5.05 13.60
C THR A 56 0.23 5.63 13.26
N ASN A 57 -0.04 5.86 11.97
CA ASN A 57 -1.29 6.47 11.47
C ASN A 57 -2.04 5.51 10.53
N LYS A 58 -3.37 5.50 10.58
CA LYS A 58 -4.23 4.68 9.72
C LYS A 58 -4.08 5.00 8.21
N LYS A 59 -3.78 6.25 7.86
CA LYS A 59 -3.58 6.71 6.48
C LYS A 59 -2.24 6.24 5.88
N ASP A 60 -1.17 6.31 6.67
CA ASP A 60 0.16 5.79 6.30
C ASP A 60 0.15 4.25 6.26
N ALA A 61 -0.63 3.60 7.14
CA ALA A 61 -0.80 2.16 7.15
C ALA A 61 -1.54 1.67 5.89
N GLN A 62 -2.63 2.35 5.48
CA GLN A 62 -3.31 2.11 4.21
C GLN A 62 -2.39 2.34 3.01
N SER A 63 -1.56 3.38 3.04
CA SER A 63 -0.60 3.65 1.95
C SER A 63 0.45 2.54 1.82
N ASN A 64 0.91 1.97 2.95
CA ASN A 64 1.85 0.84 2.96
C ASN A 64 1.17 -0.47 2.51
N ALA A 65 -0.10 -0.70 2.90
CA ALA A 65 -0.91 -1.83 2.42
C ALA A 65 -1.15 -1.75 0.90
N ALA A 66 -1.48 -0.56 0.39
CA ALA A 66 -1.61 -0.30 -1.05
C ALA A 66 -0.28 -0.56 -1.78
N ARG A 67 0.83 -0.01 -1.28
CA ARG A 67 2.16 -0.21 -1.88
C ARG A 67 2.55 -1.69 -1.97
N ASP A 68 2.20 -2.49 -0.97
CA ASP A 68 2.47 -3.93 -0.93
C ASP A 68 1.58 -4.73 -1.90
N PHE A 69 0.29 -4.36 -2.07
CA PHE A 69 -0.58 -4.98 -3.06
C PHE A 69 -0.22 -4.56 -4.49
N VAL A 70 0.16 -3.30 -4.71
CA VAL A 70 0.67 -2.82 -6.00
C VAL A 70 1.96 -3.54 -6.38
N ASN A 71 2.82 -3.83 -5.40
CA ASN A 71 4.00 -4.67 -5.61
C ASN A 71 3.59 -6.06 -6.14
N TYR A 72 2.62 -6.74 -5.51
CA TYR A 72 2.04 -8.00 -6.03
C TYR A 72 1.51 -7.88 -7.47
N LEU A 73 0.80 -6.79 -7.79
CA LEU A 73 0.31 -6.52 -9.15
C LEU A 73 1.44 -6.35 -10.19
N VAL A 74 2.64 -5.89 -9.78
CA VAL A 74 3.84 -5.90 -10.65
C VAL A 74 4.41 -7.32 -10.80
N ARG A 75 4.41 -8.13 -9.73
CA ARG A 75 4.89 -9.53 -9.79
C ARG A 75 4.06 -10.41 -10.74
N ILE A 76 2.76 -10.12 -10.89
CA ILE A 76 1.86 -10.81 -11.85
C ILE A 76 1.68 -10.05 -13.18
N ASN A 77 2.39 -8.94 -13.38
CA ASN A 77 2.47 -8.15 -14.62
C ASN A 77 1.18 -7.35 -14.95
N GLU A 78 0.30 -7.14 -13.97
CA GLU A 78 -0.95 -6.38 -14.09
C GLU A 78 -0.78 -4.86 -13.79
N VAL A 79 0.40 -4.46 -13.33
CA VAL A 79 0.87 -3.06 -13.19
C VAL A 79 2.31 -2.99 -13.70
N LYS A 80 2.67 -1.93 -14.44
CA LYS A 80 4.07 -1.63 -14.79
C LYS A 80 4.73 -0.82 -13.67
N SER A 81 5.90 -1.26 -13.18
CA SER A 81 6.62 -0.59 -12.09
C SER A 81 6.92 0.89 -12.37
N GLU A 82 7.17 1.25 -13.64
CA GLU A 82 7.45 2.62 -14.08
C GLU A 82 6.32 3.62 -13.80
N GLU A 83 5.09 3.13 -13.57
CA GLU A 83 3.93 3.95 -13.22
C GLU A 83 3.74 4.14 -11.70
N VAL A 84 4.37 3.32 -10.87
CA VAL A 84 4.12 3.22 -9.42
C VAL A 84 4.74 4.42 -8.67
N PRO A 85 3.96 5.20 -7.90
CA PRO A 85 4.47 6.33 -7.12
C PRO A 85 5.11 5.87 -5.80
N ALA A 86 6.09 6.65 -5.33
CA ALA A 86 6.84 6.41 -4.09
C ALA A 86 7.40 7.73 -3.51
N VAL A 87 7.85 7.70 -2.25
CA VAL A 87 8.38 8.84 -1.48
C VAL A 87 9.66 9.50 -2.06
N GLY A 88 10.34 8.82 -2.99
CA GLY A 88 11.60 9.27 -3.62
C GLY A 88 12.81 8.55 -3.03
N ILE A 89 13.73 8.12 -3.90
CA ILE A 89 14.95 7.36 -3.57
C ILE A 89 16.15 7.98 -4.31
N VAL A 90 17.29 8.14 -3.62
CA VAL A 90 18.58 8.61 -4.17
C VAL A 90 19.70 7.69 -3.64
N PRO A 91 20.33 6.85 -4.49
CA PRO A 91 21.41 5.95 -4.07
C PRO A 91 22.64 6.70 -3.52
N PRO A 92 23.34 6.15 -2.51
CA PRO A 92 24.54 6.76 -1.96
C PRO A 92 25.71 6.67 -2.95
N PRO A 93 26.44 7.77 -3.21
CA PRO A 93 27.55 7.78 -4.18
C PRO A 93 28.79 7.04 -3.68
N SER A 94 28.92 6.83 -2.36
CA SER A 94 29.96 6.02 -1.72
C SER A 94 29.59 4.54 -1.57
N GLY A 95 28.37 4.15 -2.00
CA GLY A 95 27.80 2.80 -1.86
C GLY A 95 27.11 2.56 -0.51
N PRO A 96 26.30 1.49 -0.39
CA PRO A 96 25.54 1.17 0.82
C PRO A 96 26.48 0.72 1.95
N SER A 97 26.28 1.26 3.14
CA SER A 97 27.14 1.07 4.32
C SER A 97 26.48 1.60 5.61
N SER A 98 26.99 1.22 6.79
CA SER A 98 26.49 1.63 8.10
C SER A 98 27.54 1.40 9.22
N GLY A 99 27.35 2.04 10.39
CA GLY A 99 28.25 1.94 11.55
C GLY A 99 27.74 2.74 12.75
N GLY A 1 0.75 13.29 0.97
CA GLY A 1 -0.52 13.99 0.65
C GLY A 1 -1.51 13.91 1.80
N SER A 2 -2.80 14.17 1.53
CA SER A 2 -3.88 14.17 2.53
C SER A 2 -4.61 12.81 2.67
N SER A 3 -4.43 11.90 1.71
CA SER A 3 -5.07 10.57 1.66
C SER A 3 -4.09 9.41 1.89
N GLY A 4 -2.79 9.71 2.04
CA GLY A 4 -1.69 8.75 2.13
C GLY A 4 -0.32 9.42 1.97
N SER A 5 0.75 8.64 1.97
CA SER A 5 2.13 9.15 1.92
C SER A 5 2.50 9.70 0.53
N SER A 6 2.72 8.82 -0.45
CA SER A 6 3.07 9.14 -1.84
C SER A 6 1.85 9.29 -2.77
N GLY A 7 0.64 9.02 -2.26
CA GLY A 7 -0.60 8.91 -3.04
C GLY A 7 -0.87 7.49 -3.55
N ILE A 8 -0.08 6.49 -3.13
CA ILE A 8 -0.21 5.08 -3.54
C ILE A 8 -1.57 4.45 -3.19
N LYS A 9 -2.23 4.91 -2.12
CA LYS A 9 -3.64 4.58 -1.80
C LYS A 9 -4.57 4.96 -2.96
N ASN A 10 -4.48 6.20 -3.44
CA ASN A 10 -5.25 6.69 -4.58
C ASN A 10 -4.80 6.07 -5.92
N PHE A 11 -3.54 5.64 -6.05
CA PHE A 11 -3.04 4.94 -7.23
C PHE A 11 -3.72 3.56 -7.40
N LEU A 12 -3.81 2.77 -6.32
CA LEU A 12 -4.53 1.50 -6.35
C LEU A 12 -6.03 1.72 -6.64
N TYR A 13 -6.64 2.73 -6.02
CA TYR A 13 -8.05 3.06 -6.25
C TYR A 13 -8.33 3.48 -7.71
N ALA A 14 -7.46 4.29 -8.31
CA ALA A 14 -7.56 4.72 -9.72
C ALA A 14 -7.27 3.57 -10.69
N TRP A 15 -6.32 2.69 -10.38
CA TRP A 15 -6.04 1.47 -11.16
C TRP A 15 -7.25 0.55 -11.19
N CYS A 16 -7.88 0.32 -10.03
CA CYS A 16 -9.14 -0.42 -9.92
C CYS A 16 -10.26 0.25 -10.74
N GLY A 17 -10.40 1.58 -10.65
CA GLY A 17 -11.45 2.35 -11.33
C GLY A 17 -11.32 2.36 -12.86
N LYS A 18 -10.11 2.21 -13.40
CA LYS A 18 -9.84 2.07 -14.84
C LYS A 18 -10.11 0.64 -15.35
N ARG A 19 -10.40 -0.30 -14.44
CA ARG A 19 -10.67 -1.72 -14.67
C ARG A 19 -12.08 -2.13 -14.19
N LYS A 20 -12.94 -1.16 -13.81
CA LYS A 20 -14.32 -1.36 -13.32
C LYS A 20 -14.39 -2.11 -11.96
N MET A 21 -13.36 -1.95 -11.12
CA MET A 21 -13.21 -2.55 -9.78
C MET A 21 -13.13 -1.47 -8.68
N THR A 22 -13.15 -1.91 -7.42
CA THR A 22 -12.95 -1.09 -6.20
C THR A 22 -12.13 -1.91 -5.19
N PRO A 23 -11.05 -1.36 -4.59
CA PRO A 23 -10.25 -2.05 -3.59
C PRO A 23 -10.97 -2.08 -2.23
N ALA A 24 -10.78 -3.15 -1.48
CA ALA A 24 -11.36 -3.35 -0.15
C ALA A 24 -10.27 -3.44 0.92
N TYR A 25 -10.27 -2.49 1.85
CA TYR A 25 -9.28 -2.37 2.95
C TYR A 25 -9.82 -2.93 4.28
N GLU A 26 -8.91 -3.30 5.19
CA GLU A 26 -9.20 -3.70 6.57
C GLU A 26 -8.06 -3.27 7.50
N ILE A 27 -8.35 -2.99 8.78
CA ILE A 27 -7.42 -2.37 9.74
C ILE A 27 -7.52 -3.04 11.13
N ARG A 28 -6.39 -3.14 11.85
CA ARG A 28 -6.27 -3.70 13.21
C ARG A 28 -5.34 -2.86 14.07
N ALA A 29 -5.73 -2.58 15.31
CA ALA A 29 -4.93 -1.85 16.29
C ALA A 29 -3.94 -2.78 17.02
N VAL A 30 -2.70 -2.33 17.22
CA VAL A 30 -1.58 -3.06 17.84
C VAL A 30 -0.70 -2.13 18.68
N GLY A 31 0.32 -2.68 19.37
CA GLY A 31 1.21 -1.93 20.26
C GLY A 31 0.71 -1.87 21.70
N ASN A 32 1.03 -0.79 22.41
CA ASN A 32 0.66 -0.55 23.82
C ASN A 32 -0.24 0.68 23.98
N LYS A 33 -0.84 0.86 25.16
CA LYS A 33 -1.76 1.98 25.48
C LYS A 33 -1.16 3.37 25.21
N ASN A 34 0.09 3.58 25.62
CA ASN A 34 0.82 4.84 25.43
C ASN A 34 1.42 5.03 24.02
N ARG A 35 1.76 3.92 23.36
CA ARG A 35 2.38 3.83 22.03
C ARG A 35 1.61 2.85 21.14
N GLN A 36 0.47 3.32 20.61
CA GLN A 36 -0.45 2.53 19.79
C GLN A 36 -0.14 2.70 18.30
N LYS A 37 -0.33 1.62 17.53
CA LYS A 37 -0.08 1.50 16.09
C LYS A 37 -1.22 0.74 15.38
N PHE A 38 -1.23 0.78 14.05
CA PHE A 38 -2.28 0.21 13.21
C PHE A 38 -1.68 -0.59 12.04
N MET A 39 -2.09 -1.85 11.95
CA MET A 39 -1.85 -2.73 10.80
C MET A 39 -2.99 -2.58 9.79
N CYS A 40 -2.72 -2.86 8.51
CA CYS A 40 -3.69 -2.74 7.43
C CYS A 40 -3.51 -3.85 6.38
N GLU A 41 -4.62 -4.30 5.82
CA GLU A 41 -4.71 -5.21 4.67
C GLU A 41 -5.50 -4.54 3.54
N VAL A 42 -5.20 -4.91 2.29
CA VAL A 42 -6.01 -4.54 1.11
C VAL A 42 -6.11 -5.70 0.12
N ARG A 43 -7.29 -5.85 -0.47
CA ARG A 43 -7.68 -6.95 -1.37
C ARG A 43 -8.54 -6.41 -2.53
N VAL A 44 -8.59 -7.15 -3.65
CA VAL A 44 -9.34 -6.80 -4.87
C VAL A 44 -9.97 -8.08 -5.43
N GLU A 45 -11.25 -8.01 -5.83
CA GLU A 45 -12.01 -9.14 -6.37
C GLU A 45 -11.35 -9.72 -7.64
N GLY A 46 -11.16 -11.04 -7.66
CA GLY A 46 -10.51 -11.77 -8.76
C GLY A 46 -9.00 -12.00 -8.57
N PHE A 47 -8.43 -11.57 -7.44
CA PHE A 47 -7.02 -11.75 -7.08
C PHE A 47 -6.91 -12.46 -5.71
N ASN A 48 -6.12 -13.54 -5.66
CA ASN A 48 -5.96 -14.38 -4.46
C ASN A 48 -5.05 -13.75 -3.38
N TYR A 49 -4.16 -12.83 -3.77
CA TYR A 49 -3.24 -12.13 -2.87
C TYR A 49 -3.94 -11.10 -1.96
N ALA A 50 -3.31 -10.79 -0.82
CA ALA A 50 -3.69 -9.71 0.08
C ALA A 50 -2.45 -8.89 0.46
N GLY A 51 -2.43 -7.60 0.10
CA GLY A 51 -1.32 -6.69 0.38
C GLY A 51 -1.43 -6.15 1.80
N MET A 52 -0.30 -5.99 2.49
CA MET A 52 -0.26 -5.71 3.93
C MET A 52 0.75 -4.61 4.31
N GLY A 53 0.38 -3.80 5.30
CA GLY A 53 1.19 -2.70 5.85
C GLY A 53 0.94 -2.44 7.33
N ASN A 54 1.74 -1.56 7.93
CA ASN A 54 1.62 -1.11 9.32
C ASN A 54 2.31 0.24 9.54
N SER A 55 1.77 1.03 10.47
CA SER A 55 2.29 2.36 10.84
C SER A 55 1.64 2.90 12.14
N THR A 56 2.07 4.10 12.57
CA THR A 56 1.54 4.83 13.74
C THR A 56 0.22 5.55 13.42
N ASN A 57 -0.20 5.58 12.15
CA ASN A 57 -1.49 6.14 11.70
C ASN A 57 -2.11 5.31 10.56
N LYS A 58 -3.43 5.36 10.44
CA LYS A 58 -4.20 4.52 9.51
C LYS A 58 -3.95 4.83 8.02
N LYS A 59 -3.64 6.08 7.67
CA LYS A 59 -3.39 6.49 6.28
C LYS A 59 -2.05 5.98 5.73
N ASP A 60 -0.99 6.04 6.54
CA ASP A 60 0.33 5.50 6.19
C ASP A 60 0.35 3.95 6.25
N ALA A 61 -0.46 3.35 7.13
CA ALA A 61 -0.68 1.90 7.15
C ALA A 61 -1.38 1.41 5.86
N GLN A 62 -2.42 2.11 5.41
CA GLN A 62 -3.07 1.87 4.12
C GLN A 62 -2.14 2.13 2.94
N SER A 63 -1.28 3.14 3.01
CA SER A 63 -0.29 3.41 1.96
C SER A 63 0.71 2.27 1.82
N ASN A 64 1.14 1.66 2.93
CA ASN A 64 2.01 0.48 2.91
C ASN A 64 1.26 -0.77 2.38
N ALA A 65 0.00 -0.97 2.77
CA ALA A 65 -0.83 -2.08 2.27
C ALA A 65 -1.08 -1.97 0.76
N ALA A 66 -1.38 -0.75 0.27
CA ALA A 66 -1.54 -0.46 -1.15
C ALA A 66 -0.22 -0.68 -1.91
N ARG A 67 0.90 -0.14 -1.42
CA ARG A 67 2.22 -0.31 -2.05
C ARG A 67 2.61 -1.78 -2.18
N ASP A 68 2.28 -2.60 -1.18
CA ASP A 68 2.53 -4.05 -1.17
C ASP A 68 1.61 -4.83 -2.13
N PHE A 69 0.34 -4.43 -2.27
CA PHE A 69 -0.57 -5.01 -3.29
C PHE A 69 -0.16 -4.61 -4.71
N VAL A 70 0.25 -3.36 -4.91
CA VAL A 70 0.77 -2.87 -6.21
C VAL A 70 2.07 -3.60 -6.58
N ASN A 71 2.91 -3.90 -5.58
CA ASN A 71 4.11 -4.72 -5.78
C ASN A 71 3.74 -6.13 -6.30
N TYR A 72 2.67 -6.76 -5.80
CA TYR A 72 2.13 -8.00 -6.36
C TYR A 72 1.59 -7.81 -7.79
N LEU A 73 0.84 -6.73 -8.06
CA LEU A 73 0.33 -6.43 -9.40
C LEU A 73 1.44 -6.21 -10.44
N VAL A 74 2.57 -5.63 -10.05
CA VAL A 74 3.78 -5.54 -10.91
C VAL A 74 4.39 -6.91 -11.16
N ARG A 75 4.50 -7.76 -10.12
CA ARG A 75 5.05 -9.12 -10.23
C ARG A 75 4.20 -10.06 -11.11
N ILE A 76 2.91 -9.80 -11.27
CA ILE A 76 2.01 -10.50 -12.22
C ILE A 76 1.79 -9.73 -13.54
N ASN A 77 2.49 -8.61 -13.75
CA ASN A 77 2.51 -7.79 -14.98
C ASN A 77 1.21 -7.01 -15.26
N GLU A 78 0.34 -6.84 -14.26
CA GLU A 78 -0.93 -6.10 -14.35
C GLU A 78 -0.79 -4.60 -14.01
N VAL A 79 0.40 -4.17 -13.57
CA VAL A 79 0.84 -2.77 -13.42
C VAL A 79 2.27 -2.66 -13.95
N LYS A 80 2.60 -1.57 -14.66
CA LYS A 80 3.98 -1.24 -15.03
C LYS A 80 4.67 -0.43 -13.92
N SER A 81 5.86 -0.84 -13.47
CA SER A 81 6.56 -0.20 -12.34
C SER A 81 6.86 1.29 -12.57
N GLU A 82 7.05 1.72 -13.83
CA GLU A 82 7.31 3.12 -14.20
C GLU A 82 6.20 4.09 -13.75
N GLU A 83 4.97 3.59 -13.56
CA GLU A 83 3.81 4.38 -13.16
C GLU A 83 3.62 4.48 -11.63
N VAL A 84 4.29 3.61 -10.86
CA VAL A 84 4.04 3.44 -9.41
C VAL A 84 4.68 4.57 -8.58
N PRO A 85 3.89 5.30 -7.75
CA PRO A 85 4.41 6.35 -6.88
C PRO A 85 5.05 5.77 -5.61
N ALA A 86 6.15 6.39 -5.17
CA ALA A 86 6.92 6.01 -3.98
C ALA A 86 7.62 7.23 -3.35
N VAL A 87 7.89 7.18 -2.04
CA VAL A 87 8.56 8.24 -1.28
C VAL A 87 10.03 8.49 -1.70
N GLY A 88 10.64 7.54 -2.41
CA GLY A 88 11.98 7.60 -2.98
C GLY A 88 12.25 6.45 -3.96
N ILE A 89 13.23 6.63 -4.85
CA ILE A 89 13.64 5.66 -5.87
C ILE A 89 15.17 5.44 -5.81
N VAL A 90 15.62 4.19 -5.76
CA VAL A 90 17.04 3.77 -5.67
C VAL A 90 17.23 2.49 -6.51
N PRO A 91 18.29 2.38 -7.34
CA PRO A 91 18.57 1.18 -8.15
C PRO A 91 18.72 -0.11 -7.31
N PRO A 92 18.40 -1.30 -7.86
CA PRO A 92 18.61 -2.58 -7.20
C PRO A 92 20.08 -2.83 -6.79
N PRO A 93 20.33 -3.50 -5.65
CA PRO A 93 21.68 -3.90 -5.21
C PRO A 93 22.43 -4.75 -6.24
N SER A 94 23.76 -4.64 -6.27
CA SER A 94 24.64 -5.40 -7.18
C SER A 94 25.02 -6.81 -6.65
N GLY A 95 24.48 -7.20 -5.48
CA GLY A 95 24.71 -8.51 -4.86
C GLY A 95 23.83 -9.64 -5.45
N PRO A 96 23.95 -10.87 -4.92
CA PRO A 96 23.23 -12.05 -5.40
C PRO A 96 21.75 -12.12 -4.96
N SER A 97 21.31 -11.22 -4.08
CA SER A 97 19.94 -11.19 -3.51
C SER A 97 19.59 -9.83 -2.88
N SER A 98 20.56 -9.19 -2.19
CA SER A 98 20.46 -7.86 -1.59
C SER A 98 21.87 -7.29 -1.30
N GLY A 99 21.94 -6.10 -0.68
CA GLY A 99 23.19 -5.40 -0.34
C GLY A 99 22.95 -4.13 0.47
N GLY A 1 -9.02 20.67 4.56
CA GLY A 1 -8.54 19.52 3.76
C GLY A 1 -7.48 18.72 4.48
N SER A 2 -7.07 17.58 3.89
CA SER A 2 -6.05 16.66 4.42
C SER A 2 -5.54 15.70 3.33
N SER A 3 -4.51 14.90 3.62
CA SER A 3 -3.81 14.03 2.66
C SER A 3 -2.92 12.98 3.36
N GLY A 4 -2.62 11.87 2.68
CA GLY A 4 -1.69 10.83 3.14
C GLY A 4 -0.23 11.16 2.82
N SER A 5 0.69 10.34 3.35
CA SER A 5 2.15 10.55 3.22
C SER A 5 2.71 10.25 1.81
N SER A 6 1.93 9.62 0.93
CA SER A 6 2.24 9.37 -0.49
C SER A 6 0.97 9.01 -1.27
N GLY A 7 1.04 9.02 -2.61
CA GLY A 7 -0.10 8.83 -3.51
C GLY A 7 -0.47 7.36 -3.79
N ILE A 8 0.23 6.39 -3.20
CA ILE A 8 0.09 4.95 -3.52
C ILE A 8 -1.29 4.37 -3.17
N LYS A 9 -1.95 4.90 -2.14
CA LYS A 9 -3.32 4.49 -1.74
C LYS A 9 -4.35 4.92 -2.80
N ASN A 10 -4.20 6.12 -3.36
CA ASN A 10 -5.01 6.63 -4.48
C ASN A 10 -4.63 5.99 -5.82
N PHE A 11 -3.37 5.57 -5.99
CA PHE A 11 -2.89 4.87 -7.19
C PHE A 11 -3.58 3.51 -7.35
N LEU A 12 -3.71 2.73 -6.26
CA LEU A 12 -4.47 1.47 -6.28
C LEU A 12 -5.96 1.71 -6.58
N TYR A 13 -6.55 2.75 -5.98
CA TYR A 13 -7.95 3.12 -6.22
C TYR A 13 -8.22 3.52 -7.69
N ALA A 14 -7.33 4.31 -8.30
CA ALA A 14 -7.39 4.71 -9.70
C ALA A 14 -7.13 3.53 -10.66
N TRP A 15 -6.19 2.63 -10.32
CA TRP A 15 -5.90 1.41 -11.07
C TRP A 15 -7.12 0.47 -11.13
N CYS A 16 -7.80 0.32 -9.99
CA CYS A 16 -9.09 -0.38 -9.88
C CYS A 16 -10.18 0.30 -10.72
N GLY A 17 -10.26 1.63 -10.67
CA GLY A 17 -11.27 2.44 -11.38
C GLY A 17 -11.14 2.40 -12.91
N LYS A 18 -9.94 2.13 -13.43
CA LYS A 18 -9.69 1.90 -14.87
C LYS A 18 -10.10 0.49 -15.34
N ARG A 19 -10.48 -0.37 -14.39
CA ARG A 19 -10.91 -1.77 -14.57
C ARG A 19 -12.35 -2.02 -14.06
N LYS A 20 -13.09 -0.96 -13.68
CA LYS A 20 -14.45 -0.99 -13.12
C LYS A 20 -14.54 -1.71 -11.75
N MET A 21 -13.44 -1.70 -10.98
CA MET A 21 -13.30 -2.31 -9.65
C MET A 21 -13.14 -1.24 -8.55
N THR A 22 -13.17 -1.69 -7.29
CA THR A 22 -12.93 -0.89 -6.07
C THR A 22 -12.11 -1.74 -5.07
N PRO A 23 -11.00 -1.23 -4.51
CA PRO A 23 -10.21 -1.97 -3.52
C PRO A 23 -10.89 -1.95 -2.15
N ALA A 24 -10.84 -3.08 -1.44
CA ALA A 24 -11.49 -3.27 -0.14
C ALA A 24 -10.44 -3.49 0.97
N TYR A 25 -10.42 -2.58 1.94
CA TYR A 25 -9.42 -2.55 3.04
C TYR A 25 -9.97 -3.13 4.36
N GLU A 26 -9.07 -3.54 5.26
CA GLU A 26 -9.38 -3.94 6.64
C GLU A 26 -8.21 -3.56 7.56
N ILE A 27 -8.50 -3.26 8.84
CA ILE A 27 -7.56 -2.66 9.81
C ILE A 27 -7.62 -3.36 11.18
N ARG A 28 -6.48 -3.44 11.87
CA ARG A 28 -6.30 -3.99 13.23
C ARG A 28 -5.44 -3.05 14.08
N ALA A 29 -5.79 -2.85 15.35
CA ALA A 29 -5.03 -2.05 16.32
C ALA A 29 -4.00 -2.92 17.07
N VAL A 30 -2.79 -2.41 17.25
CA VAL A 30 -1.61 -3.08 17.87
C VAL A 30 -0.76 -2.05 18.64
N GLY A 31 0.39 -2.45 19.18
CA GLY A 31 1.34 -1.57 19.87
C GLY A 31 1.10 -1.50 21.38
N ASN A 32 1.38 -0.33 21.97
CA ASN A 32 1.36 -0.10 23.43
C ASN A 32 0.29 0.91 23.85
N LYS A 33 -0.07 0.94 25.14
CA LYS A 33 -1.01 1.91 25.72
C LYS A 33 -0.51 3.37 25.61
N ASN A 34 0.81 3.57 25.74
CA ASN A 34 1.48 4.87 25.60
C ASN A 34 1.64 5.34 24.13
N ARG A 35 1.65 4.40 23.17
CA ARG A 35 1.78 4.65 21.73
C ARG A 35 1.13 3.51 20.94
N GLN A 36 -0.11 3.74 20.51
CA GLN A 36 -0.90 2.80 19.71
C GLN A 36 -0.45 2.83 18.24
N LYS A 37 -0.56 1.68 17.57
CA LYS A 37 -0.18 1.45 16.17
C LYS A 37 -1.26 0.64 15.43
N PHE A 38 -1.21 0.60 14.10
CA PHE A 38 -2.23 -0.01 13.25
C PHE A 38 -1.63 -0.85 12.13
N MET A 39 -2.17 -2.05 11.95
CA MET A 39 -1.91 -2.94 10.81
C MET A 39 -3.10 -2.85 9.84
N CYS A 40 -2.86 -3.11 8.56
CA CYS A 40 -3.86 -3.00 7.51
C CYS A 40 -3.62 -4.03 6.39
N GLU A 41 -4.69 -4.48 5.75
CA GLU A 41 -4.66 -5.29 4.54
C GLU A 41 -5.65 -4.77 3.50
N VAL A 42 -5.45 -5.13 2.24
CA VAL A 42 -6.28 -4.74 1.09
C VAL A 42 -6.44 -5.91 0.11
N ARG A 43 -7.63 -6.01 -0.48
CA ARG A 43 -8.07 -7.09 -1.38
C ARG A 43 -8.84 -6.52 -2.58
N VAL A 44 -8.85 -7.25 -3.69
CA VAL A 44 -9.53 -6.90 -4.95
C VAL A 44 -10.13 -8.19 -5.55
N GLU A 45 -11.39 -8.12 -6.00
CA GLU A 45 -12.15 -9.26 -6.51
C GLU A 45 -11.49 -9.88 -7.75
N GLY A 46 -11.28 -11.20 -7.73
CA GLY A 46 -10.68 -11.99 -8.81
C GLY A 46 -9.16 -12.19 -8.70
N PHE A 47 -8.52 -11.68 -7.64
CA PHE A 47 -7.08 -11.81 -7.38
C PHE A 47 -6.82 -12.72 -6.16
N ASN A 48 -5.77 -13.55 -6.27
CA ASN A 48 -5.47 -14.62 -5.30
C ASN A 48 -4.65 -14.18 -4.07
N TYR A 49 -4.31 -12.90 -3.97
CA TYR A 49 -3.46 -12.32 -2.92
C TYR A 49 -4.18 -11.23 -2.09
N ALA A 50 -3.71 -11.02 -0.86
CA ALA A 50 -4.11 -9.92 0.02
C ALA A 50 -2.86 -9.16 0.48
N GLY A 51 -2.69 -7.92 -0.01
CA GLY A 51 -1.54 -7.07 0.33
C GLY A 51 -1.71 -6.43 1.69
N MET A 52 -0.62 -6.23 2.42
CA MET A 52 -0.66 -5.82 3.83
C MET A 52 0.54 -4.98 4.28
N GLY A 53 0.28 -4.10 5.24
CA GLY A 53 1.21 -3.12 5.82
C GLY A 53 0.88 -2.75 7.26
N ASN A 54 1.67 -1.86 7.85
CA ASN A 54 1.44 -1.30 9.18
C ASN A 54 2.10 0.08 9.35
N SER A 55 1.65 0.86 10.34
CA SER A 55 2.20 2.18 10.71
C SER A 55 1.66 2.68 12.06
N THR A 56 2.07 3.87 12.50
CA THR A 56 1.59 4.54 13.72
C THR A 56 0.24 5.25 13.51
N ASN A 57 -0.25 5.29 12.27
CA ASN A 57 -1.57 5.84 11.91
C ASN A 57 -2.26 5.03 10.80
N LYS A 58 -3.60 5.05 10.78
CA LYS A 58 -4.41 4.24 9.86
C LYS A 58 -4.27 4.62 8.37
N LYS A 59 -3.92 5.87 8.06
CA LYS A 59 -3.75 6.36 6.69
C LYS A 59 -2.50 5.78 6.03
N ASP A 60 -1.35 5.91 6.69
CA ASP A 60 -0.08 5.36 6.21
C ASP A 60 -0.05 3.83 6.29
N ALA A 61 -0.81 3.22 7.21
CA ALA A 61 -1.00 1.77 7.24
C ALA A 61 -1.74 1.27 5.98
N GLN A 62 -2.78 1.97 5.54
CA GLN A 62 -3.46 1.69 4.27
C GLN A 62 -2.55 1.94 3.06
N SER A 63 -1.75 3.01 3.06
CA SER A 63 -0.75 3.25 2.00
C SER A 63 0.29 2.12 1.90
N ASN A 64 0.70 1.54 3.03
CA ASN A 64 1.66 0.43 3.06
C ASN A 64 1.00 -0.89 2.61
N ALA A 65 -0.26 -1.14 2.98
CA ALA A 65 -1.06 -2.25 2.44
C ALA A 65 -1.28 -2.13 0.93
N ALA A 66 -1.58 -0.92 0.43
CA ALA A 66 -1.73 -0.63 -0.99
C ALA A 66 -0.42 -0.86 -1.75
N ARG A 67 0.71 -0.34 -1.24
CA ARG A 67 2.03 -0.56 -1.84
C ARG A 67 2.35 -2.05 -1.95
N ASP A 68 2.05 -2.85 -0.93
CA ASP A 68 2.29 -4.30 -0.93
C ASP A 68 1.40 -5.06 -1.92
N PHE A 69 0.17 -4.58 -2.18
CA PHE A 69 -0.69 -5.13 -3.24
C PHE A 69 -0.26 -4.66 -4.64
N VAL A 70 0.17 -3.40 -4.80
CA VAL A 70 0.73 -2.90 -6.07
C VAL A 70 2.01 -3.66 -6.44
N ASN A 71 2.86 -3.96 -5.45
CA ASN A 71 4.02 -4.85 -5.64
C ASN A 71 3.59 -6.23 -6.20
N TYR A 72 2.55 -6.85 -5.65
CA TYR A 72 1.95 -8.07 -6.23
C TYR A 72 1.43 -7.85 -7.66
N LEU A 73 0.75 -6.74 -7.96
CA LEU A 73 0.28 -6.41 -9.32
C LEU A 73 1.41 -6.23 -10.33
N VAL A 74 2.56 -5.67 -9.92
CA VAL A 74 3.79 -5.61 -10.74
C VAL A 74 4.36 -7.01 -10.99
N ARG A 75 4.37 -7.87 -9.97
CA ARG A 75 4.87 -9.25 -10.04
C ARG A 75 4.03 -10.19 -10.92
N ILE A 76 2.80 -9.80 -11.27
CA ILE A 76 1.94 -10.48 -12.27
C ILE A 76 1.78 -9.70 -13.59
N ASN A 77 2.51 -8.59 -13.76
CA ASN A 77 2.55 -7.73 -14.96
C ASN A 77 1.25 -6.94 -15.22
N GLU A 78 0.41 -6.75 -14.20
CA GLU A 78 -0.80 -5.91 -14.24
C GLU A 78 -0.52 -4.42 -13.94
N VAL A 79 0.70 -4.10 -13.50
CA VAL A 79 1.23 -2.73 -13.33
C VAL A 79 2.68 -2.72 -13.80
N LYS A 80 3.10 -1.65 -14.49
CA LYS A 80 4.52 -1.40 -14.80
C LYS A 80 5.18 -0.63 -13.64
N SER A 81 6.33 -1.08 -13.13
CA SER A 81 7.02 -0.44 -11.99
C SER A 81 7.29 1.06 -12.21
N GLU A 82 7.56 1.46 -13.45
CA GLU A 82 7.78 2.86 -13.86
C GLU A 82 6.62 3.81 -13.54
N GLU A 83 5.40 3.28 -13.36
CA GLU A 83 4.20 4.05 -13.01
C GLU A 83 3.99 4.18 -11.49
N VAL A 84 4.65 3.35 -10.67
CA VAL A 84 4.37 3.22 -9.23
C VAL A 84 4.94 4.42 -8.45
N PRO A 85 4.11 5.17 -7.69
CA PRO A 85 4.56 6.30 -6.89
C PRO A 85 5.20 5.83 -5.57
N ALA A 86 6.27 6.51 -5.17
CA ALA A 86 7.01 6.28 -3.93
C ALA A 86 7.74 7.55 -3.45
N VAL A 87 8.14 7.60 -2.18
CA VAL A 87 8.79 8.76 -1.55
C VAL A 87 10.22 9.06 -2.07
N GLY A 88 10.85 8.09 -2.75
CA GLY A 88 12.20 8.21 -3.30
C GLY A 88 12.24 8.63 -4.78
N ILE A 89 13.38 8.39 -5.43
CA ILE A 89 13.64 8.64 -6.87
C ILE A 89 14.13 7.32 -7.49
N VAL A 90 13.77 7.05 -8.75
CA VAL A 90 14.02 5.84 -9.57
C VAL A 90 12.99 4.73 -9.24
N PRO A 91 12.35 4.08 -10.24
CA PRO A 91 11.38 3.01 -10.03
C PRO A 91 11.91 1.82 -9.20
N PRO A 92 11.02 1.03 -8.55
CA PRO A 92 11.39 -0.14 -7.76
C PRO A 92 12.25 -1.15 -8.55
N PRO A 93 13.39 -1.62 -7.99
CA PRO A 93 14.31 -2.54 -8.66
C PRO A 93 13.81 -3.99 -8.62
N SER A 94 14.35 -4.83 -9.51
CA SER A 94 14.03 -6.28 -9.59
C SER A 94 14.97 -7.17 -8.76
N GLY A 95 15.96 -6.58 -8.07
CA GLY A 95 16.95 -7.28 -7.23
C GLY A 95 16.48 -7.54 -5.79
N PRO A 96 17.35 -8.11 -4.93
CA PRO A 96 17.08 -8.38 -3.52
C PRO A 96 16.71 -7.11 -2.73
N SER A 97 15.90 -7.28 -1.68
CA SER A 97 15.41 -6.20 -0.81
C SER A 97 16.43 -5.75 0.27
N SER A 98 17.58 -6.43 0.38
CA SER A 98 18.68 -6.18 1.32
C SER A 98 19.94 -6.94 0.90
N GLY A 99 21.13 -6.42 1.27
CA GLY A 99 22.44 -7.01 0.95
C GLY A 99 23.61 -6.20 1.51
N GLY A 1 -5.33 23.12 11.60
CA GLY A 1 -4.94 22.78 10.21
C GLY A 1 -4.95 21.28 9.97
N SER A 2 -4.26 20.83 8.93
CA SER A 2 -4.13 19.41 8.50
C SER A 2 -2.95 19.24 7.53
N SER A 3 -2.39 18.03 7.42
CA SER A 3 -1.23 17.70 6.57
C SER A 3 -1.11 16.17 6.36
N GLY A 4 -0.12 15.74 5.58
CA GLY A 4 0.12 14.34 5.19
C GLY A 4 -0.50 13.98 3.84
N SER A 5 -0.36 12.72 3.44
CA SER A 5 -0.76 12.20 2.11
C SER A 5 -0.87 10.66 2.08
N SER A 6 -1.47 10.11 1.02
CA SER A 6 -1.73 8.67 0.84
C SER A 6 -1.73 8.32 -0.67
N GLY A 7 -0.72 8.80 -1.42
CA GLY A 7 -0.70 8.76 -2.89
C GLY A 7 -0.65 7.36 -3.49
N ILE A 8 -0.06 6.38 -2.79
CA ILE A 8 -0.05 4.96 -3.19
C ILE A 8 -1.37 4.24 -2.87
N LYS A 9 -2.06 4.66 -1.81
CA LYS A 9 -3.43 4.21 -1.50
C LYS A 9 -4.41 4.71 -2.57
N ASN A 10 -4.27 5.98 -2.98
CA ASN A 10 -5.01 6.56 -4.10
C ASN A 10 -4.63 5.94 -5.46
N PHE A 11 -3.38 5.48 -5.64
CA PHE A 11 -2.92 4.83 -6.86
C PHE A 11 -3.61 3.47 -7.07
N LEU A 12 -3.72 2.64 -6.02
CA LEU A 12 -4.47 1.38 -6.10
C LEU A 12 -5.95 1.63 -6.39
N TYR A 13 -6.55 2.63 -5.73
CA TYR A 13 -7.95 3.00 -5.96
C TYR A 13 -8.21 3.51 -7.40
N ALA A 14 -7.31 4.34 -7.94
CA ALA A 14 -7.39 4.84 -9.32
C ALA A 14 -7.15 3.73 -10.36
N TRP A 15 -6.19 2.83 -10.11
CA TRP A 15 -5.94 1.65 -10.95
C TRP A 15 -7.16 0.73 -11.03
N CYS A 16 -7.80 0.46 -9.88
CA CYS A 16 -9.08 -0.26 -9.82
C CYS A 16 -10.18 0.46 -10.61
N GLY A 17 -10.29 1.79 -10.49
CA GLY A 17 -11.30 2.61 -11.16
C GLY A 17 -11.14 2.68 -12.68
N LYS A 18 -9.92 2.51 -13.21
CA LYS A 18 -9.65 2.39 -14.65
C LYS A 18 -9.96 0.98 -15.21
N ARG A 19 -10.28 0.03 -14.32
CA ARG A 19 -10.59 -1.38 -14.61
C ARG A 19 -12.00 -1.78 -14.16
N LYS A 20 -12.84 -0.82 -13.76
CA LYS A 20 -14.22 -1.00 -13.27
C LYS A 20 -14.32 -1.81 -11.95
N MET A 21 -13.30 -1.71 -11.09
CA MET A 21 -13.17 -2.38 -9.78
C MET A 21 -13.09 -1.36 -8.63
N THR A 22 -13.14 -1.86 -7.39
CA THR A 22 -12.94 -1.10 -6.14
C THR A 22 -12.13 -1.98 -5.16
N PRO A 23 -11.05 -1.47 -4.54
CA PRO A 23 -10.26 -2.22 -3.56
C PRO A 23 -10.98 -2.28 -2.20
N ALA A 24 -10.75 -3.36 -1.45
CA ALA A 24 -11.36 -3.61 -0.14
C ALA A 24 -10.28 -3.74 0.95
N TYR A 25 -10.30 -2.80 1.91
CA TYR A 25 -9.33 -2.70 3.01
C TYR A 25 -9.88 -3.25 4.33
N GLU A 26 -8.98 -3.62 5.25
CA GLU A 26 -9.28 -4.05 6.63
C GLU A 26 -8.15 -3.60 7.56
N ILE A 27 -8.45 -3.24 8.80
CA ILE A 27 -7.53 -2.58 9.76
C ILE A 27 -7.65 -3.22 11.16
N ARG A 28 -6.53 -3.27 11.91
CA ARG A 28 -6.43 -3.75 13.29
C ARG A 28 -5.53 -2.83 14.12
N ALA A 29 -5.94 -2.52 15.35
CA ALA A 29 -5.15 -1.74 16.31
C ALA A 29 -4.22 -2.64 17.13
N VAL A 30 -2.97 -2.22 17.35
CA VAL A 30 -1.89 -3.00 17.99
C VAL A 30 -0.94 -2.10 18.80
N GLY A 31 -0.02 -2.70 19.57
CA GLY A 31 1.04 -1.99 20.31
C GLY A 31 0.60 -1.45 21.68
N ASN A 32 1.55 -0.81 22.37
CA ASN A 32 1.34 -0.23 23.70
C ASN A 32 0.34 0.93 23.69
N LYS A 33 -0.54 1.01 24.71
CA LYS A 33 -1.59 2.03 24.85
C LYS A 33 -1.08 3.48 24.76
N ASN A 34 0.10 3.77 25.31
CA ASN A 34 0.71 5.11 25.34
C ASN A 34 1.29 5.57 23.97
N ARG A 35 1.49 4.64 23.03
CA ARG A 35 1.96 4.90 21.66
C ARG A 35 1.39 3.84 20.69
N GLN A 36 0.08 3.89 20.52
CA GLN A 36 -0.72 2.90 19.78
C GLN A 36 -0.43 2.94 18.27
N LYS A 37 -0.59 1.80 17.61
CA LYS A 37 -0.23 1.53 16.21
C LYS A 37 -1.34 0.76 15.49
N PHE A 38 -1.27 0.69 14.15
CA PHE A 38 -2.27 0.09 13.29
C PHE A 38 -1.64 -0.80 12.22
N MET A 39 -2.23 -1.97 11.99
CA MET A 39 -1.95 -2.88 10.88
C MET A 39 -3.10 -2.83 9.87
N CYS A 40 -2.83 -3.16 8.61
CA CYS A 40 -3.80 -3.09 7.52
C CYS A 40 -3.56 -4.19 6.47
N GLU A 41 -4.65 -4.64 5.84
CA GLU A 41 -4.67 -5.54 4.70
C GLU A 41 -5.57 -4.95 3.60
N VAL A 42 -5.28 -5.28 2.34
CA VAL A 42 -6.08 -4.89 1.16
C VAL A 42 -6.15 -6.01 0.13
N ARG A 43 -7.33 -6.13 -0.50
CA ARG A 43 -7.66 -7.16 -1.51
C ARG A 43 -8.45 -6.53 -2.66
N VAL A 44 -8.52 -7.22 -3.80
CA VAL A 44 -9.30 -6.83 -5.01
C VAL A 44 -9.95 -8.09 -5.58
N GLU A 45 -11.22 -7.98 -5.97
CA GLU A 45 -12.02 -9.10 -6.50
C GLU A 45 -11.40 -9.69 -7.78
N GLY A 46 -11.23 -11.02 -7.82
CA GLY A 46 -10.64 -11.76 -8.94
C GLY A 46 -9.14 -12.02 -8.83
N PHE A 47 -8.49 -11.56 -7.75
CA PHE A 47 -7.06 -11.77 -7.48
C PHE A 47 -6.86 -12.65 -6.23
N ASN A 48 -5.87 -13.55 -6.29
CA ASN A 48 -5.62 -14.59 -5.27
C ASN A 48 -4.80 -14.12 -4.05
N TYR A 49 -4.39 -12.85 -4.02
CA TYR A 49 -3.45 -12.27 -3.05
C TYR A 49 -4.12 -11.23 -2.11
N ALA A 50 -3.48 -10.98 -0.97
CA ALA A 50 -3.81 -9.89 -0.04
C ALA A 50 -2.53 -9.17 0.39
N GLY A 51 -2.41 -7.89 0.05
CA GLY A 51 -1.28 -7.03 0.43
C GLY A 51 -1.49 -6.46 1.82
N MET A 52 -0.41 -6.19 2.55
CA MET A 52 -0.45 -5.86 3.98
C MET A 52 0.66 -4.88 4.41
N GLY A 53 0.35 -4.08 5.44
CA GLY A 53 1.20 -3.03 5.98
C GLY A 53 0.91 -2.70 7.44
N ASN A 54 1.72 -1.82 8.04
CA ASN A 54 1.53 -1.31 9.40
C ASN A 54 2.26 0.02 9.64
N SER A 55 1.78 0.83 10.59
CA SER A 55 2.33 2.15 10.94
C SER A 55 1.73 2.68 12.27
N THR A 56 2.05 3.93 12.63
CA THR A 56 1.49 4.65 13.80
C THR A 56 0.07 5.16 13.56
N ASN A 57 -0.42 5.11 12.33
CA ASN A 57 -1.67 5.73 11.88
C ASN A 57 -2.31 4.94 10.72
N LYS A 58 -3.64 5.02 10.61
CA LYS A 58 -4.43 4.24 9.64
C LYS A 58 -4.17 4.62 8.18
N LYS A 59 -3.82 5.88 7.88
CA LYS A 59 -3.53 6.35 6.51
C LYS A 59 -2.24 5.73 5.95
N ASP A 60 -1.16 5.76 6.73
CA ASP A 60 0.13 5.18 6.33
C ASP A 60 0.14 3.64 6.41
N ALA A 61 -0.66 3.04 7.31
CA ALA A 61 -0.88 1.60 7.33
C ALA A 61 -1.58 1.10 6.05
N GLN A 62 -2.65 1.79 5.61
CA GLN A 62 -3.32 1.52 4.33
C GLN A 62 -2.40 1.79 3.13
N SER A 63 -1.57 2.84 3.19
CA SER A 63 -0.59 3.13 2.12
C SER A 63 0.47 2.04 1.98
N ASN A 64 0.90 1.43 3.09
CA ASN A 64 1.82 0.28 3.06
C ASN A 64 1.12 -0.99 2.54
N ALA A 65 -0.13 -1.24 2.94
CA ALA A 65 -0.94 -2.36 2.41
C ALA A 65 -1.16 -2.23 0.90
N ALA A 66 -1.47 -1.02 0.43
CA ALA A 66 -1.59 -0.70 -1.00
C ALA A 66 -0.27 -0.91 -1.74
N ARG A 67 0.84 -0.38 -1.23
CA ARG A 67 2.17 -0.56 -1.83
C ARG A 67 2.55 -2.03 -1.99
N ASP A 68 2.18 -2.87 -1.01
CA ASP A 68 2.43 -4.31 -1.00
C ASP A 68 1.53 -5.08 -1.98
N PHE A 69 0.26 -4.67 -2.16
CA PHE A 69 -0.61 -5.24 -3.19
C PHE A 69 -0.21 -4.78 -4.60
N VAL A 70 0.22 -3.53 -4.76
CA VAL A 70 0.77 -3.02 -6.04
C VAL A 70 2.06 -3.77 -6.42
N ASN A 71 2.88 -4.13 -5.43
CA ASN A 71 4.06 -4.98 -5.63
C ASN A 71 3.67 -6.36 -6.21
N TYR A 72 2.58 -6.97 -5.74
CA TYR A 72 1.99 -8.17 -6.36
C TYR A 72 1.48 -7.91 -7.79
N LEU A 73 0.76 -6.81 -8.03
CA LEU A 73 0.28 -6.43 -9.37
C LEU A 73 1.41 -6.22 -10.39
N VAL A 74 2.55 -5.69 -9.96
CA VAL A 74 3.76 -5.59 -10.81
C VAL A 74 4.37 -6.97 -11.09
N ARG A 75 4.43 -7.84 -10.08
CA ARG A 75 4.95 -9.21 -10.22
C ARG A 75 4.11 -10.11 -11.15
N ILE A 76 2.81 -9.82 -11.30
CA ILE A 76 1.91 -10.48 -12.28
C ILE A 76 1.72 -9.66 -13.58
N ASN A 77 2.44 -8.53 -13.74
CA ASN A 77 2.50 -7.69 -14.94
C ASN A 77 1.21 -6.89 -15.23
N GLU A 78 0.32 -6.74 -14.24
CA GLU A 78 -0.93 -5.96 -14.33
C GLU A 78 -0.77 -4.48 -13.94
N VAL A 79 0.42 -4.08 -13.48
CA VAL A 79 0.87 -2.70 -13.26
C VAL A 79 2.34 -2.60 -13.75
N LYS A 80 2.71 -1.50 -14.40
CA LYS A 80 4.12 -1.19 -14.69
C LYS A 80 4.76 -0.45 -13.51
N SER A 81 5.92 -0.90 -13.04
CA SER A 81 6.68 -0.23 -11.96
C SER A 81 6.94 1.26 -12.24
N GLU A 82 7.15 1.63 -13.51
CA GLU A 82 7.32 3.00 -14.01
C GLU A 82 6.22 3.98 -13.54
N GLU A 83 5.01 3.48 -13.27
CA GLU A 83 3.85 4.28 -12.88
C GLU A 83 3.67 4.40 -11.35
N VAL A 84 4.35 3.55 -10.57
CA VAL A 84 4.11 3.39 -9.12
C VAL A 84 4.72 4.56 -8.32
N PRO A 85 3.94 5.29 -7.51
CA PRO A 85 4.44 6.39 -6.68
C PRO A 85 5.11 5.86 -5.41
N ALA A 86 6.19 6.54 -4.99
CA ALA A 86 6.98 6.22 -3.79
C ALA A 86 7.70 7.48 -3.25
N VAL A 87 8.14 7.43 -1.99
CA VAL A 87 8.84 8.53 -1.30
C VAL A 87 10.27 8.79 -1.82
N GLY A 88 10.82 7.88 -2.62
CA GLY A 88 12.14 7.96 -3.25
C GLY A 88 12.35 6.90 -4.33
N ILE A 89 13.50 6.94 -4.99
CA ILE A 89 13.92 6.00 -6.05
C ILE A 89 15.27 5.38 -5.67
N VAL A 90 15.33 4.04 -5.62
CA VAL A 90 16.51 3.25 -5.20
C VAL A 90 16.55 1.94 -6.02
N PRO A 91 17.72 1.50 -6.53
CA PRO A 91 17.87 0.23 -7.25
C PRO A 91 17.40 -1.01 -6.45
N PRO A 92 17.09 -2.14 -7.12
CA PRO A 92 16.70 -3.39 -6.46
C PRO A 92 17.74 -3.88 -5.42
N PRO A 93 17.29 -4.43 -4.27
CA PRO A 93 18.18 -4.85 -3.20
C PRO A 93 18.93 -6.15 -3.54
N SER A 94 20.15 -6.28 -3.01
CA SER A 94 21.04 -7.43 -3.22
C SER A 94 22.18 -7.42 -2.17
N GLY A 95 22.80 -8.58 -1.91
CA GLY A 95 23.85 -8.75 -0.90
C GLY A 95 23.28 -8.86 0.53
N PRO A 96 24.02 -8.40 1.57
CA PRO A 96 23.58 -8.41 2.96
C PRO A 96 22.24 -7.69 3.19
N SER A 97 21.49 -8.15 4.19
CA SER A 97 20.14 -7.64 4.54
C SER A 97 19.74 -8.06 5.98
N SER A 98 18.55 -7.66 6.42
CA SER A 98 18.02 -7.92 7.77
C SER A 98 17.75 -9.41 8.05
N GLY A 99 18.09 -9.88 9.26
CA GLY A 99 17.89 -11.26 9.72
C GLY A 99 18.40 -11.48 11.15
N GLY A 1 1.78 21.77 6.69
CA GLY A 1 1.95 20.39 6.21
C GLY A 1 0.67 19.58 6.35
N SER A 2 0.71 18.30 5.97
CA SER A 2 -0.43 17.37 5.98
C SER A 2 0.02 15.90 5.85
N SER A 3 -0.90 14.94 5.98
CA SER A 3 -0.63 13.50 5.87
C SER A 3 -0.50 12.99 4.41
N GLY A 4 -0.41 13.90 3.43
CA GLY A 4 -0.31 13.61 1.98
C GLY A 4 1.09 13.18 1.53
N SER A 5 1.79 12.39 2.35
CA SER A 5 3.21 12.02 2.15
C SER A 5 3.45 11.05 0.98
N SER A 6 2.42 10.35 0.52
CA SER A 6 2.45 9.42 -0.63
C SER A 6 1.05 9.26 -1.24
N GLY A 7 1.00 9.07 -2.57
CA GLY A 7 -0.24 8.87 -3.33
C GLY A 7 -0.61 7.40 -3.57
N ILE A 8 0.15 6.44 -3.04
CA ILE A 8 0.00 5.00 -3.36
C ILE A 8 -1.37 4.41 -2.98
N LYS A 9 -1.99 4.91 -1.91
CA LYS A 9 -3.33 4.47 -1.49
C LYS A 9 -4.42 4.89 -2.50
N ASN A 10 -4.27 6.07 -3.10
CA ASN A 10 -5.11 6.55 -4.20
C ASN A 10 -4.73 5.93 -5.56
N PHE A 11 -3.47 5.54 -5.75
CA PHE A 11 -2.99 4.88 -6.97
C PHE A 11 -3.66 3.50 -7.16
N LEU A 12 -3.77 2.70 -6.09
CA LEU A 12 -4.48 1.42 -6.13
C LEU A 12 -5.97 1.63 -6.45
N TYR A 13 -6.60 2.63 -5.83
CA TYR A 13 -8.01 2.97 -6.07
C TYR A 13 -8.27 3.44 -7.51
N ALA A 14 -7.39 4.28 -8.06
CA ALA A 14 -7.45 4.77 -9.44
C ALA A 14 -7.19 3.67 -10.47
N TRP A 15 -6.22 2.78 -10.20
CA TRP A 15 -5.94 1.59 -11.03
C TRP A 15 -7.16 0.66 -11.10
N CYS A 16 -7.80 0.39 -9.95
CA CYS A 16 -9.06 -0.34 -9.87
C CYS A 16 -10.17 0.34 -10.69
N GLY A 17 -10.32 1.67 -10.55
CA GLY A 17 -11.36 2.46 -11.24
C GLY A 17 -11.20 2.53 -12.75
N LYS A 18 -9.96 2.41 -13.26
CA LYS A 18 -9.67 2.32 -14.71
C LYS A 18 -9.96 0.92 -15.29
N ARG A 19 -10.27 -0.05 -14.42
CA ARG A 19 -10.56 -1.46 -14.73
C ARG A 19 -11.97 -1.89 -14.29
N LYS A 20 -12.82 -0.94 -13.86
CA LYS A 20 -14.21 -1.15 -13.38
C LYS A 20 -14.29 -1.94 -12.05
N MET A 21 -13.24 -1.86 -11.21
CA MET A 21 -13.11 -2.51 -9.90
C MET A 21 -13.04 -1.48 -8.76
N THR A 22 -13.05 -1.98 -7.51
CA THR A 22 -12.90 -1.21 -6.26
C THR A 22 -12.07 -2.05 -5.27
N PRO A 23 -11.04 -1.49 -4.61
CA PRO A 23 -10.25 -2.21 -3.60
C PRO A 23 -11.01 -2.28 -2.26
N ALA A 24 -10.70 -3.31 -1.46
CA ALA A 24 -11.29 -3.54 -0.15
C ALA A 24 -10.21 -3.66 0.92
N TYR A 25 -10.21 -2.71 1.87
CA TYR A 25 -9.24 -2.61 2.97
C TYR A 25 -9.83 -3.15 4.30
N GLU A 26 -8.95 -3.51 5.25
CA GLU A 26 -9.28 -3.88 6.63
C GLU A 26 -8.13 -3.44 7.56
N ILE A 27 -8.45 -3.09 8.82
CA ILE A 27 -7.54 -2.45 9.78
C ILE A 27 -7.65 -3.07 11.18
N ARG A 28 -6.52 -3.16 11.89
CA ARG A 28 -6.40 -3.64 13.29
C ARG A 28 -5.54 -2.67 14.10
N ALA A 29 -5.93 -2.40 15.35
CA ALA A 29 -5.13 -1.64 16.32
C ALA A 29 -4.24 -2.58 17.17
N VAL A 30 -2.98 -2.21 17.38
CA VAL A 30 -1.95 -3.04 18.05
C VAL A 30 -0.99 -2.16 18.88
N GLY A 31 -0.05 -2.78 19.60
CA GLY A 31 1.02 -2.09 20.35
C GLY A 31 0.64 -1.72 21.78
N ASN A 32 1.48 -0.91 22.42
CA ASN A 32 1.37 -0.53 23.84
C ASN A 32 0.24 0.49 24.07
N LYS A 33 -0.39 0.45 25.25
CA LYS A 33 -1.50 1.35 25.63
C LYS A 33 -1.09 2.84 25.77
N ASN A 34 0.21 3.11 25.98
CA ASN A 34 0.78 4.47 26.04
C ASN A 34 1.19 5.04 24.66
N ARG A 35 1.38 4.17 23.66
CA ARG A 35 1.72 4.52 22.26
C ARG A 35 1.32 3.38 21.32
N GLN A 36 0.11 3.48 20.76
CA GLN A 36 -0.48 2.46 19.90
C GLN A 36 -0.04 2.60 18.44
N LYS A 37 -0.31 1.55 17.66
CA LYS A 37 0.00 1.39 16.23
C LYS A 37 -1.17 0.71 15.50
N PHE A 38 -1.15 0.71 14.18
CA PHE A 38 -2.18 0.14 13.31
C PHE A 38 -1.57 -0.76 12.24
N MET A 39 -2.20 -1.91 12.00
CA MET A 39 -1.93 -2.83 10.88
C MET A 39 -3.07 -2.75 9.88
N CYS A 40 -2.80 -3.07 8.62
CA CYS A 40 -3.76 -2.99 7.53
C CYS A 40 -3.55 -4.11 6.49
N GLU A 41 -4.65 -4.56 5.89
CA GLU A 41 -4.71 -5.56 4.84
C GLU A 41 -5.56 -5.01 3.68
N VAL A 42 -5.25 -5.38 2.44
CA VAL A 42 -6.01 -4.97 1.24
C VAL A 42 -6.09 -6.07 0.19
N ARG A 43 -7.25 -6.16 -0.48
CA ARG A 43 -7.57 -7.11 -1.54
C ARG A 43 -8.36 -6.41 -2.68
N VAL A 44 -8.45 -7.06 -3.84
CA VAL A 44 -9.24 -6.63 -5.01
C VAL A 44 -9.94 -7.86 -5.60
N GLU A 45 -11.21 -7.70 -5.98
CA GLU A 45 -12.03 -8.79 -6.53
C GLU A 45 -11.40 -9.38 -7.81
N GLY A 46 -11.27 -10.72 -7.84
CA GLY A 46 -10.65 -11.47 -8.95
C GLY A 46 -9.16 -11.77 -8.74
N PHE A 47 -8.56 -11.37 -7.61
CA PHE A 47 -7.17 -11.63 -7.24
C PHE A 47 -7.09 -12.33 -5.88
N ASN A 48 -6.36 -13.44 -5.81
CA ASN A 48 -6.25 -14.28 -4.60
C ASN A 48 -5.20 -13.78 -3.58
N TYR A 49 -4.35 -12.82 -3.97
CA TYR A 49 -3.35 -12.19 -3.09
C TYR A 49 -3.99 -11.19 -2.09
N ALA A 50 -3.28 -10.93 -0.99
CA ALA A 50 -3.61 -9.89 -0.02
C ALA A 50 -2.34 -9.11 0.37
N GLY A 51 -2.35 -7.80 0.10
CA GLY A 51 -1.26 -6.89 0.47
C GLY A 51 -1.42 -6.43 1.92
N MET A 52 -0.31 -6.26 2.62
CA MET A 52 -0.28 -6.03 4.07
C MET A 52 0.76 -4.98 4.47
N GLY A 53 0.40 -4.14 5.46
CA GLY A 53 1.24 -3.06 5.98
C GLY A 53 0.93 -2.71 7.44
N ASN A 54 1.75 -1.84 8.02
CA ASN A 54 1.55 -1.30 9.38
C ASN A 54 2.24 0.08 9.55
N SER A 55 1.81 0.86 10.53
CA SER A 55 2.37 2.18 10.88
C SER A 55 1.82 2.71 12.22
N THR A 56 2.18 3.94 12.61
CA THR A 56 1.65 4.69 13.76
C THR A 56 0.31 5.37 13.47
N ASN A 57 -0.15 5.36 12.22
CA ASN A 57 -1.42 5.94 11.78
C ASN A 57 -2.08 5.09 10.68
N LYS A 58 -3.42 5.13 10.63
CA LYS A 58 -4.25 4.30 9.75
C LYS A 58 -4.04 4.58 8.25
N LYS A 59 -3.73 5.83 7.87
CA LYS A 59 -3.50 6.20 6.46
C LYS A 59 -2.19 5.64 5.93
N ASP A 60 -1.10 5.76 6.70
CA ASP A 60 0.21 5.23 6.31
C ASP A 60 0.24 3.69 6.41
N ALA A 61 -0.59 3.10 7.27
CA ALA A 61 -0.80 1.65 7.32
C ALA A 61 -1.51 1.13 6.06
N GLN A 62 -2.59 1.80 5.63
CA GLN A 62 -3.25 1.54 4.35
C GLN A 62 -2.31 1.79 3.16
N SER A 63 -1.50 2.84 3.19
CA SER A 63 -0.53 3.13 2.11
C SER A 63 0.53 2.04 1.98
N ASN A 64 0.98 1.47 3.10
CA ASN A 64 1.93 0.35 3.11
C ASN A 64 1.27 -0.96 2.62
N ALA A 65 -0.01 -1.21 2.99
CA ALA A 65 -0.78 -2.33 2.46
C ALA A 65 -1.05 -2.21 0.95
N ALA A 66 -1.39 -1.01 0.48
CA ALA A 66 -1.59 -0.70 -0.92
C ALA A 66 -0.29 -0.89 -1.73
N ARG A 67 0.84 -0.37 -1.24
CA ARG A 67 2.14 -0.58 -1.90
C ARG A 67 2.49 -2.06 -2.01
N ASP A 68 2.20 -2.86 -0.98
CA ASP A 68 2.45 -4.31 -0.99
C ASP A 68 1.55 -5.08 -1.96
N PHE A 69 0.32 -4.60 -2.21
CA PHE A 69 -0.57 -5.16 -3.24
C PHE A 69 -0.18 -4.68 -4.65
N VAL A 70 0.19 -3.41 -4.83
CA VAL A 70 0.69 -2.89 -6.12
C VAL A 70 2.00 -3.58 -6.53
N ASN A 71 2.87 -3.86 -5.57
CA ASN A 71 4.07 -4.69 -5.77
C ASN A 71 3.71 -6.08 -6.32
N TYR A 72 2.66 -6.75 -5.81
CA TYR A 72 2.12 -7.98 -6.41
C TYR A 72 1.58 -7.76 -7.84
N LEU A 73 0.85 -6.68 -8.10
CA LEU A 73 0.35 -6.34 -9.44
C LEU A 73 1.48 -6.11 -10.46
N VAL A 74 2.61 -5.54 -10.03
CA VAL A 74 3.84 -5.43 -10.85
C VAL A 74 4.47 -6.81 -11.09
N ARG A 75 4.53 -7.66 -10.05
CA ARG A 75 5.07 -9.03 -10.14
C ARG A 75 4.27 -9.95 -11.09
N ILE A 76 2.98 -9.67 -11.31
CA ILE A 76 2.13 -10.35 -12.31
C ILE A 76 1.93 -9.55 -13.61
N ASN A 77 2.61 -8.41 -13.77
CA ASN A 77 2.65 -7.57 -14.99
C ASN A 77 1.34 -6.80 -15.28
N GLU A 78 0.44 -6.68 -14.30
CA GLU A 78 -0.83 -5.94 -14.39
C GLU A 78 -0.70 -4.44 -14.02
N VAL A 79 0.48 -4.02 -13.56
CA VAL A 79 0.90 -2.63 -13.34
C VAL A 79 2.34 -2.47 -13.86
N LYS A 80 2.65 -1.37 -14.55
CA LYS A 80 4.04 -1.01 -14.89
C LYS A 80 4.69 -0.26 -13.73
N SER A 81 5.85 -0.72 -13.25
CA SER A 81 6.56 -0.14 -12.10
C SER A 81 6.86 1.36 -12.26
N GLU A 82 7.10 1.82 -13.49
CA GLU A 82 7.41 3.22 -13.83
C GLU A 82 6.29 4.21 -13.46
N GLU A 83 5.06 3.72 -13.27
CA GLU A 83 3.90 4.51 -12.87
C GLU A 83 3.69 4.57 -11.35
N VAL A 84 4.33 3.68 -10.59
CA VAL A 84 4.03 3.45 -9.15
C VAL A 84 4.70 4.52 -8.26
N PRO A 85 3.94 5.24 -7.42
CA PRO A 85 4.47 6.27 -6.52
C PRO A 85 5.07 5.67 -5.23
N ALA A 86 5.80 6.51 -4.48
CA ALA A 86 6.41 6.18 -3.19
C ALA A 86 6.55 7.44 -2.31
N VAL A 87 6.84 7.25 -1.01
CA VAL A 87 7.02 8.31 -0.02
C VAL A 87 8.24 9.23 -0.27
N GLY A 88 9.16 8.83 -1.15
CA GLY A 88 10.39 9.54 -1.50
C GLY A 88 11.49 8.60 -2.01
N ILE A 89 12.57 9.18 -2.53
CA ILE A 89 13.76 8.47 -3.03
C ILE A 89 15.02 9.01 -2.32
N VAL A 90 15.69 8.16 -1.54
CA VAL A 90 16.85 8.48 -0.70
C VAL A 90 17.75 7.24 -0.54
N PRO A 91 19.08 7.41 -0.35
CA PRO A 91 20.00 6.31 -0.09
C PRO A 91 19.79 5.73 1.32
N PRO A 92 20.08 4.43 1.55
CA PRO A 92 19.93 3.79 2.85
C PRO A 92 21.02 4.25 3.84
N PRO A 93 20.73 4.30 5.15
CA PRO A 93 21.70 4.70 6.18
C PRO A 93 22.74 3.61 6.41
N SER A 94 24.00 4.02 6.62
CA SER A 94 25.15 3.11 6.86
C SER A 94 25.36 2.73 8.33
N GLY A 95 24.60 3.32 9.26
CA GLY A 95 24.68 3.08 10.70
C GLY A 95 25.81 3.85 11.40
N PRO A 96 26.06 3.60 12.70
CA PRO A 96 27.10 4.26 13.48
C PRO A 96 28.49 3.72 13.10
N SER A 97 29.50 4.60 13.14
CA SER A 97 30.86 4.32 12.67
C SER A 97 31.98 4.99 13.51
N SER A 98 31.63 5.59 14.66
CA SER A 98 32.54 6.36 15.53
C SER A 98 31.95 6.54 16.95
N GLY A 99 32.80 6.96 17.90
CA GLY A 99 32.44 7.17 19.31
C GLY A 99 33.59 7.76 20.15
#